data_1LUL
#
_entry.id   1LUL
#
_cell.length_a   101.390
_cell.length_b   130.950
_cell.length_c   138.230
_cell.angle_alpha   90.00
_cell.angle_beta   90.00
_cell.angle_gamma   90.00
#
_symmetry.space_group_name_H-M   'P 21 21 21'
#
loop_
_entity.id
_entity.type
_entity.pdbx_description
1 polymer 'LECTIN DB58'
2 non-polymer 'MANGANESE (II) ION'
3 non-polymer 'CALCIUM ION'
#
_entity_poly.entity_id   1
_entity_poly.type   'polypeptide(L)'
_entity_poly.pdbx_seq_one_letter_code
;ADIQSFSFKNFNSSSFILQGDATVSSSKLRLTKVKGNGLPTLSSLGRAFYSSPIQIYDKSTGAVASWATSFTANIFAPNK
SSSADGIAFALVPVGSEPKSNSGFLGVFDSDVYDNSAQTVAVEFDTFSNTDWDPTSRHIGIDVNSIKSIRTASWGLANGQ
NAEILITYNAATSLLVASLVHPSRRTSYIVSERVDITNELPEYVSIGFSATTGLSEGYTETHDVLSWSFASKLPDDSTTE
PLDIASYLVRNVL
;
_entity_poly.pdbx_strand_id   A,B,C,D,E,F
#
loop_
_chem_comp.id
_chem_comp.type
_chem_comp.name
_chem_comp.formula
CA non-polymer 'CALCIUM ION' 'Ca 2'
MN non-polymer 'MANGANESE (II) ION' 'Mn 2'
#
# COMPACT_ATOMS: atom_id res chain seq x y z
N ALA A 1 11.74 -4.00 2.67
CA ALA A 1 10.45 -4.07 3.42
C ALA A 1 10.74 -4.20 4.91
N ASP A 2 10.36 -3.19 5.67
CA ASP A 2 10.56 -3.21 7.11
C ASP A 2 9.27 -3.67 7.78
N ILE A 3 9.38 -4.65 8.65
CA ILE A 3 8.22 -5.18 9.36
C ILE A 3 8.37 -5.09 10.87
N GLN A 4 7.27 -4.80 11.54
CA GLN A 4 7.24 -4.69 12.98
C GLN A 4 5.94 -5.32 13.39
N SER A 5 6.01 -6.28 14.30
CA SER A 5 4.81 -6.92 14.79
C SER A 5 4.99 -7.43 16.22
N PHE A 6 3.85 -7.66 16.88
CA PHE A 6 3.87 -8.18 18.22
C PHE A 6 2.51 -8.72 18.61
N SER A 7 2.50 -9.53 19.67
CA SER A 7 1.28 -10.09 20.15
C SER A 7 1.37 -10.34 21.64
N PHE A 8 0.42 -9.80 22.39
CA PHE A 8 0.35 -9.96 23.83
C PHE A 8 -0.98 -10.56 24.21
N LYS A 9 -0.91 -11.55 25.09
CA LYS A 9 -2.11 -12.20 25.58
C LYS A 9 -2.17 -11.85 27.06
N ASN A 10 -1.00 -11.58 27.61
CA ASN A 10 -0.89 -11.27 29.02
C ASN A 10 -0.09 -10.02 29.22
N PHE A 11 -0.75 -8.93 29.51
CA PHE A 11 -0.04 -7.69 29.76
C PHE A 11 0.64 -7.85 31.12
N SER A 14 6.29 -4.57 30.74
CA SER A 14 6.91 -3.23 30.79
C SER A 14 7.14 -2.73 29.37
N SER A 15 6.44 -3.35 28.44
CA SER A 15 6.57 -2.96 27.04
C SER A 15 5.57 -1.85 26.74
N PHE A 16 4.97 -1.32 27.79
CA PHE A 16 3.99 -0.26 27.65
C PHE A 16 4.33 0.95 28.46
N ILE A 17 3.93 2.09 27.94
CA ILE A 17 4.14 3.35 28.60
C ILE A 17 2.76 3.74 29.09
N LEU A 18 2.63 3.90 30.38
CA LEU A 18 1.33 4.25 30.98
C LEU A 18 1.23 5.71 31.42
N GLN A 19 0.05 6.28 31.21
CA GLN A 19 -0.18 7.66 31.58
C GLN A 19 -1.51 7.74 32.31
N GLY A 20 -1.54 8.60 33.33
CA GLY A 20 -2.76 8.77 34.10
C GLY A 20 -3.13 7.56 34.92
N ASP A 21 -4.43 7.28 34.99
CA ASP A 21 -4.93 6.15 35.76
C ASP A 21 -4.65 4.80 35.12
N ALA A 22 -4.04 4.82 33.93
CA ALA A 22 -3.71 3.60 33.21
C ALA A 22 -2.93 2.64 34.13
N THR A 23 -3.36 1.39 34.17
CA THR A 23 -2.72 0.39 35.01
C THR A 23 -2.95 -1.02 34.53
N VAL A 24 -2.02 -1.91 34.87
CA VAL A 24 -2.16 -3.30 34.49
C VAL A 24 -2.17 -4.13 35.77
N SER A 25 -3.15 -5.04 35.86
CA SER A 25 -3.30 -5.90 37.00
C SER A 25 -4.16 -7.08 36.56
N SER A 26 -3.79 -8.27 37.02
CA SER A 26 -4.51 -9.48 36.65
C SER A 26 -4.11 -9.80 35.21
N SER A 27 -2.94 -9.33 34.81
CA SER A 27 -2.44 -9.57 33.47
C SER A 27 -3.45 -9.05 32.43
N LYS A 28 -4.00 -7.87 32.69
CA LYS A 28 -4.94 -7.22 31.78
C LYS A 28 -4.84 -5.71 31.95
N LEU A 29 -4.80 -5.00 30.84
CA LEU A 29 -4.67 -3.56 30.89
C LEU A 29 -5.98 -2.89 31.32
N ARG A 30 -5.95 -2.21 32.46
CA ARG A 30 -7.13 -1.52 32.96
C ARG A 30 -6.86 0.01 32.82
N LEU A 31 -7.44 0.62 31.79
CA LEU A 31 -7.28 2.05 31.47
C LEU A 31 -7.93 3.12 32.39
N THR A 32 -9.07 2.81 33.02
CA THR A 32 -9.69 3.78 33.92
C THR A 32 -9.68 3.23 35.34
N LYS A 33 -9.84 4.13 36.29
CA LYS A 33 -9.83 3.79 37.71
C LYS A 33 -10.92 2.84 38.16
N VAL A 34 -10.58 2.06 39.17
CA VAL A 34 -11.53 1.12 39.74
C VAL A 34 -11.31 1.08 41.25
N LYS A 35 -12.39 1.22 42.01
CA LYS A 35 -12.33 1.22 43.48
C LYS A 35 -11.98 -0.15 44.05
N GLY A 36 -11.86 -0.20 45.37
CA GLY A 36 -11.54 -1.45 46.02
C GLY A 36 -12.66 -2.44 45.74
N ASN A 37 -13.89 -1.94 45.83
CA ASN A 37 -15.08 -2.76 45.60
C ASN A 37 -15.13 -3.29 44.17
N GLY A 38 -14.33 -2.67 43.29
CA GLY A 38 -14.30 -3.09 41.90
C GLY A 38 -15.21 -2.31 40.97
N LEU A 39 -15.77 -1.21 41.46
CA LEU A 39 -16.66 -0.38 40.66
C LEU A 39 -15.84 0.73 39.96
N PRO A 40 -16.31 1.24 38.81
CA PRO A 40 -15.62 2.30 38.06
C PRO A 40 -15.34 3.56 38.89
N THR A 41 -15.01 4.65 38.22
CA THR A 41 -14.69 5.92 38.89
C THR A 41 -15.00 7.13 38.02
N LEU A 42 -15.63 8.15 38.60
CA LEU A 42 -15.96 9.36 37.85
C LEU A 42 -14.66 10.21 37.69
N SER A 43 -14.58 10.99 36.62
CA SER A 43 -13.43 11.83 36.32
C SER A 43 -12.10 11.08 36.22
N SER A 44 -12.07 10.03 35.39
CA SER A 44 -10.87 9.22 35.20
C SER A 44 -10.32 9.36 33.78
N LEU A 45 -9.03 9.06 33.62
CA LEU A 45 -8.36 9.13 32.32
C LEU A 45 -7.06 8.34 32.31
N GLY A 46 -6.91 7.45 31.35
CA GLY A 46 -5.70 6.65 31.24
C GLY A 46 -5.33 6.33 29.80
N ARG A 47 -4.04 6.33 29.52
CA ARG A 47 -3.56 6.03 28.17
C ARG A 47 -2.44 5.02 28.32
N ALA A 48 -2.32 4.14 27.34
CA ALA A 48 -1.27 3.12 27.38
C ALA A 48 -0.70 3.00 25.96
N PHE A 49 0.62 3.03 25.87
CA PHE A 49 1.31 2.95 24.59
C PHE A 49 2.48 2.00 24.49
N TYR A 50 2.63 1.41 23.32
CA TYR A 50 3.73 0.52 23.09
C TYR A 50 5.06 1.28 23.16
N SER A 51 6.01 0.73 23.91
CA SER A 51 7.35 1.27 24.13
C SER A 51 8.10 1.66 22.90
N SER A 52 8.09 0.82 21.89
CA SER A 52 8.80 1.14 20.67
C SER A 52 7.88 1.85 19.66
N PRO A 53 8.29 3.03 19.17
CA PRO A 53 7.58 3.86 18.20
C PRO A 53 7.60 3.19 16.84
N ILE A 54 6.53 3.37 16.08
CA ILE A 54 6.51 2.74 14.77
C ILE A 54 6.38 3.78 13.67
N GLN A 55 7.00 3.51 12.53
CA GLN A 55 7.03 4.40 11.37
C GLN A 55 5.89 4.15 10.40
N ILE A 56 5.04 5.16 10.22
CA ILE A 56 3.87 5.08 9.33
C ILE A 56 4.19 5.20 7.83
N TYR A 57 5.15 6.05 7.51
CA TYR A 57 5.54 6.27 6.14
C TYR A 57 6.94 6.85 6.07
N ASP A 58 7.46 6.99 4.86
CA ASP A 58 8.81 7.53 4.65
C ASP A 58 8.79 8.76 3.75
N LYS A 59 9.19 9.90 4.30
CA LYS A 59 9.20 11.16 3.55
C LYS A 59 9.98 11.05 2.24
N SER A 60 11.17 10.47 2.34
CA SER A 60 12.04 10.28 1.17
C SER A 60 11.44 9.33 0.13
N THR A 61 11.42 8.05 0.45
CA THR A 61 10.88 7.03 -0.45
C THR A 61 9.45 7.31 -0.93
N GLY A 62 8.65 7.95 -0.09
CA GLY A 62 7.27 8.24 -0.45
C GLY A 62 6.37 7.06 -0.14
N ALA A 63 6.99 5.95 0.22
CA ALA A 63 6.27 4.73 0.56
C ALA A 63 5.47 4.90 1.82
N VAL A 64 4.34 4.23 1.85
CA VAL A 64 3.48 4.27 3.02
C VAL A 64 3.09 2.85 3.45
N ALA A 65 3.29 2.61 4.74
CA ALA A 65 3.01 1.32 5.29
C ALA A 65 1.54 1.04 5.47
N SER A 66 1.20 -0.22 5.26
CA SER A 66 -0.15 -0.74 5.43
C SER A 66 0.05 -1.48 6.75
N TRP A 67 -0.94 -1.43 7.63
CA TRP A 67 -0.81 -2.10 8.92
C TRP A 67 -2.16 -2.61 9.41
N ALA A 68 -2.14 -3.36 10.51
CA ALA A 68 -3.37 -3.88 11.08
C ALA A 68 -3.18 -4.12 12.57
N THR A 69 -4.28 -4.06 13.31
CA THR A 69 -4.25 -4.30 14.76
C THR A 69 -5.57 -4.91 15.27
N SER A 70 -5.46 -5.79 16.24
CA SER A 70 -6.64 -6.41 16.81
C SER A 70 -6.46 -6.47 18.31
N PHE A 71 -7.57 -6.57 19.02
CA PHE A 71 -7.52 -6.67 20.47
C PHE A 71 -8.90 -6.91 21.03
N THR A 72 -8.95 -7.53 22.21
CA THR A 72 -10.22 -7.82 22.85
C THR A 72 -10.37 -6.93 24.04
N ALA A 73 -11.58 -6.44 24.28
CA ALA A 73 -11.84 -5.55 25.41
C ALA A 73 -13.21 -5.76 26.05
N ASN A 74 -13.32 -5.63 27.38
CA ASN A 74 -14.63 -5.74 28.07
C ASN A 74 -14.89 -4.38 28.70
N ILE A 75 -16.14 -3.94 28.59
CA ILE A 75 -16.54 -2.66 29.17
C ILE A 75 -17.80 -2.89 30.01
N PHE A 76 -17.71 -2.63 31.32
CA PHE A 76 -18.88 -2.81 32.19
C PHE A 76 -19.21 -1.46 32.77
N ALA A 77 -20.48 -1.10 32.64
CA ALA A 77 -20.96 0.16 33.17
C ALA A 77 -22.20 -0.14 33.93
N PRO A 78 -22.15 -0.05 35.27
CA PRO A 78 -23.37 -0.33 36.04
C PRO A 78 -24.31 0.78 35.56
N ASN A 79 -25.61 0.48 35.44
CA ASN A 79 -26.54 1.47 34.91
C ASN A 79 -26.03 1.70 33.47
N LYS A 80 -26.36 0.75 32.59
CA LYS A 80 -25.96 0.77 31.19
C LYS A 80 -26.21 2.15 30.62
N SER A 81 -27.35 2.71 30.97
CA SER A 81 -27.77 4.03 30.51
C SER A 81 -26.94 5.21 31.05
N SER A 82 -25.93 4.91 31.86
CA SER A 82 -25.08 5.95 32.43
C SER A 82 -23.64 5.63 32.07
N SER A 83 -23.47 5.11 30.86
CA SER A 83 -22.16 4.74 30.36
C SER A 83 -21.43 5.97 29.81
N ALA A 84 -20.13 6.05 30.09
CA ALA A 84 -19.30 7.17 29.62
C ALA A 84 -17.85 6.92 30.01
N ASP A 85 -16.90 7.42 29.23
CA ASP A 85 -17.21 8.19 28.03
C ASP A 85 -16.90 7.35 26.81
N GLY A 86 -16.13 6.29 27.03
CA GLY A 86 -15.74 5.40 25.95
C GLY A 86 -14.24 5.14 25.87
N ILE A 87 -13.82 4.43 24.82
CA ILE A 87 -12.41 4.13 24.65
C ILE A 87 -11.98 4.28 23.18
N ALA A 88 -10.70 4.61 22.97
CA ALA A 88 -10.22 4.79 21.61
C ALA A 88 -8.81 4.26 21.34
N PHE A 89 -8.61 3.81 20.10
CA PHE A 89 -7.31 3.32 19.70
C PHE A 89 -6.71 4.51 18.99
N ALA A 90 -5.46 4.85 19.28
CA ALA A 90 -4.88 6.01 18.64
C ALA A 90 -3.42 5.97 18.22
N LEU A 91 -3.12 6.90 17.32
CA LEU A 91 -1.79 7.09 16.79
C LEU A 91 -1.53 8.55 17.09
N VAL A 92 -0.59 8.79 17.99
CA VAL A 92 -0.25 10.13 18.41
C VAL A 92 1.25 10.37 18.28
N PRO A 93 1.65 11.66 18.24
CA PRO A 93 3.07 12.01 18.14
C PRO A 93 3.74 11.52 19.39
N VAL A 94 4.93 10.94 19.24
CA VAL A 94 5.70 10.34 20.33
C VAL A 94 5.62 10.85 21.77
N GLY A 95 6.20 12.03 22.03
CA GLY A 95 6.20 12.55 23.39
C GLY A 95 4.83 12.90 23.95
N SER A 96 3.83 12.92 23.07
CA SER A 96 2.44 13.26 23.40
C SER A 96 1.99 13.09 24.86
N GLU A 97 1.60 14.20 25.46
CA GLU A 97 1.09 14.22 26.83
C GLU A 97 -0.41 14.13 26.59
N PRO A 98 -1.14 13.59 27.56
CA PRO A 98 -2.61 13.49 27.39
C PRO A 98 -3.30 14.79 27.01
N LYS A 99 -4.48 14.68 26.39
CA LYS A 99 -5.29 15.83 25.98
C LYS A 99 -6.51 15.93 26.90
N SER A 100 -7.57 16.59 26.44
CA SER A 100 -8.79 16.80 27.22
C SER A 100 -9.52 15.52 27.68
N ASN A 101 -10.28 15.59 28.77
CA ASN A 101 -10.97 14.43 29.34
C ASN A 101 -12.46 14.10 29.03
N PHE A 104 -13.95 13.87 25.05
CA PHE A 104 -12.70 13.99 24.21
C PHE A 104 -11.75 12.81 24.32
N LEU A 105 -12.09 11.91 25.23
CA LEU A 105 -11.32 10.68 25.41
C LEU A 105 -9.79 10.83 25.60
N GLY A 106 -9.34 11.98 26.06
CA GLY A 106 -7.92 12.16 26.28
C GLY A 106 -6.99 12.18 25.07
N VAL A 107 -7.53 12.46 23.88
CA VAL A 107 -6.72 12.49 22.67
C VAL A 107 -6.93 13.72 21.80
N PHE A 108 -8.05 14.42 22.02
CA PHE A 108 -8.36 15.62 21.27
C PHE A 108 -8.73 16.74 22.23
N ASP A 109 -8.71 17.97 21.71
CA ASP A 109 -9.03 19.15 22.51
C ASP A 109 -10.32 19.85 22.07
N SER A 110 -10.69 19.73 20.79
CA SER A 110 -11.90 20.37 20.25
C SER A 110 -12.50 19.56 19.11
N ASP A 111 -13.71 19.93 18.70
CA ASP A 111 -14.39 19.23 17.61
C ASP A 111 -14.08 19.92 16.28
N VAL A 112 -13.05 20.76 16.31
CA VAL A 112 -12.62 21.48 15.12
C VAL A 112 -11.29 20.93 14.60
N TYR A 113 -11.24 20.66 13.29
CA TYR A 113 -10.03 20.12 12.67
C TYR A 113 -8.82 20.99 12.95
N ASP A 114 -7.79 20.35 13.49
CA ASP A 114 -6.56 21.04 13.84
C ASP A 114 -5.40 20.13 13.49
N ASN A 115 -4.85 20.31 12.29
CA ASN A 115 -3.74 19.49 11.81
C ASN A 115 -2.59 19.41 12.80
N SER A 116 -2.46 20.44 13.62
CA SER A 116 -1.39 20.50 14.63
C SER A 116 -1.50 19.38 15.67
N ALA A 117 -2.71 18.82 15.79
CA ALA A 117 -2.95 17.72 16.72
C ALA A 117 -2.16 16.49 16.26
N GLN A 118 -2.08 16.31 14.94
CA GLN A 118 -1.34 15.18 14.37
C GLN A 118 -1.78 13.90 15.09
N THR A 119 -3.10 13.72 15.19
CA THR A 119 -3.65 12.55 15.88
C THR A 119 -4.82 11.96 15.13
N VAL A 120 -4.80 10.64 15.03
CA VAL A 120 -5.88 9.93 14.36
C VAL A 120 -6.29 8.79 15.28
N ALA A 121 -7.59 8.59 15.43
CA ALA A 121 -8.06 7.54 16.32
C ALA A 121 -9.37 6.91 15.95
N VAL A 122 -9.58 5.71 16.46
CA VAL A 122 -10.82 5.00 16.24
C VAL A 122 -11.48 4.98 17.63
N GLU A 123 -12.63 5.65 17.71
CA GLU A 123 -13.36 5.78 18.96
C GLU A 123 -14.48 4.77 19.07
N PHE A 124 -14.80 4.44 20.31
CA PHE A 124 -15.88 3.52 20.64
C PHE A 124 -16.62 4.31 21.69
N ASP A 125 -17.33 5.33 21.20
CA ASP A 125 -18.12 6.27 22.00
C ASP A 125 -19.34 5.63 22.65
N THR A 126 -19.45 5.77 23.96
CA THR A 126 -20.58 5.20 24.71
C THR A 126 -21.54 6.25 25.26
N PHE A 127 -21.08 7.51 25.34
CA PHE A 127 -21.91 8.65 25.80
C PHE A 127 -21.99 9.61 24.63
N SER A 128 -23.22 9.97 24.27
CA SER A 128 -23.46 10.86 23.13
C SER A 128 -23.37 12.36 23.44
N ASN A 129 -22.23 12.96 23.13
CA ASN A 129 -22.05 14.39 23.35
C ASN A 129 -22.79 15.17 22.24
N THR A 130 -23.95 15.71 22.58
CA THR A 130 -24.77 16.48 21.65
C THR A 130 -23.98 17.49 20.84
N TRP A 132 -21.65 17.37 18.97
CA TRP A 132 -20.93 16.65 17.90
C TRP A 132 -21.22 15.15 17.65
N ASP A 133 -21.52 14.37 18.69
CA ASP A 133 -21.81 12.92 18.55
C ASP A 133 -23.22 12.61 18.01
N PRO A 134 -23.40 11.43 17.37
CA PRO A 134 -24.70 11.02 16.84
C PRO A 134 -25.52 10.49 18.02
N THR A 135 -26.82 10.40 17.85
CA THR A 135 -27.73 9.95 18.91
C THR A 135 -27.40 8.71 19.76
N SER A 136 -26.81 7.67 19.20
CA SER A 136 -26.52 6.48 20.03
C SER A 136 -25.04 6.04 20.02
N ARG A 137 -24.73 5.01 20.81
CA ARG A 137 -23.35 4.51 20.88
C ARG A 137 -22.88 4.20 19.48
N HIS A 138 -21.65 4.60 19.18
CA HIS A 138 -21.14 4.43 17.83
C HIS A 138 -19.67 4.11 17.79
N ILE A 139 -19.21 3.78 16.58
CA ILE A 139 -17.81 3.50 16.31
C ILE A 139 -17.47 4.64 15.34
N GLY A 140 -16.45 5.42 15.63
CA GLY A 140 -16.10 6.52 14.73
C GLY A 140 -14.64 6.59 14.32
N ILE A 141 -14.37 7.32 13.23
CA ILE A 141 -13.01 7.51 12.74
C ILE A 141 -12.71 8.98 12.93
N ASP A 142 -11.81 9.27 13.87
CA ASP A 142 -11.47 10.64 14.18
C ASP A 142 -10.14 11.09 13.58
N VAL A 143 -10.19 12.17 12.81
CA VAL A 143 -8.98 12.70 12.22
C VAL A 143 -8.79 14.13 12.65
N ASN A 144 -7.91 14.30 13.64
CA ASN A 144 -7.59 15.60 14.21
C ASN A 144 -8.79 16.39 14.74
N SER A 145 -9.75 15.69 15.34
CA SER A 145 -10.96 16.32 15.88
C SER A 145 -11.82 15.24 16.51
N ILE A 146 -12.50 15.56 17.62
CA ILE A 146 -13.39 14.61 18.30
C ILE A 146 -14.65 14.35 17.49
N LYS A 147 -14.79 15.08 16.37
CA LYS A 147 -15.91 14.93 15.46
C LYS A 147 -15.47 13.92 14.40
N SER A 148 -16.03 12.71 14.52
CA SER A 148 -15.69 11.61 13.61
C SER A 148 -16.03 11.99 12.19
N ILE A 149 -15.32 11.41 11.23
CA ILE A 149 -15.56 11.69 9.81
C ILE A 149 -16.44 10.62 9.16
N ARG A 150 -16.83 9.62 9.97
CA ARG A 150 -17.74 8.52 9.59
C ARG A 150 -18.02 7.75 10.88
N THR A 151 -19.26 7.36 11.09
CA THR A 151 -19.62 6.62 12.30
C THR A 151 -20.55 5.45 11.97
N ALA A 152 -20.76 4.59 12.96
CA ALA A 152 -21.60 3.41 12.79
C ALA A 152 -22.27 3.04 14.10
N SER A 153 -23.56 2.72 14.02
CA SER A 153 -24.31 2.35 15.21
C SER A 153 -23.67 1.12 15.83
N TRP A 154 -23.54 1.15 17.14
CA TRP A 154 -22.93 0.04 17.87
C TRP A 154 -23.75 -0.44 19.05
N GLY A 155 -24.18 -1.69 18.96
CA GLY A 155 -24.96 -2.29 20.04
C GLY A 155 -24.04 -2.77 21.14
N LEU A 156 -23.99 -1.98 22.21
CA LEU A 156 -23.13 -2.31 23.34
C LEU A 156 -23.59 -3.45 24.22
N ALA A 157 -22.73 -4.45 24.36
CA ALA A 157 -23.02 -5.59 25.22
C ALA A 157 -22.26 -5.38 26.53
N ASN A 158 -22.93 -4.70 27.45
CA ASN A 158 -22.40 -4.39 28.77
C ASN A 158 -21.78 -5.62 29.44
N GLY A 159 -20.55 -5.50 29.91
CA GLY A 159 -19.89 -6.62 30.59
C GLY A 159 -19.24 -7.64 29.68
N GLN A 160 -19.82 -7.84 28.51
CA GLN A 160 -19.32 -8.79 27.53
C GLN A 160 -18.11 -8.27 26.78
N ASN A 161 -17.38 -9.22 26.21
CA ASN A 161 -16.19 -8.88 25.47
C ASN A 161 -16.47 -8.42 24.07
N ALA A 162 -15.55 -7.62 23.57
CA ALA A 162 -15.60 -7.09 22.22
C ALA A 162 -14.28 -7.37 21.55
N GLU A 163 -14.36 -8.09 20.44
CA GLU A 163 -13.20 -8.44 19.66
C GLU A 163 -13.23 -7.43 18.52
N ILE A 164 -12.25 -6.53 18.48
CA ILE A 164 -12.19 -5.52 17.43
C ILE A 164 -10.97 -5.70 16.49
N LEU A 165 -11.11 -5.19 15.26
CA LEU A 165 -10.08 -5.27 14.26
C LEU A 165 -10.01 -4.05 13.36
N ILE A 166 -8.88 -3.37 13.43
CA ILE A 166 -8.65 -2.17 12.63
C ILE A 166 -7.56 -2.41 11.59
N THR A 167 -7.79 -1.95 10.35
CA THR A 167 -6.78 -2.13 9.29
C THR A 167 -6.68 -0.93 8.36
N TYR A 168 -5.46 -0.66 7.91
CA TYR A 168 -5.26 0.44 7.00
C TYR A 168 -4.53 0.00 5.74
N ASN A 169 -5.24 0.02 4.62
CA ASN A 169 -4.66 -0.36 3.33
C ASN A 169 -4.08 0.87 2.67
N ALA A 170 -2.76 0.91 2.60
CA ALA A 170 -2.06 2.05 2.01
C ALA A 170 -2.38 2.26 0.54
N ALA A 171 -2.70 1.16 -0.16
CA ALA A 171 -3.01 1.22 -1.59
C ALA A 171 -4.29 1.99 -1.88
N THR A 172 -5.28 1.77 -1.04
CA THR A 172 -6.55 2.41 -1.20
C THR A 172 -6.70 3.60 -0.23
N SER A 173 -5.77 3.71 0.71
CA SER A 173 -5.81 4.76 1.72
C SER A 173 -7.10 4.63 2.52
N LEU A 174 -7.63 3.40 2.53
CA LEU A 174 -8.86 3.11 3.24
C LEU A 174 -8.60 2.51 4.63
N LEU A 175 -9.28 3.09 5.63
CA LEU A 175 -9.17 2.62 6.99
C LEU A 175 -10.48 1.92 7.40
N VAL A 176 -10.38 0.69 7.92
CA VAL A 176 -11.57 -0.07 8.31
C VAL A 176 -11.54 -0.62 9.72
N ALA A 177 -12.70 -0.58 10.38
CA ALA A 177 -12.82 -1.06 11.76
C ALA A 177 -14.07 -1.88 12.01
N SER A 178 -13.98 -2.84 12.94
CA SER A 178 -15.10 -3.74 13.27
C SER A 178 -15.11 -4.31 14.71
N LEU A 179 -16.20 -4.10 15.45
CA LEU A 179 -16.30 -4.63 16.83
C LEU A 179 -17.19 -5.85 16.60
N VAL A 180 -17.00 -6.87 17.43
CA VAL A 180 -17.81 -8.08 17.34
C VAL A 180 -17.98 -8.67 18.74
N HIS A 181 -19.23 -8.88 19.12
CA HIS A 181 -19.56 -9.43 20.43
C HIS A 181 -19.96 -10.85 20.17
N PRO A 182 -19.09 -11.81 20.50
CA PRO A 182 -19.41 -13.22 20.26
C PRO A 182 -20.57 -13.69 21.15
N SER A 183 -20.62 -13.18 22.38
CA SER A 183 -21.68 -13.52 23.31
C SER A 183 -23.02 -13.39 22.61
N ARG A 184 -23.17 -12.37 21.78
CA ARG A 184 -24.42 -12.12 21.07
C ARG A 184 -24.33 -12.18 19.54
N ARG A 185 -23.28 -12.78 19.00
CA ARG A 185 -23.11 -12.88 17.56
C ARG A 185 -23.45 -11.59 16.79
N THR A 186 -23.08 -10.45 17.35
CA THR A 186 -23.32 -9.15 16.72
C THR A 186 -22.06 -8.64 16.01
N SER A 187 -22.21 -7.88 14.93
CA SER A 187 -21.05 -7.39 14.21
C SER A 187 -21.26 -5.98 13.63
N TYR A 188 -20.19 -5.19 13.56
CA TYR A 188 -20.24 -3.83 13.00
C TYR A 188 -18.94 -3.39 12.29
N ILE A 189 -19.06 -2.55 11.25
CA ILE A 189 -17.90 -2.03 10.50
C ILE A 189 -18.11 -0.56 10.14
N VAL A 190 -17.00 0.10 9.84
CA VAL A 190 -16.98 1.51 9.43
C VAL A 190 -15.78 1.61 8.51
N SER A 191 -15.94 2.31 7.39
CA SER A 191 -14.85 2.48 6.46
C SER A 191 -14.72 3.95 6.12
N GLU A 192 -13.52 4.33 5.71
CA GLU A 192 -13.27 5.72 5.37
C GLU A 192 -11.84 5.94 4.85
N ARG A 193 -11.73 6.68 3.74
CA ARG A 193 -10.43 7.00 3.16
C ARG A 193 -9.77 7.95 4.18
N VAL A 194 -8.45 7.89 4.29
CA VAL A 194 -7.73 8.77 5.21
C VAL A 194 -6.36 9.04 4.65
N ASP A 195 -6.05 10.29 4.36
CA ASP A 195 -4.73 10.63 3.83
C ASP A 195 -3.76 10.70 4.99
N ILE A 196 -3.33 9.53 5.42
CA ILE A 196 -2.43 9.41 6.54
C ILE A 196 -1.20 10.32 6.52
N THR A 197 -0.64 10.62 5.36
CA THR A 197 0.56 11.45 5.30
C THR A 197 0.33 12.88 5.74
N ASN A 198 -0.91 13.34 5.63
CA ASN A 198 -1.23 14.70 5.99
C ASN A 198 -1.73 14.85 7.39
N GLU A 199 -2.29 13.78 7.91
CA GLU A 199 -2.86 13.78 9.25
C GLU A 199 -1.90 13.42 10.39
N LEU A 200 -0.79 12.75 10.05
CA LEU A 200 0.15 12.31 11.08
C LEU A 200 1.62 12.42 10.70
N PRO A 201 2.52 12.27 11.70
CA PRO A 201 3.99 12.31 11.61
C PRO A 201 4.56 10.99 11.02
N GLU A 202 5.83 11.03 10.63
CA GLU A 202 6.50 9.86 10.06
C GLU A 202 6.52 8.75 11.08
N TYR A 203 6.73 9.14 12.34
CA TYR A 203 6.80 8.20 13.45
C TYR A 203 5.78 8.55 14.50
N VAL A 204 5.01 7.56 14.92
CA VAL A 204 3.98 7.79 15.92
C VAL A 204 4.03 6.74 17.01
N SER A 205 3.15 6.89 18.00
CA SER A 205 3.04 5.94 19.09
C SER A 205 1.63 5.36 19.05
N ILE A 206 1.52 4.04 19.15
CA ILE A 206 0.21 3.41 19.08
C ILE A 206 -0.22 2.98 20.46
N GLY A 207 -1.54 3.01 20.68
CA GLY A 207 -2.02 2.60 21.97
C GLY A 207 -3.48 2.90 22.19
N PHE A 208 -3.86 2.94 23.46
CA PHE A 208 -5.23 3.22 23.86
C PHE A 208 -5.33 4.40 24.81
N SER A 209 -6.55 4.91 24.90
CA SER A 209 -6.92 6.04 25.74
C SER A 209 -8.41 5.90 26.06
N ALA A 210 -8.75 6.06 27.33
CA ALA A 210 -10.14 5.95 27.76
C ALA A 210 -10.41 6.92 28.89
N THR A 211 -11.63 7.45 28.93
CA THR A 211 -12.04 8.39 29.96
C THR A 211 -13.41 8.01 30.53
N THR A 212 -13.79 8.71 31.59
CA THR A 212 -15.09 8.49 32.20
C THR A 212 -15.75 9.86 32.39
N GLY A 213 -17.02 9.85 32.73
CA GLY A 213 -17.75 11.08 32.92
C GLY A 213 -17.38 11.86 34.16
N LEU A 214 -17.99 13.04 34.29
CA LEU A 214 -17.74 13.94 35.41
C LEU A 214 -18.88 13.93 36.42
N SER A 215 -20.12 14.02 35.97
CA SER A 215 -21.27 14.04 36.88
C SER A 215 -21.78 12.66 37.37
N TYR A 218 -22.13 8.39 35.71
CA TYR A 218 -21.58 8.22 34.35
C TYR A 218 -20.14 7.70 34.25
N THR A 219 -20.00 6.39 34.33
CA THR A 219 -18.71 5.72 34.20
C THR A 219 -18.89 4.27 33.81
N GLU A 220 -17.76 3.66 33.49
CA GLU A 220 -17.70 2.29 33.07
C GLU A 220 -16.24 1.90 33.20
N THR A 221 -15.98 0.63 32.95
CA THR A 221 -14.63 0.13 33.02
C THR A 221 -14.08 0.07 31.61
N HIS A 222 -12.77 0.15 31.52
CA HIS A 222 -12.10 0.08 30.23
C HIS A 222 -10.93 -0.83 30.45
N ASP A 223 -11.11 -2.11 30.10
CA ASP A 223 -10.05 -3.11 30.24
C ASP A 223 -9.73 -3.79 28.92
N VAL A 224 -8.46 -3.70 28.50
CA VAL A 224 -8.01 -4.36 27.29
C VAL A 224 -7.51 -5.73 27.76
N LEU A 225 -7.90 -6.76 27.02
CA LEU A 225 -7.53 -8.12 27.36
C LEU A 225 -6.36 -8.72 26.59
N SER A 226 -6.27 -8.41 25.31
CA SER A 226 -5.21 -8.92 24.46
C SER A 226 -4.98 -7.88 23.36
N TRP A 227 -3.75 -7.83 22.85
CA TRP A 227 -3.40 -6.86 21.82
C TRP A 227 -2.38 -7.38 20.82
N SER A 228 -2.69 -7.22 19.54
CA SER A 228 -1.79 -7.69 18.49
C SER A 228 -1.62 -6.61 17.46
N PHE A 229 -0.41 -6.52 16.90
CA PHE A 229 -0.13 -5.50 15.90
C PHE A 229 0.92 -5.87 14.85
N ALA A 230 0.77 -5.30 13.65
CA ALA A 230 1.70 -5.54 12.54
C ALA A 230 1.65 -4.44 11.50
N SER A 231 2.83 -4.01 11.07
CA SER A 231 2.99 -2.96 10.08
C SER A 231 4.00 -3.44 9.03
N LYS A 232 3.82 -3.03 7.79
CA LYS A 232 4.72 -3.42 6.71
C LYS A 232 5.03 -2.22 5.82
N LEU A 233 6.24 -1.69 5.94
CA LEU A 233 6.64 -0.55 5.14
C LEU A 233 7.55 -0.97 3.97
N PRO A 234 7.18 -0.55 2.76
CA PRO A 234 7.94 -0.88 1.55
C PRO A 234 9.11 0.10 1.28
N ASP A 235 9.82 -0.10 0.16
CA ASP A 235 10.95 0.75 -0.23
C ASP A 235 10.57 1.68 -1.38
N ALA B 1 0.97 -27.83 17.42
CA ALA B 1 0.16 -26.87 16.61
C ALA B 1 0.51 -27.05 15.14
N ASP B 2 -0.47 -27.50 14.36
CA ASP B 2 -0.28 -27.70 12.94
C ASP B 2 -0.82 -26.47 12.21
N ILE B 3 0.01 -25.91 11.33
CA ILE B 3 -0.38 -24.72 10.56
C ILE B 3 -0.29 -24.96 9.06
N GLN B 4 -1.23 -24.37 8.35
CA GLN B 4 -1.29 -24.49 6.90
C GLN B 4 -1.71 -23.14 6.41
N SER B 5 -0.94 -22.57 5.50
CA SER B 5 -1.28 -21.28 4.95
C SER B 5 -0.75 -21.11 3.54
N PHE B 6 -1.32 -20.16 2.82
CA PHE B 6 -0.90 -19.87 1.47
C PHE B 6 -1.41 -18.52 1.03
N SER B 7 -0.81 -18.01 -0.04
CA SER B 7 -1.21 -16.74 -0.59
C SER B 7 -0.92 -16.69 -2.08
N PHE B 8 -1.95 -16.41 -2.87
CA PHE B 8 -1.84 -16.30 -4.30
C PHE B 8 -2.28 -14.94 -4.77
N LYS B 9 -1.49 -14.34 -5.64
CA LYS B 9 -1.83 -13.05 -6.20
C LYS B 9 -2.06 -13.31 -7.66
N ASN B 10 -1.45 -14.37 -8.17
CA ASN B 10 -1.57 -14.72 -9.57
C ASN B 10 -1.92 -16.16 -9.71
N PHE B 11 -3.16 -16.43 -10.02
CA PHE B 11 -3.56 -17.81 -10.24
C PHE B 11 -2.95 -18.26 -11.56
N SER B 14 -1.50 -24.60 -10.89
CA SER B 14 -2.04 -25.97 -10.89
C SER B 14 -2.29 -26.42 -9.46
N SER B 15 -2.34 -25.45 -8.57
CA SER B 15 -2.58 -25.75 -7.16
C SER B 15 -4.10 -25.78 -6.91
N PHE B 16 -4.86 -25.73 -8.00
CA PHE B 16 -6.30 -25.74 -7.89
C PHE B 16 -6.93 -26.85 -8.68
N ILE B 17 -8.04 -27.32 -8.17
CA ILE B 17 -8.80 -28.36 -8.82
C ILE B 17 -10.01 -27.64 -9.36
N LEU B 18 -10.19 -27.71 -10.68
CA LEU B 18 -11.31 -27.04 -11.32
C LEU B 18 -12.43 -27.96 -11.76
N GLN B 19 -13.66 -27.50 -11.60
CA GLN B 19 -14.81 -28.27 -11.97
C GLN B 19 -15.75 -27.40 -12.77
N GLY B 20 -16.37 -27.99 -13.79
CA GLY B 20 -17.30 -27.26 -14.62
C GLY B 20 -16.65 -26.19 -15.46
N ASP B 21 -17.33 -25.06 -15.61
CA ASP B 21 -16.83 -23.95 -16.41
C ASP B 21 -15.66 -23.21 -15.75
N ALA B 22 -15.30 -23.63 -14.53
CA ALA B 22 -14.20 -23.00 -13.80
C ALA B 22 -12.95 -22.95 -14.69
N THR B 23 -12.32 -21.78 -14.75
CA THR B 23 -11.15 -21.61 -15.58
C THR B 23 -10.27 -20.45 -15.11
N VAL B 24 -8.99 -20.52 -15.41
CA VAL B 24 -8.07 -19.46 -15.05
C VAL B 24 -7.44 -18.92 -16.33
N SER B 25 -7.44 -17.61 -16.47
CA SER B 25 -6.88 -16.96 -17.62
C SER B 25 -6.62 -15.50 -17.23
N SER B 26 -5.50 -14.97 -17.69
CA SER B 26 -5.11 -13.61 -17.36
C SER B 26 -4.64 -13.62 -15.90
N SER B 27 -4.20 -14.79 -15.44
CA SER B 27 -3.73 -14.92 -14.07
C SER B 27 -4.83 -14.50 -13.09
N LYS B 28 -6.06 -14.93 -13.37
CA LYS B 28 -7.20 -14.64 -12.50
C LYS B 28 -8.22 -15.75 -12.65
N LEU B 29 -8.75 -16.23 -11.54
CA LEU B 29 -9.72 -17.30 -11.57
C LEU B 29 -11.08 -16.83 -12.07
N ARG B 30 -11.52 -17.36 -13.20
CA ARG B 30 -12.82 -17.01 -13.76
C ARG B 30 -13.76 -18.24 -13.60
N LEU B 31 -14.63 -18.19 -12.59
CA LEU B 31 -15.57 -19.27 -12.26
C LEU B 31 -16.78 -19.56 -13.20
N THR B 32 -17.30 -18.55 -13.90
CA THR B 32 -18.41 -18.78 -14.83
C THR B 32 -17.96 -18.48 -16.23
N LYS B 33 -18.68 -19.02 -17.20
CA LYS B 33 -18.39 -18.86 -18.60
C LYS B 33 -18.42 -17.43 -19.11
N VAL B 34 -17.60 -17.17 -20.11
CA VAL B 34 -17.54 -15.87 -20.74
C VAL B 34 -17.32 -16.07 -22.23
N LYS B 35 -18.14 -15.41 -23.05
CA LYS B 35 -18.06 -15.50 -24.50
C LYS B 35 -16.80 -14.84 -25.06
N GLY B 36 -16.64 -14.95 -26.38
CA GLY B 36 -15.49 -14.35 -27.02
C GLY B 36 -15.55 -12.85 -26.80
N ASN B 37 -16.75 -12.30 -26.95
CA ASN B 37 -16.96 -10.86 -26.78
C ASN B 37 -16.65 -10.40 -25.36
N GLY B 38 -16.59 -11.36 -24.44
CA GLY B 38 -16.30 -11.05 -23.05
C GLY B 38 -17.52 -10.88 -22.16
N LEU B 39 -18.70 -11.26 -22.67
CA LEU B 39 -19.93 -11.14 -21.90
C LEU B 39 -20.20 -12.47 -21.17
N PRO B 40 -20.93 -12.43 -20.05
CA PRO B 40 -21.24 -13.64 -19.27
C PRO B 40 -21.96 -14.72 -20.07
N THR B 41 -22.55 -15.68 -19.37
CA THR B 41 -23.23 -16.81 -20.01
C THR B 41 -24.35 -17.38 -19.16
N LEU B 42 -25.51 -17.65 -19.77
CA LEU B 42 -26.64 -18.21 -19.02
C LEU B 42 -26.38 -19.71 -18.79
N SER B 43 -26.93 -20.26 -17.72
CA SER B 43 -26.76 -21.68 -17.36
C SER B 43 -25.31 -22.12 -17.19
N SER B 44 -24.55 -21.39 -16.37
CA SER B 44 -23.14 -21.71 -16.13
C SER B 44 -22.91 -22.14 -14.68
N LEU B 45 -21.83 -22.86 -14.45
CA LEU B 45 -21.46 -23.35 -13.13
C LEU B 45 -19.98 -23.77 -13.05
N GLY B 46 -19.26 -23.22 -12.08
CA GLY B 46 -17.85 -23.55 -11.92
C GLY B 46 -17.42 -23.55 -10.46
N ARG B 47 -16.55 -24.48 -10.12
CA ARG B 47 -16.03 -24.58 -8.75
C ARG B 47 -14.52 -24.71 -8.85
N ALA B 48 -13.82 -24.15 -7.88
CA ALA B 48 -12.37 -24.20 -7.86
C ALA B 48 -11.94 -24.48 -6.43
N PHE B 49 -11.06 -25.47 -6.27
CA PHE B 49 -10.57 -25.86 -4.96
C PHE B 49 -9.08 -26.06 -4.80
N TYR B 50 -8.58 -25.72 -3.62
CA TYR B 50 -7.18 -25.90 -3.34
C TYR B 50 -6.82 -27.40 -3.34
N SER B 51 -5.75 -27.74 -4.04
CA SER B 51 -5.22 -29.09 -4.20
C SER B 51 -5.04 -29.87 -2.93
N SER B 52 -4.46 -29.24 -1.93
CA SER B 52 -4.25 -29.93 -0.67
C SER B 52 -5.42 -29.70 0.28
N PRO B 53 -6.01 -30.80 0.80
CA PRO B 53 -7.14 -30.80 1.75
C PRO B 53 -6.69 -30.30 3.10
N ILE B 54 -7.56 -29.62 3.82
CA ILE B 54 -7.15 -29.12 5.11
C ILE B 54 -8.05 -29.69 6.22
N GLN B 55 -7.45 -29.91 7.38
CA GLN B 55 -8.13 -30.49 8.54
C GLN B 55 -8.75 -29.45 9.46
N ILE B 56 -10.07 -29.52 9.61
CA ILE B 56 -10.83 -28.59 10.43
C ILE B 56 -10.76 -28.82 11.94
N TYR B 57 -10.73 -30.09 12.30
CA TYR B 57 -10.66 -30.48 13.71
C TYR B 57 -10.12 -31.90 13.84
N ASP B 58 -9.91 -32.33 15.09
CA ASP B 58 -9.39 -33.66 15.36
C ASP B 58 -10.33 -34.46 16.26
N LYS B 59 -10.88 -35.54 15.74
CA LYS B 59 -11.81 -36.38 16.50
C LYS B 59 -11.23 -36.83 17.84
N SER B 60 -9.98 -37.30 17.81
CA SER B 60 -9.29 -37.76 19.01
C SER B 60 -9.05 -36.64 20.01
N THR B 61 -8.11 -35.76 19.69
CA THR B 61 -7.76 -34.63 20.56
C THR B 61 -8.95 -33.75 20.97
N GLY B 62 -9.95 -33.65 20.09
CA GLY B 62 -11.11 -32.82 20.39
C GLY B 62 -10.86 -31.37 20.02
N ALA B 63 -9.61 -31.08 19.68
CA ALA B 63 -9.19 -29.74 19.31
C ALA B 63 -9.83 -29.32 18.01
N VAL B 64 -10.13 -28.04 17.92
CA VAL B 64 -10.70 -27.49 16.71
C VAL B 64 -9.93 -26.26 16.25
N ALA B 65 -9.57 -26.29 14.97
CA ALA B 65 -8.80 -25.21 14.40
C ALA B 65 -9.61 -23.96 14.15
N SER B 66 -8.92 -22.84 14.34
CA SER B 66 -9.45 -21.51 14.10
C SER B 66 -8.73 -21.20 12.79
N TRP B 67 -9.42 -20.56 11.86
CA TRP B 67 -8.81 -20.25 10.57
C TRP B 67 -9.35 -18.93 10.01
N ALA B 68 -8.75 -18.47 8.89
CA ALA B 68 -9.20 -17.24 8.26
C ALA B 68 -8.84 -17.28 6.80
N THR B 69 -9.61 -16.55 6.00
CA THR B 69 -9.38 -16.47 4.56
C THR B 69 -9.83 -15.12 3.97
N SER B 70 -9.08 -14.63 3.00
CA SER B 70 -9.41 -13.36 2.37
C SER B 70 -9.20 -13.51 0.88
N PHE B 71 -9.86 -12.66 0.12
CA PHE B 71 -9.71 -12.69 -1.33
C PHE B 71 -10.45 -11.55 -1.95
N THR B 72 -10.00 -11.14 -3.15
CA THR B 72 -10.64 -10.03 -3.84
C THR B 72 -11.35 -10.57 -5.04
N ALA B 73 -12.54 -10.04 -5.33
CA ALA B 73 -13.33 -10.50 -6.47
C ALA B 73 -14.09 -9.40 -7.17
N ASN B 74 -14.23 -9.45 -8.51
CA ASN B 74 -15.01 -8.44 -9.28
C ASN B 74 -16.17 -9.22 -9.90
N ILE B 75 -17.34 -8.60 -9.85
CA ILE B 75 -18.53 -9.21 -10.44
C ILE B 75 -19.19 -8.16 -11.35
N PHE B 76 -19.28 -8.46 -12.65
CA PHE B 76 -19.93 -7.52 -13.59
C PHE B 76 -21.12 -8.22 -14.17
N ALA B 77 -22.25 -7.55 -14.11
CA ALA B 77 -23.49 -8.09 -14.65
C ALA B 77 -24.10 -6.99 -15.47
N PRO B 78 -24.08 -7.15 -16.81
CA PRO B 78 -24.69 -6.09 -17.63
C PRO B 78 -26.16 -6.15 -17.19
N ASN B 79 -26.83 -5.00 -17.15
CA ASN B 79 -28.21 -4.98 -16.65
C ASN B 79 -28.08 -5.45 -15.19
N LYS B 80 -27.63 -4.53 -14.33
CA LYS B 80 -27.41 -4.78 -12.91
C LYS B 80 -28.60 -5.51 -12.35
N SER B 81 -29.79 -5.09 -12.75
CA SER B 81 -31.04 -5.66 -12.31
C SER B 81 -31.31 -7.08 -12.80
N SER B 82 -30.39 -7.66 -13.56
CA SER B 82 -30.55 -9.01 -14.08
C SER B 82 -29.34 -9.82 -13.65
N SER B 83 -28.89 -9.55 -12.44
CA SER B 83 -27.73 -10.23 -11.88
C SER B 83 -28.15 -11.57 -11.28
N ALA B 84 -27.32 -12.59 -11.49
CA ALA B 84 -27.57 -13.93 -10.98
C ALA B 84 -26.38 -14.84 -11.30
N ASP B 85 -26.13 -15.85 -10.47
CA ASP B 85 -26.94 -16.11 -9.28
C ASP B 85 -26.14 -15.70 -8.04
N GLY B 86 -24.84 -15.54 -8.23
CA GLY B 86 -23.97 -15.17 -7.14
C GLY B 86 -22.76 -16.09 -6.99
N ILE B 87 -21.99 -15.88 -5.93
CA ILE B 87 -20.80 -16.67 -5.69
C ILE B 87 -20.66 -17.05 -4.20
N ALA B 88 -20.03 -18.18 -3.94
CA ALA B 88 -19.87 -18.61 -2.55
C ALA B 88 -18.53 -19.27 -2.20
N PHE B 89 -18.10 -19.05 -0.96
CA PHE B 89 -16.87 -19.64 -0.49
C PHE B 89 -17.35 -20.87 0.25
N ALA B 90 -16.74 -22.02 0.02
CA ALA B 90 -17.20 -23.22 0.70
C ALA B 90 -16.21 -24.23 1.18
N LEU B 91 -16.70 -25.05 2.10
CA LEU B 91 -15.96 -26.13 2.71
C LEU B 91 -16.83 -27.33 2.43
N VAL B 92 -16.33 -28.21 1.57
CA VAL B 92 -17.06 -29.39 1.19
C VAL B 92 -16.23 -30.65 1.39
N PRO B 93 -16.89 -31.82 1.45
CA PRO B 93 -16.18 -33.09 1.64
C PRO B 93 -15.31 -33.29 0.40
N VAL B 94 -14.08 -33.74 0.62
CA VAL B 94 -13.10 -33.95 -0.43
C VAL B 94 -13.48 -34.31 -1.87
N GLY B 95 -13.93 -35.54 -2.10
CA GLY B 95 -14.26 -35.94 -3.46
C GLY B 95 -15.44 -35.21 -4.09
N SER B 96 -16.17 -34.45 -3.26
CA SER B 96 -17.35 -33.69 -3.65
C SER B 96 -17.49 -33.31 -5.13
N GLU B 97 -18.56 -33.80 -5.74
CA GLU B 97 -18.87 -33.50 -7.13
C GLU B 97 -19.84 -32.35 -6.98
N PRO B 98 -19.93 -31.47 -7.98
CA PRO B 98 -20.84 -30.33 -7.89
C PRO B 98 -22.29 -30.70 -7.53
N LYS B 99 -23.01 -29.74 -6.98
CA LYS B 99 -24.42 -29.93 -6.61
C LYS B 99 -25.31 -29.14 -7.58
N SER B 100 -26.53 -28.81 -7.17
CA SER B 100 -27.49 -28.08 -8.01
C SER B 100 -27.04 -26.70 -8.52
N ASN B 101 -27.58 -26.24 -9.65
CA ASN B 101 -27.19 -24.95 -10.26
C ASN B 101 -27.98 -23.64 -10.02
N PHE B 104 -28.95 -22.22 -6.10
CA PHE B 104 -28.21 -23.19 -5.21
C PHE B 104 -26.69 -23.09 -5.28
N LEU B 105 -26.24 -22.25 -6.21
CA LEU B 105 -24.82 -21.99 -6.36
C LEU B 105 -23.87 -23.20 -6.47
N GLY B 106 -24.38 -24.34 -6.91
CA GLY B 106 -23.55 -25.52 -7.05
C GLY B 106 -22.97 -26.16 -5.79
N VAL B 107 -23.58 -25.90 -4.63
CA VAL B 107 -23.07 -26.46 -3.39
C VAL B 107 -24.14 -27.12 -2.52
N PHE B 108 -25.41 -26.79 -2.78
CA PHE B 108 -26.52 -27.36 -2.05
C PHE B 108 -27.56 -27.89 -3.01
N ASP B 109 -28.46 -28.73 -2.50
CA ASP B 109 -29.51 -29.33 -3.31
C ASP B 109 -30.93 -28.86 -2.92
N SER B 110 -31.12 -28.45 -1.66
CA SER B 110 -32.43 -27.98 -1.18
C SER B 110 -32.28 -26.94 -0.08
N ASP B 111 -33.39 -26.31 0.27
CA ASP B 111 -33.39 -25.28 1.32
C ASP B 111 -33.72 -25.93 2.67
N VAL B 112 -33.61 -27.25 2.70
CA VAL B 112 -33.88 -28.01 3.91
C VAL B 112 -32.60 -28.57 4.50
N TYR B 113 -32.40 -28.39 5.80
CA TYR B 113 -31.21 -28.87 6.48
C TYR B 113 -31.00 -30.36 6.26
N ASP B 114 -29.82 -30.69 5.77
CA ASP B 114 -29.47 -32.07 5.49
C ASP B 114 -28.02 -32.29 5.89
N ASN B 115 -27.82 -32.75 7.12
CA ASN B 115 -26.48 -32.98 7.64
C ASN B 115 -25.60 -33.81 6.72
N SER B 116 -26.24 -34.64 5.91
CA SER B 116 -25.53 -35.50 4.95
C SER B 116 -24.75 -34.70 3.91
N ALA B 117 -25.15 -33.43 3.73
CA ALA B 117 -24.50 -32.55 2.78
C ALA B 117 -23.07 -32.27 3.27
N GLN B 118 -22.92 -32.15 4.60
CA GLN B 118 -21.61 -31.88 5.19
C GLN B 118 -20.96 -30.72 4.45
N THR B 119 -21.72 -29.65 4.28
CA THR B 119 -21.24 -28.47 3.55
C THR B 119 -21.62 -27.19 4.25
N VAL B 120 -20.65 -26.29 4.34
CA VAL B 120 -20.89 -25.00 4.95
C VAL B 120 -20.31 -23.95 4.01
N ALA B 121 -21.05 -22.87 3.78
CA ALA B 121 -20.57 -21.85 2.87
C ALA B 121 -21.02 -20.45 3.18
N VAL B 122 -20.28 -19.50 2.65
CA VAL B 122 -20.61 -18.09 2.79
C VAL B 122 -21.00 -17.66 1.38
N GLU B 123 -22.27 -17.28 1.24
CA GLU B 123 -22.83 -16.88 -0.05
C GLU B 123 -22.86 -15.39 -0.22
N PHE B 124 -22.79 -14.99 -1.48
CA PHE B 124 -22.85 -13.58 -1.87
C PHE B 124 -23.90 -13.62 -2.95
N ASP B 125 -25.15 -13.78 -2.49
CA ASP B 125 -26.34 -13.88 -3.31
C ASP B 125 -26.68 -12.58 -4.02
N THR B 126 -26.84 -12.64 -5.35
CA THR B 126 -27.16 -11.46 -6.15
C THR B 126 -28.57 -11.50 -6.74
N PHE B 127 -29.18 -12.70 -6.78
CA PHE B 127 -30.56 -12.90 -7.28
C PHE B 127 -31.35 -13.46 -6.13
N SER B 128 -32.45 -12.80 -5.81
CA SER B 128 -33.31 -13.18 -4.69
C SER B 128 -34.33 -14.28 -4.98
N ASN B 129 -34.00 -15.51 -4.61
CA ASN B 129 -34.92 -16.62 -4.81
C ASN B 129 -36.02 -16.58 -3.75
N THR B 130 -37.20 -16.12 -4.14
CA THR B 130 -38.35 -15.99 -3.25
C THR B 130 -38.57 -17.24 -2.40
N TRP B 132 -36.93 -18.78 -0.41
CA TRP B 132 -35.96 -18.77 0.68
C TRP B 132 -35.07 -17.52 0.93
N ASP B 133 -34.68 -16.80 -0.13
CA ASP B 133 -33.82 -15.60 -0.01
C ASP B 133 -34.57 -14.34 0.44
N PRO B 134 -33.87 -13.38 1.07
CA PRO B 134 -34.46 -12.12 1.53
C PRO B 134 -34.59 -11.21 0.31
N THR B 135 -35.42 -10.19 0.42
CA THR B 135 -35.69 -9.27 -0.69
C THR B 135 -34.53 -8.70 -1.53
N SER B 136 -33.38 -8.40 -0.94
CA SER B 136 -32.30 -7.83 -1.76
C SER B 136 -30.98 -8.61 -1.69
N ARG B 137 -29.98 -8.16 -2.46
CA ARG B 137 -28.67 -8.82 -2.48
C ARG B 137 -28.16 -8.90 -1.05
N HIS B 138 -27.63 -10.05 -0.68
CA HIS B 138 -27.19 -10.25 0.68
C HIS B 138 -25.95 -11.11 0.79
N ILE B 139 -25.44 -11.17 2.02
CA ILE B 139 -24.29 -12.00 2.37
C ILE B 139 -24.91 -12.97 3.36
N GLY B 140 -24.77 -14.26 3.13
CA GLY B 140 -25.37 -15.22 4.05
C GLY B 140 -24.45 -16.32 4.52
N ILE B 141 -24.82 -16.97 5.63
CA ILE B 141 -24.04 -18.08 6.19
C ILE B 141 -24.91 -19.31 6.03
N ASP B 142 -24.48 -20.20 5.14
CA ASP B 142 -25.23 -21.41 4.85
C ASP B 142 -24.67 -22.66 5.51
N VAL B 143 -25.52 -23.32 6.28
CA VAL B 143 -25.08 -24.55 6.95
C VAL B 143 -25.98 -25.68 6.53
N ASN B 144 -25.48 -26.47 5.59
CA ASN B 144 -26.19 -27.62 5.04
C ASN B 144 -27.58 -27.31 4.45
N SER B 145 -27.70 -26.14 3.81
CA SER B 145 -28.97 -25.73 3.21
C SER B 145 -28.75 -24.37 2.52
N ILE B 146 -29.42 -24.15 1.39
CA ILE B 146 -29.30 -22.88 0.66
C ILE B 146 -30.02 -21.74 1.41
N LYS B 147 -30.67 -22.11 2.51
CA LYS B 147 -31.35 -21.16 3.37
C LYS B 147 -30.34 -20.74 4.44
N SER B 148 -29.84 -19.51 4.29
CA SER B 148 -28.83 -18.96 5.21
C SER B 148 -29.39 -18.91 6.62
N ILE B 149 -28.50 -19.00 7.61
CA ILE B 149 -28.92 -18.95 9.02
C ILE B 149 -28.76 -17.56 9.61
N ARG B 150 -28.27 -16.63 8.79
CA ARG B 150 -28.10 -15.19 9.12
C ARG B 150 -27.70 -14.52 7.80
N THR B 151 -28.25 -13.35 7.52
CA THR B 151 -27.92 -12.64 6.29
C THR B 151 -27.71 -11.15 6.57
N ALA B 152 -27.19 -10.44 5.57
CA ALA B 152 -26.92 -9.02 5.69
C ALA B 152 -27.07 -8.34 4.35
N SER B 153 -27.72 -7.18 4.36
CA SER B 153 -27.93 -6.41 3.13
C SER B 153 -26.57 -6.06 2.55
N TRP B 154 -26.45 -6.22 1.24
CA TRP B 154 -25.21 -5.95 0.54
C TRP B 154 -25.39 -5.07 -0.69
N GLY B 155 -24.77 -3.90 -0.63
CA GLY B 155 -24.83 -2.97 -1.74
C GLY B 155 -23.83 -3.36 -2.81
N LEU B 156 -24.33 -3.97 -3.87
CA LEU B 156 -23.47 -4.42 -4.94
C LEU B 156 -22.92 -3.34 -5.86
N ALA B 157 -21.59 -3.29 -5.96
CA ALA B 157 -20.93 -2.33 -6.84
C ALA B 157 -20.55 -3.07 -8.10
N ASN B 158 -21.47 -3.09 -9.05
CA ASN B 158 -21.29 -3.74 -10.34
C ASN B 158 -19.95 -3.38 -10.99
N GLY B 159 -19.18 -4.38 -11.41
CA GLY B 159 -17.90 -4.12 -12.05
C GLY B 159 -16.74 -3.86 -11.12
N GLN B 160 -17.03 -3.25 -9.97
CA GLN B 160 -16.02 -2.93 -8.98
C GLN B 160 -15.58 -4.13 -8.16
N ASN B 161 -14.41 -3.99 -7.56
CA ASN B 161 -13.86 -5.05 -6.76
C ASN B 161 -14.42 -5.10 -5.38
N ALA B 162 -14.41 -6.32 -4.83
CA ALA B 162 -14.87 -6.58 -3.48
C ALA B 162 -13.78 -7.33 -2.75
N GLU B 163 -13.35 -6.73 -1.64
CA GLU B 163 -12.32 -7.31 -0.81
C GLU B 163 -13.11 -7.93 0.34
N ILE B 164 -13.10 -9.26 0.42
CA ILE B 164 -13.83 -9.96 1.48
C ILE B 164 -12.89 -10.69 2.48
N LEU B 165 -13.40 -10.88 3.69
CA LEU B 165 -12.66 -11.54 4.76
C LEU B 165 -13.54 -12.38 5.66
N ILE B 166 -13.27 -13.68 5.66
CA ILE B 166 -14.01 -14.63 6.48
C ILE B 166 -13.11 -15.23 7.56
N THR B 167 -13.65 -15.32 8.78
CA THR B 167 -12.86 -15.89 9.90
C THR B 167 -13.70 -16.74 10.83
N TYR B 168 -13.08 -17.80 11.34
CA TYR B 168 -13.77 -18.66 12.27
C TYR B 168 -12.99 -18.85 13.57
N ASN B 169 -13.51 -18.29 14.65
CA ASN B 169 -12.88 -18.40 15.96
C ASN B 169 -13.40 -19.65 16.66
N ALA B 170 -12.52 -20.63 16.79
CA ALA B 170 -12.90 -21.90 17.42
C ALA B 170 -13.30 -21.74 18.89
N ALA B 171 -12.75 -20.72 19.56
CA ALA B 171 -13.05 -20.49 20.98
C ALA B 171 -14.48 -20.07 21.21
N THR B 172 -14.97 -19.24 20.31
CA THR B 172 -16.33 -18.74 20.41
C THR B 172 -17.26 -19.49 19.45
N SER B 173 -16.69 -20.27 18.55
CA SER B 173 -17.45 -21.01 17.54
C SER B 173 -18.20 -20.01 16.67
N LEU B 174 -17.67 -18.79 16.63
CA LEU B 174 -18.27 -17.71 15.86
C LEU B 174 -17.64 -17.55 14.49
N LEU B 175 -18.49 -17.49 13.47
CA LEU B 175 -18.03 -17.31 12.10
C LEU B 175 -18.40 -15.88 11.62
N VAL B 176 -17.42 -15.14 11.10
CA VAL B 176 -17.67 -13.77 10.65
C VAL B 176 -17.20 -13.48 9.24
N ALA B 177 -18.01 -12.68 8.52
CA ALA B 177 -17.70 -12.33 7.13
C ALA B 177 -17.94 -10.86 6.83
N SER B 178 -17.14 -10.30 5.90
CA SER B 178 -17.24 -8.88 5.50
C SER B 178 -16.79 -8.54 4.06
N LEU B 179 -17.67 -7.92 3.26
CA LEU B 179 -17.29 -7.53 1.88
C LEU B 179 -17.03 -6.05 2.06
N VAL B 180 -16.13 -5.52 1.24
CA VAL B 180 -15.80 -4.10 1.28
C VAL B 180 -15.45 -3.64 -0.13
N HIS B 181 -16.15 -2.59 -0.58
CA HIS B 181 -15.93 -2.03 -1.90
C HIS B 181 -15.16 -0.74 -1.66
N PRO B 182 -13.87 -0.74 -1.95
CA PRO B 182 -13.07 0.48 -1.74
C PRO B 182 -13.49 1.60 -2.70
N SER B 183 -13.86 1.23 -3.91
CA SER B 183 -14.30 2.19 -4.90
C SER B 183 -15.33 3.11 -4.28
N ARG B 184 -16.20 2.55 -3.43
CA ARG B 184 -17.26 3.32 -2.79
C ARG B 184 -17.20 3.36 -1.27
N ARG B 185 -16.06 3.03 -0.67
CA ARG B 185 -15.92 3.03 0.78
C ARG B 185 -17.11 2.43 1.53
N THR B 186 -17.67 1.36 0.99
CA THR B 186 -18.81 0.67 1.61
C THR B 186 -18.34 -0.57 2.39
N SER B 187 -19.03 -0.94 3.47
CA SER B 187 -18.63 -2.10 4.25
C SER B 187 -19.81 -2.88 4.82
N TYR B 188 -19.65 -4.20 4.96
CA TYR B 188 -20.70 -5.07 5.51
C TYR B 188 -20.15 -6.29 6.30
N ILE B 189 -20.88 -6.73 7.33
CA ILE B 189 -20.49 -7.90 8.13
C ILE B 189 -21.72 -8.73 8.49
N VAL B 190 -21.45 -10.00 8.84
CA VAL B 190 -22.47 -10.96 9.26
C VAL B 190 -21.76 -11.87 10.25
N SER B 191 -22.42 -12.18 11.36
CA SER B 191 -21.82 -13.05 12.35
C SER B 191 -22.81 -14.14 12.71
N GLU B 192 -22.29 -15.25 13.17
CA GLU B 192 -23.13 -16.38 13.54
C GLU B 192 -22.34 -17.54 14.12
N ARG B 193 -22.83 -18.09 15.23
CA ARG B 193 -22.20 -19.23 15.89
C ARG B 193 -22.41 -20.39 14.92
N VAL B 194 -21.45 -21.32 14.86
CA VAL B 194 -21.58 -22.48 13.98
C VAL B 194 -20.84 -23.65 14.61
N ASP B 195 -21.56 -24.72 14.93
CA ASP B 195 -20.92 -25.88 15.53
C ASP B 195 -20.28 -26.69 14.41
N ILE B 196 -19.12 -26.22 14.00
CA ILE B 196 -18.39 -26.84 12.92
C ILE B 196 -18.21 -28.36 13.00
N THR B 197 -18.08 -28.92 14.20
CA THR B 197 -17.87 -30.37 14.31
C THR B 197 -19.05 -31.19 13.89
N ASN B 198 -20.23 -30.60 13.93
CA ASN B 198 -21.44 -31.31 13.56
C ASN B 198 -21.85 -31.11 12.13
N GLU B 199 -21.42 -29.98 11.58
CA GLU B 199 -21.78 -29.63 10.22
C GLU B 199 -20.84 -30.12 9.13
N LEU B 200 -19.59 -30.45 9.52
CA LEU B 200 -18.59 -30.89 8.53
C LEU B 200 -17.69 -32.02 8.99
N PRO B 201 -16.94 -32.61 8.03
CA PRO B 201 -15.96 -33.70 8.20
C PRO B 201 -14.63 -33.20 8.80
N GLU B 202 -13.80 -34.13 9.25
CA GLU B 202 -12.52 -33.79 9.85
C GLU B 202 -11.65 -33.10 8.83
N TYR B 203 -11.76 -33.56 7.59
CA TYR B 203 -11.00 -33.02 6.48
C TYR B 203 -11.91 -32.55 5.38
N VAL B 204 -11.70 -31.32 4.92
CA VAL B 204 -12.54 -30.77 3.87
C VAL B 204 -11.70 -30.14 2.78
N SER B 205 -12.37 -29.63 1.74
CA SER B 205 -11.73 -28.95 0.63
C SER B 205 -12.27 -27.52 0.61
N ILE B 206 -11.38 -26.55 0.51
CA ILE B 206 -11.83 -25.18 0.50
C ILE B 206 -11.77 -24.60 -0.90
N GLY B 207 -12.67 -23.68 -1.19
CA GLY B 207 -12.67 -23.09 -2.52
C GLY B 207 -13.89 -22.24 -2.80
N PHE B 208 -14.14 -22.05 -4.09
CA PHE B 208 -15.26 -21.25 -4.55
C PHE B 208 -16.16 -22.03 -5.48
N SER B 209 -17.36 -21.50 -5.63
CA SER B 209 -18.41 -22.05 -6.49
C SER B 209 -19.33 -20.88 -6.89
N ALA B 210 -19.64 -20.77 -8.18
CA ALA B 210 -20.48 -19.70 -8.67
C ALA B 210 -21.35 -20.22 -9.82
N THR B 211 -22.56 -19.69 -9.91
CA THR B 211 -23.50 -20.07 -10.94
C THR B 211 -24.13 -18.85 -11.59
N THR B 212 -24.87 -19.09 -12.67
CA THR B 212 -25.59 -18.02 -13.35
C THR B 212 -27.03 -18.49 -13.56
N GLY B 213 -27.88 -17.56 -13.97
CA GLY B 213 -29.27 -17.88 -14.18
C GLY B 213 -29.55 -18.73 -15.40
N LEU B 214 -30.82 -19.11 -15.54
CA LEU B 214 -31.27 -19.95 -16.65
C LEU B 214 -32.01 -19.14 -17.73
N SER B 215 -32.95 -18.29 -17.33
CA SER B 215 -33.72 -17.49 -18.29
C SER B 215 -33.04 -16.21 -18.80
N TYR B 218 -30.23 -12.95 -17.20
CA TYR B 218 -29.76 -13.19 -15.82
C TYR B 218 -28.41 -13.88 -15.64
N THR B 219 -27.34 -13.08 -15.72
CA THR B 219 -25.98 -13.56 -15.53
C THR B 219 -25.06 -12.43 -15.16
N GLU B 220 -23.85 -12.82 -14.79
CA GLU B 220 -22.82 -11.90 -14.37
C GLU B 220 -21.53 -12.70 -14.44
N THR B 221 -20.43 -12.02 -14.18
CA THR B 221 -19.15 -12.66 -14.18
C THR B 221 -18.77 -12.96 -12.75
N HIS B 222 -17.93 -13.98 -12.59
CA HIS B 222 -17.47 -14.36 -11.27
C HIS B 222 -15.99 -14.59 -11.43
N ASP B 223 -15.19 -13.58 -11.10
CA ASP B 223 -13.73 -13.67 -11.20
C ASP B 223 -13.06 -13.39 -9.86
N VAL B 224 -12.28 -14.34 -9.38
CA VAL B 224 -11.51 -14.18 -8.14
C VAL B 224 -10.16 -13.63 -8.60
N LEU B 225 -9.70 -12.62 -7.89
CA LEU B 225 -8.45 -11.96 -8.22
C LEU B 225 -7.24 -12.38 -7.40
N SER B 226 -7.44 -12.60 -6.10
CA SER B 226 -6.38 -12.99 -5.21
C SER B 226 -7.00 -13.83 -4.10
N TRP B 227 -6.21 -14.73 -3.52
CA TRP B 227 -6.72 -15.61 -2.47
C TRP B 227 -5.67 -15.96 -1.42
N SER B 228 -6.04 -15.79 -0.16
CA SER B 228 -5.11 -16.09 0.93
C SER B 228 -5.81 -16.91 1.97
N PHE B 229 -5.07 -17.82 2.59
CA PHE B 229 -5.65 -18.68 3.61
C PHE B 229 -4.69 -19.15 4.71
N ALA B 230 -5.25 -19.39 5.90
CA ALA B 230 -4.47 -19.86 7.05
C ALA B 230 -5.35 -20.54 8.10
N SER B 231 -4.87 -21.67 8.59
CA SER B 231 -5.56 -22.47 9.59
C SER B 231 -4.55 -22.84 10.68
N LYS B 232 -5.01 -22.93 11.92
CA LYS B 232 -4.14 -23.28 13.04
C LYS B 232 -4.83 -24.29 13.94
N LEU B 233 -4.39 -25.54 13.88
CA LEU B 233 -4.96 -26.59 14.71
C LEU B 233 -4.07 -26.91 15.93
N PRO B 234 -4.66 -26.87 17.14
CA PRO B 234 -3.94 -27.16 18.37
C PRO B 234 -3.86 -28.67 18.70
N ASP B 235 -3.27 -29.01 19.86
CA ASP B 235 -3.13 -30.40 20.30
C ASP B 235 -4.10 -30.72 21.44
N ASP B 236 -4.34 -29.73 22.26
CA ASP B 236 -5.27 -29.92 23.37
C ASP B 236 -6.58 -29.33 22.89
N SER B 237 -7.69 -29.71 23.53
CA SER B 237 -8.97 -29.16 23.13
C SER B 237 -8.88 -27.63 23.13
N THR B 238 -7.92 -27.12 23.90
CA THR B 238 -7.65 -25.67 24.06
C THR B 238 -7.46 -24.88 22.76
N THR B 239 -8.43 -24.03 22.43
CA THR B 239 -8.40 -23.24 21.19
C THR B 239 -7.73 -21.85 21.32
N GLU B 240 -6.94 -21.49 20.31
CA GLU B 240 -6.24 -20.20 20.26
C GLU B 240 -6.50 -19.51 18.92
N PRO B 241 -7.38 -18.47 18.90
CA PRO B 241 -7.70 -17.74 17.67
C PRO B 241 -6.41 -17.30 16.96
N LEU B 242 -6.51 -17.01 15.67
CA LEU B 242 -5.31 -16.66 14.92
C LEU B 242 -4.87 -15.25 15.12
N ASP B 243 -3.90 -14.90 14.28
CA ASP B 243 -3.38 -13.59 14.29
C ASP B 243 -3.73 -12.98 12.97
N ILE B 244 -4.83 -12.24 13.00
CA ILE B 244 -5.30 -11.54 11.84
C ILE B 244 -4.41 -10.31 11.72
N ALA B 245 -4.24 -9.58 12.83
CA ALA B 245 -3.39 -8.40 12.83
C ALA B 245 -2.22 -8.75 11.92
N SER B 246 -1.66 -9.95 12.10
CA SER B 246 -0.52 -10.39 11.29
C SER B 246 -0.96 -11.05 9.99
N TYR B 247 -1.81 -12.07 10.08
CA TYR B 247 -2.28 -12.74 8.87
C TYR B 247 -2.61 -11.76 7.68
N LEU B 248 -3.06 -10.56 7.99
CA LEU B 248 -3.43 -9.60 6.94
C LEU B 248 -2.28 -8.85 6.24
N VAL B 249 -1.74 -7.82 6.89
CA VAL B 249 -0.62 -7.03 6.34
C VAL B 249 0.28 -7.99 5.57
N ARG B 250 0.71 -9.04 6.29
CA ARG B 250 1.58 -10.13 5.80
C ARG B 250 1.00 -10.87 4.64
N ASN B 251 -0.30 -11.14 4.65
CA ASN B 251 -1.00 -11.89 3.60
C ASN B 251 -1.88 -11.01 2.71
N VAL B 252 -2.67 -10.13 3.30
CA VAL B 252 -3.56 -9.27 2.52
C VAL B 252 -3.12 -7.86 2.12
N LEU B 253 -2.42 -7.13 2.99
CA LEU B 253 -2.06 -5.76 2.66
C LEU B 253 -0.75 -5.52 1.93
N ALA C 1 3.28 -11.22 -5.09
CA ALA C 1 4.09 -12.19 -4.30
C ALA C 1 3.20 -13.33 -3.85
N ASP C 2 3.47 -14.53 -4.36
CA ASP C 2 2.71 -15.70 -3.99
C ASP C 2 3.47 -16.45 -2.89
N ILE C 3 2.77 -16.77 -1.80
CA ILE C 3 3.38 -17.47 -0.67
C ILE C 3 2.64 -18.77 -0.35
N GLN C 4 3.42 -19.77 0.02
CA GLN C 4 2.89 -21.07 0.37
C GLN C 4 3.72 -21.54 1.53
N SER C 5 3.05 -21.90 2.62
CA SER C 5 3.76 -22.38 3.79
C SER C 5 2.90 -23.33 4.60
N PHE C 6 3.57 -24.12 5.43
CA PHE C 6 2.88 -25.07 6.29
C PHE C 6 3.79 -25.55 7.40
N SER C 7 3.18 -26.13 8.42
CA SER C 7 3.93 -26.66 9.53
C SER C 7 3.18 -27.79 10.18
N PHE C 8 3.85 -28.93 10.29
CA PHE C 8 3.29 -30.13 10.90
C PHE C 8 4.15 -30.58 12.04
N LYS C 9 3.50 -30.90 13.15
CA LYS C 9 4.20 -31.39 14.32
C LYS C 9 3.73 -32.81 14.48
N ASN C 10 2.53 -33.08 13.98
CA ASN C 10 1.95 -34.40 14.09
C ASN C 10 1.45 -34.85 12.76
N PHE C 11 2.20 -35.76 12.14
CA PHE C 11 1.76 -36.30 10.87
C PHE C 11 0.57 -37.22 11.15
N SER C 14 -3.47 -36.70 6.04
CA SER C 14 -3.71 -37.12 4.65
C SER C 14 -3.22 -36.04 3.69
N SER C 15 -2.37 -35.17 4.21
CA SER C 15 -1.81 -34.10 3.40
C SER C 15 -0.55 -34.59 2.71
N PHE C 16 -0.31 -35.89 2.81
CA PHE C 16 0.86 -36.49 2.21
C PHE C 16 0.53 -37.61 1.27
N ILE C 17 1.36 -37.76 0.27
CA ILE C 17 1.20 -38.80 -0.71
C ILE C 17 2.32 -39.77 -0.38
N LEU C 18 1.95 -41.00 -0.08
CA LEU C 18 2.93 -42.02 0.28
C LEU C 18 3.20 -43.04 -0.81
N GLN C 19 4.46 -43.43 -0.92
CA GLN C 19 4.85 -44.40 -1.93
C GLN C 19 5.74 -45.44 -1.26
N GLY C 20 5.56 -46.69 -1.68
CA GLY C 20 6.36 -47.77 -1.15
C GLY C 20 6.07 -48.07 0.30
N ASP C 21 7.11 -48.38 1.05
CA ASP C 21 6.96 -48.71 2.47
C ASP C 21 6.65 -47.50 3.35
N ALA C 22 6.61 -46.32 2.73
CA ALA C 22 6.30 -45.08 3.45
C ALA C 22 5.03 -45.25 4.27
N THR C 23 5.09 -44.88 5.54
CA THR C 23 3.94 -45.01 6.42
C THR C 23 4.00 -44.05 7.61
N VAL C 24 2.83 -43.69 8.13
CA VAL C 24 2.76 -42.83 9.28
C VAL C 24 2.06 -43.58 10.41
N SER C 25 2.66 -43.54 11.59
CA SER C 25 2.12 -44.22 12.75
C SER C 25 2.77 -43.57 13.97
N SER C 26 1.97 -43.38 15.01
CA SER C 26 2.47 -42.74 16.23
C SER C 26 2.63 -41.25 15.93
N SER C 27 1.87 -40.77 14.94
CA SER C 27 1.92 -39.38 14.57
C SER C 27 3.36 -38.99 14.17
N LYS C 28 4.02 -39.87 13.42
CA LYS C 28 5.37 -39.62 12.95
C LYS C 28 5.58 -40.37 11.63
N LEU C 29 6.17 -39.71 10.66
CA LEU C 29 6.39 -40.33 9.36
C LEU C 29 7.52 -41.34 9.41
N ARG C 30 7.19 -42.61 9.14
CA ARG C 30 8.20 -43.67 9.14
C ARG C 30 8.39 -44.12 7.66
N LEU C 31 9.46 -43.65 7.04
CA LEU C 31 9.79 -43.94 5.63
C LEU C 31 10.25 -45.36 5.22
N THR C 32 10.92 -46.11 6.11
CA THR C 32 11.34 -47.47 5.78
C THR C 32 10.62 -48.45 6.70
N LYS C 33 10.58 -49.70 6.25
CA LYS C 33 9.93 -50.76 6.98
C LYS C 33 10.48 -51.06 8.37
N VAL C 34 9.58 -51.50 9.23
CA VAL C 34 9.95 -51.86 10.58
C VAL C 34 9.14 -53.09 10.99
N LYS C 35 9.82 -54.11 11.51
CA LYS C 35 9.17 -55.35 11.93
C LYS C 35 8.30 -55.16 13.17
N GLY C 36 7.64 -56.24 13.57
CA GLY C 36 6.79 -56.18 14.74
C GLY C 36 7.66 -55.84 15.95
N ASN C 37 8.83 -56.48 16.02
CA ASN C 37 9.77 -56.26 17.10
C ASN C 37 10.27 -54.82 17.15
N GLY C 38 10.07 -54.10 16.04
CA GLY C 38 10.50 -52.72 15.96
C GLY C 38 11.87 -52.51 15.35
N LEU C 39 12.44 -53.54 14.75
CA LEU C 39 13.75 -53.45 14.11
C LEU C 39 13.57 -53.10 12.62
N PRO C 40 14.57 -52.46 12.00
CA PRO C 40 14.51 -52.07 10.59
C PRO C 40 14.25 -53.24 9.64
N THR C 41 14.49 -53.03 8.35
CA THR C 41 14.24 -54.04 7.33
C THR C 41 15.15 -53.89 6.12
N LEU C 42 15.73 -55.01 5.65
CA LEU C 42 16.61 -54.97 4.48
C LEU C 42 15.74 -54.82 3.21
N SER C 43 16.30 -54.20 2.17
CA SER C 43 15.60 -53.98 0.91
C SER C 43 14.29 -53.19 1.02
N SER C 44 14.35 -52.03 1.67
CA SER C 44 13.17 -51.20 1.86
C SER C 44 13.30 -49.88 1.11
N LEU C 45 12.16 -49.26 0.84
CA LEU C 45 12.12 -47.98 0.11
C LEU C 45 10.77 -47.26 0.31
N GLY C 46 10.82 -46.00 0.74
CA GLY C 46 9.61 -45.24 0.95
C GLY C 46 9.79 -43.76 0.64
N ARG C 47 8.77 -43.15 0.06
CA ARG C 47 8.81 -41.73 -0.27
C ARG C 47 7.52 -41.12 0.23
N ALA C 48 7.60 -39.87 0.66
CA ALA C 48 6.42 -39.17 1.17
C ALA C 48 6.46 -37.75 0.63
N PHE C 49 5.34 -37.31 0.07
CA PHE C 49 5.24 -35.98 -0.51
C PHE C 49 4.03 -35.15 -0.15
N TYR C 50 4.23 -33.86 -0.05
CA TYR C 50 3.13 -32.97 0.24
C TYR C 50 2.11 -32.97 -0.91
N SER C 51 0.84 -33.12 -0.55
CA SER C 51 -0.30 -33.17 -1.47
C SER C 51 -0.38 -32.06 -2.49
N SER C 52 -0.16 -30.83 -2.05
CA SER C 52 -0.21 -29.73 -2.98
C SER C 52 1.19 -29.43 -3.54
N PRO C 53 1.30 -29.37 -4.88
CA PRO C 53 2.53 -29.09 -5.64
C PRO C 53 2.91 -27.64 -5.47
N ILE C 54 4.20 -27.35 -5.45
CA ILE C 54 4.60 -25.96 -5.29
C ILE C 54 5.42 -25.49 -6.50
N GLN C 55 5.27 -24.21 -6.84
CA GLN C 55 5.93 -23.60 -7.97
C GLN C 55 7.26 -22.97 -7.62
N ILE C 56 8.33 -23.48 -8.25
CA ILE C 56 9.70 -23.01 -8.01
C ILE C 56 10.06 -21.68 -8.68
N TYR C 57 9.54 -21.50 -9.89
CA TYR C 57 9.81 -20.30 -10.64
C TYR C 57 8.73 -20.09 -11.70
N ASP C 58 8.81 -18.96 -12.39
CA ASP C 58 7.84 -18.62 -13.44
C ASP C 58 8.52 -18.37 -14.78
N LYS C 59 8.22 -19.22 -15.76
CA LYS C 59 8.82 -19.09 -17.08
C LYS C 59 8.62 -17.72 -17.70
N SER C 60 7.40 -17.21 -17.61
CA SER C 60 7.06 -15.89 -18.14
C SER C 60 7.79 -14.76 -17.40
N THR C 61 7.36 -14.49 -16.17
CA THR C 61 7.96 -13.44 -15.35
C THR C 61 9.49 -13.54 -15.19
N GLY C 62 10.01 -14.77 -15.20
CA GLY C 62 11.45 -14.96 -15.03
C GLY C 62 11.82 -14.99 -13.56
N ALA C 63 10.86 -14.65 -12.73
CA ALA C 63 11.06 -14.62 -11.29
C ALA C 63 11.30 -16.02 -10.75
N VAL C 64 12.13 -16.08 -9.72
CA VAL C 64 12.41 -17.34 -9.07
C VAL C 64 12.24 -17.22 -7.56
N ALA C 65 11.49 -18.18 -7.02
CA ALA C 65 11.19 -18.18 -5.62
C ALA C 65 12.35 -18.63 -4.78
N SER C 66 12.44 -18.01 -3.60
CA SER C 66 13.43 -18.33 -2.58
C SER C 66 12.53 -19.09 -1.61
N TRP C 67 13.06 -20.15 -1.01
CA TRP C 67 12.26 -20.94 -0.07
C TRP C 67 13.12 -21.52 1.02
N ALA C 68 12.48 -22.15 2.01
CA ALA C 68 13.21 -22.77 3.12
C ALA C 68 12.37 -23.89 3.69
N THR C 69 13.06 -24.86 4.29
CA THR C 69 12.39 -26.00 4.92
C THR C 69 13.21 -26.57 6.11
N SER C 70 12.50 -26.98 7.15
CA SER C 70 13.15 -27.54 8.31
C SER C 70 12.37 -28.77 8.76
N PHE C 71 13.04 -29.65 9.48
CA PHE C 71 12.38 -30.84 9.99
C PHE C 71 13.30 -31.60 10.90
N THR C 72 12.71 -32.37 11.81
CA THR C 72 13.51 -33.16 12.74
C THR C 72 13.37 -34.60 12.38
N ALA C 73 14.46 -35.35 12.49
CA ALA C 73 14.44 -36.78 12.15
C ALA C 73 15.34 -37.63 13.04
N ASN C 74 14.93 -38.87 13.38
CA ASN C 74 15.79 -39.78 14.20
C ASN C 74 16.08 -40.96 13.29
N ILE C 75 17.33 -41.41 13.34
CA ILE C 75 17.76 -42.56 12.55
C ILE C 75 18.47 -43.55 13.50
N PHE C 76 17.92 -44.76 13.64
CA PHE C 76 18.55 -45.76 14.50
C PHE C 76 18.93 -46.93 13.62
N ALA C 77 20.19 -47.33 13.75
CA ALA C 77 20.70 -48.45 12.99
C ALA C 77 21.43 -49.33 13.97
N PRO C 78 20.84 -50.50 14.27
CA PRO C 78 21.55 -51.39 15.21
C PRO C 78 22.84 -51.71 14.45
N ASN C 79 23.95 -51.84 15.17
CA ASN C 79 25.23 -52.08 14.49
C ASN C 79 25.42 -50.79 13.66
N LYS C 80 25.82 -49.73 14.35
CA LYS C 80 26.07 -48.40 13.75
C LYS C 80 26.85 -48.56 12.46
N SER C 81 27.85 -49.44 12.51
CA SER C 81 28.72 -49.72 11.39
C SER C 81 28.05 -50.44 10.22
N SER C 82 26.76 -50.73 10.33
CA SER C 82 26.03 -51.42 9.27
C SER C 82 24.83 -50.57 8.90
N SER C 83 25.05 -49.26 8.91
CA SER C 83 24.01 -48.31 8.59
C SER C 83 23.89 -48.15 7.08
N ALA C 84 22.66 -48.05 6.59
CA ALA C 84 22.37 -47.89 5.16
C ALA C 84 20.87 -47.71 4.94
N ASP C 85 20.48 -46.99 3.90
CA ASP C 85 21.42 -46.37 2.98
C ASP C 85 21.44 -44.86 3.23
N GLY C 86 20.42 -44.39 3.94
CA GLY C 86 20.31 -42.98 4.24
C GLY C 86 18.96 -42.39 3.86
N ILE C 87 18.84 -41.06 3.99
CA ILE C 87 17.59 -40.38 3.68
C ILE C 87 17.84 -39.06 2.93
N ALA C 88 16.88 -38.67 2.11
CA ALA C 88 17.04 -37.43 1.35
C ALA C 88 15.79 -36.57 1.20
N PHE C 89 16.01 -35.27 1.13
CA PHE C 89 14.91 -34.34 0.94
C PHE C 89 14.96 -34.06 -0.54
N ALA C 90 13.81 -34.10 -1.23
CA ALA C 90 13.84 -33.88 -2.66
C ALA C 90 12.73 -33.10 -3.31
N LEU C 91 13.04 -32.63 -4.51
CA LEU C 91 12.15 -31.88 -5.35
C LEU C 91 12.15 -32.68 -6.61
N VAL C 92 11.00 -33.29 -6.90
CA VAL C 92 10.86 -34.12 -8.09
C VAL C 92 9.66 -33.69 -8.90
N PRO C 93 9.63 -34.09 -10.18
CA PRO C 93 8.51 -33.75 -11.07
C PRO C 93 7.28 -34.44 -10.50
N VAL C 94 6.16 -33.72 -10.49
CA VAL C 94 4.89 -34.20 -9.93
C VAL C 94 4.49 -35.67 -9.92
N GLY C 95 4.15 -36.23 -11.09
CA GLY C 95 3.73 -37.63 -11.12
C GLY C 95 4.80 -38.64 -10.74
N SER C 96 6.04 -38.18 -10.64
CA SER C 96 7.21 -38.99 -10.31
C SER C 96 6.97 -40.30 -9.54
N GLU C 97 7.35 -41.40 -10.19
CA GLU C 97 7.25 -42.73 -9.59
C GLU C 97 8.64 -42.91 -9.02
N PRO C 98 8.77 -43.73 -7.98
CA PRO C 98 10.09 -43.94 -7.37
C PRO C 98 11.18 -44.37 -8.38
N LYS C 99 12.43 -44.11 -8.01
CA LYS C 99 13.58 -44.47 -8.83
C LYS C 99 14.32 -45.67 -8.18
N SER C 100 15.60 -45.84 -8.50
CA SER C 100 16.41 -46.95 -7.98
C SER C 100 16.56 -47.01 -6.45
N ASN C 101 16.79 -48.19 -5.89
CA ASN C 101 16.90 -48.38 -4.42
C ASN C 101 18.27 -48.39 -3.67
N PHE C 104 21.14 -45.27 -4.11
CA PHE C 104 20.41 -44.25 -4.94
C PHE C 104 19.24 -43.59 -4.24
N LEU C 105 18.95 -44.08 -3.05
CA LEU C 105 17.91 -43.51 -2.22
C LEU C 105 16.52 -43.30 -2.87
N GLY C 106 16.20 -44.05 -3.91
CA GLY C 106 14.89 -43.92 -4.55
C GLY C 106 14.59 -42.63 -5.28
N VAL C 107 15.61 -41.88 -5.68
CA VAL C 107 15.40 -40.61 -6.38
C VAL C 107 16.24 -40.44 -7.64
N PHE C 108 17.30 -41.24 -7.76
CA PHE C 108 18.17 -41.19 -8.93
C PHE C 108 18.37 -42.59 -9.47
N ASP C 109 18.87 -42.66 -10.71
CA ASP C 109 19.11 -43.95 -11.37
C ASP C 109 20.59 -44.23 -11.63
N SER C 110 21.41 -43.17 -11.77
CA SER C 110 22.85 -43.32 -12.04
C SER C 110 23.64 -42.16 -11.45
N ASP C 111 24.96 -42.31 -11.43
CA ASP C 111 25.84 -41.27 -10.91
C ASP C 111 26.28 -40.33 -12.03
N VAL C 112 25.56 -40.40 -13.14
CA VAL C 112 25.83 -39.57 -14.30
C VAL C 112 24.74 -38.51 -14.47
N TYR C 113 25.16 -37.26 -14.67
CA TYR C 113 24.23 -36.16 -14.84
C TYR C 113 23.25 -36.43 -15.97
N ASP C 114 21.97 -36.34 -15.64
CA ASP C 114 20.91 -36.57 -16.60
C ASP C 114 19.80 -35.56 -16.35
N ASN C 115 19.86 -34.45 -17.09
CA ASN C 115 18.88 -33.38 -16.94
C ASN C 115 17.45 -33.88 -17.00
N SER C 116 17.23 -34.99 -17.70
CA SER C 116 15.91 -35.58 -17.86
C SER C 116 15.32 -36.03 -16.52
N ALA C 117 16.19 -36.24 -15.53
CA ALA C 117 15.76 -36.63 -14.20
C ALA C 117 14.96 -35.49 -13.57
N GLN C 118 15.37 -34.26 -13.84
CA GLN C 118 14.68 -33.08 -13.30
C GLN C 118 14.47 -33.29 -11.80
N THR C 119 15.54 -33.67 -11.11
CA THR C 119 15.48 -33.93 -9.68
C THR C 119 16.66 -33.35 -8.94
N VAL C 120 16.37 -32.71 -7.83
CA VAL C 120 17.42 -32.14 -7.00
C VAL C 120 17.14 -32.56 -5.58
N ALA C 121 18.17 -32.98 -4.86
CA ALA C 121 17.96 -33.42 -3.49
C ALA C 121 19.13 -33.21 -2.57
N VAL C 122 18.80 -33.21 -1.28
CA VAL C 122 19.82 -33.07 -0.25
C VAL C 122 19.83 -34.43 0.44
N GLU C 123 20.97 -35.12 0.32
CA GLU C 123 21.14 -36.45 0.87
C GLU C 123 21.84 -36.43 2.21
N PHE C 124 21.52 -37.45 3.00
CA PHE C 124 22.13 -37.65 4.30
C PHE C 124 22.55 -39.10 4.23
N ASP C 125 23.62 -39.31 3.45
CA ASP C 125 24.23 -40.61 3.16
C ASP C 125 24.87 -41.24 4.39
N THR C 126 24.47 -42.48 4.72
CA THR C 126 25.03 -43.18 5.87
C THR C 126 25.90 -44.39 5.48
N PHE C 127 25.77 -44.85 4.23
CA PHE C 127 26.58 -45.96 3.68
C PHE C 127 27.36 -45.39 2.52
N SER C 128 28.68 -45.57 2.55
CA SER C 128 29.56 -45.04 1.53
C SER C 128 29.72 -45.91 0.28
N ASN C 129 28.99 -45.57 -0.77
CA ASN C 129 29.09 -46.32 -2.01
C ASN C 129 30.38 -45.90 -2.75
N THR C 130 31.39 -46.76 -2.68
CA THR C 130 32.68 -46.51 -3.31
C THR C 130 32.54 -46.01 -4.76
N TRP C 132 31.23 -43.70 -6.10
CA TRP C 132 30.87 -42.27 -6.08
C TRP C 132 30.86 -41.50 -4.73
N ASP C 133 30.52 -42.14 -3.62
CA ASP C 133 30.47 -41.49 -2.29
C ASP C 133 31.86 -41.30 -1.65
N PRO C 134 31.99 -40.29 -0.75
CA PRO C 134 33.26 -40.04 -0.05
C PRO C 134 33.36 -41.05 1.09
N THR C 135 34.57 -41.24 1.61
CA THR C 135 34.82 -42.21 2.66
C THR C 135 33.89 -42.33 3.87
N SER C 136 33.35 -41.24 4.40
CA SER C 136 32.48 -41.36 5.57
C SER C 136 31.07 -40.76 5.39
N ARG C 137 30.22 -40.91 6.42
CA ARG C 137 28.85 -40.38 6.35
C ARG C 137 28.93 -38.91 6.02
N HIS C 138 28.08 -38.46 5.11
CA HIS C 138 28.14 -37.09 4.66
C HIS C 138 26.77 -36.51 4.36
N ILE C 139 26.77 -35.21 4.10
CA ILE C 139 25.59 -34.46 3.73
C ILE C 139 25.96 -34.00 2.32
N GLY C 140 25.12 -34.29 1.34
CA GLY C 140 25.46 -33.89 -0.02
C GLY C 140 24.35 -33.16 -0.77
N ILE C 141 24.73 -32.45 -1.84
CA ILE C 141 23.78 -31.73 -2.67
C ILE C 141 23.80 -32.43 -4.02
N ASP C 142 22.69 -33.11 -4.32
CA ASP C 142 22.59 -33.86 -5.56
C ASP C 142 21.77 -33.16 -6.64
N VAL C 143 22.39 -32.96 -7.79
CA VAL C 143 21.69 -32.33 -8.89
C VAL C 143 21.68 -33.27 -10.09
N ASN C 144 20.55 -33.93 -10.27
CA ASN C 144 20.34 -34.88 -11.35
C ASN C 144 21.38 -36.03 -11.43
N SER C 145 21.82 -36.51 -10.28
CA SER C 145 22.81 -37.58 -10.20
C SER C 145 23.07 -37.91 -8.72
N ILE C 146 23.29 -39.19 -8.42
CA ILE C 146 23.56 -39.62 -7.03
C ILE C 146 24.95 -39.17 -6.58
N LYS C 147 25.69 -38.56 -7.51
CA LYS C 147 27.01 -38.02 -7.23
C LYS C 147 26.82 -36.56 -6.82
N SER C 148 26.96 -36.31 -5.53
CA SER C 148 26.77 -34.96 -4.97
C SER C 148 27.74 -33.99 -5.60
N ILE C 149 27.37 -32.72 -5.67
CA ILE C 149 28.22 -31.69 -6.24
C ILE C 149 29.00 -30.93 -5.18
N ARG C 150 28.77 -31.31 -3.92
CA ARG C 150 29.47 -30.77 -2.72
C ARG C 150 29.00 -31.64 -1.55
N THR C 151 29.92 -32.01 -0.67
CA THR C 151 29.57 -32.84 0.47
C THR C 151 30.24 -32.33 1.75
N ALA C 152 29.81 -32.86 2.88
CA ALA C 152 30.34 -32.46 4.18
C ALA C 152 30.32 -33.62 5.15
N SER C 153 31.40 -33.78 5.91
CA SER C 153 31.50 -34.86 6.87
C SER C 153 30.38 -34.69 7.89
N TRP C 154 29.73 -35.79 8.22
CA TRP C 154 28.63 -35.77 9.17
C TRP C 154 28.75 -36.82 10.28
N GLY C 155 28.88 -36.33 11.51
CA GLY C 155 28.97 -37.22 12.64
C GLY C 155 27.60 -37.72 13.05
N LEU C 156 27.31 -38.96 12.66
CA LEU C 156 26.01 -39.55 12.97
C LEU C 156 25.78 -39.96 14.41
N ALA C 157 24.72 -39.41 15.00
CA ALA C 157 24.36 -39.74 16.37
C ALA C 157 23.21 -40.75 16.30
N ASN C 158 23.60 -42.02 16.23
CA ASN C 158 22.67 -43.14 16.16
C ASN C 158 21.56 -43.02 17.22
N GLY C 159 20.30 -43.14 16.78
CA GLY C 159 19.18 -43.06 17.71
C GLY C 159 18.72 -41.66 18.08
N GLN C 160 19.68 -40.73 18.12
CA GLN C 160 19.40 -39.34 18.46
C GLN C 160 18.76 -38.57 17.33
N ASN C 161 18.12 -37.49 17.71
CA ASN C 161 17.46 -36.65 16.74
C ASN C 161 18.37 -35.71 16.02
N ALA C 162 17.95 -35.36 14.80
CA ALA C 162 18.69 -34.45 13.96
C ALA C 162 17.72 -33.37 13.50
N GLU C 163 18.08 -32.14 13.82
CA GLU C 163 17.29 -30.99 13.44
C GLU C 163 18.02 -30.43 12.23
N ILE C 164 17.39 -30.52 11.05
CA ILE C 164 18.02 -30.02 9.83
C ILE C 164 17.27 -28.79 9.23
N LEU C 165 18.02 -28.00 8.47
CA LEU C 165 17.49 -26.80 7.84
C LEU C 165 18.09 -26.52 6.47
N ILE C 166 17.23 -26.55 5.46
CA ILE C 166 17.65 -26.31 4.09
C ILE C 166 17.04 -24.99 3.57
N THR C 167 17.86 -24.20 2.88
CA THR C 167 17.37 -22.93 2.33
C THR C 167 17.95 -22.61 0.96
N TYR C 168 17.12 -21.99 0.12
CA TYR C 168 17.57 -21.62 -1.20
C TYR C 168 17.34 -20.14 -1.48
N ASN C 169 18.42 -19.38 -1.56
CA ASN C 169 18.35 -17.95 -1.83
C ASN C 169 18.40 -17.73 -3.34
N ALA C 170 17.26 -17.32 -3.90
CA ALA C 170 17.17 -17.10 -5.34
C ALA C 170 18.10 -16.00 -5.84
N ALA C 171 18.41 -15.03 -4.98
CA ALA C 171 19.27 -13.90 -5.36
C ALA C 171 20.70 -14.33 -5.62
N THR C 172 21.17 -15.26 -4.80
CA THR C 172 22.51 -15.74 -4.92
C THR C 172 22.54 -17.13 -5.60
N SER C 173 21.37 -17.72 -5.77
CA SER C 173 21.25 -19.05 -6.37
C SER C 173 22.01 -20.05 -5.51
N LEU C 174 22.19 -19.69 -4.24
CA LEU C 174 22.91 -20.52 -3.30
C LEU C 174 21.98 -21.40 -2.47
N LEU C 175 22.31 -22.68 -2.40
CA LEU C 175 21.55 -23.64 -1.62
C LEU C 175 22.37 -24.06 -0.39
N VAL C 176 21.78 -23.95 0.81
CA VAL C 176 22.48 -24.29 2.04
C VAL C 176 21.74 -25.27 2.95
N ALA C 177 22.52 -26.18 3.55
CA ALA C 177 21.95 -27.21 4.44
C ALA C 177 22.75 -27.42 5.70
N SER C 178 22.06 -27.79 6.79
CA SER C 178 22.69 -28.02 8.11
C SER C 178 21.97 -29.02 9.05
N LEU C 179 22.68 -30.05 9.50
CA LEU C 179 22.09 -31.03 10.43
C LEU C 179 22.67 -30.58 11.76
N VAL C 180 21.92 -30.80 12.83
CA VAL C 180 22.38 -30.44 14.18
C VAL C 180 21.81 -31.44 15.17
N HIS C 181 22.72 -32.04 15.95
CA HIS C 181 22.34 -33.03 16.95
C HIS C 181 22.46 -32.30 18.27
N PRO C 182 21.33 -31.94 18.87
CA PRO C 182 21.37 -31.23 20.16
C PRO C 182 21.91 -32.12 21.28
N SER C 183 21.57 -33.41 21.22
CA SER C 183 22.04 -34.37 22.21
C SER C 183 23.55 -34.20 22.40
N ARG C 184 24.26 -33.95 21.30
CA ARG C 184 25.71 -33.80 21.34
C ARG C 184 26.25 -32.44 20.90
N ARG C 185 25.39 -31.42 20.86
CA ARG C 185 25.81 -30.08 20.44
C ARG C 185 26.73 -30.06 19.21
N THR C 186 26.45 -30.93 18.24
CA THR C 186 27.24 -31.01 17.01
C THR C 186 26.53 -30.25 15.87
N SER C 187 27.30 -29.68 14.94
CA SER C 187 26.67 -28.95 13.83
C SER C 187 27.44 -29.10 12.51
N TYR C 188 26.71 -29.07 11.39
CA TYR C 188 27.31 -29.18 10.06
C TYR C 188 26.56 -28.38 8.95
N ILE C 189 27.29 -27.89 7.96
CA ILE C 189 26.70 -27.14 6.83
C ILE C 189 27.38 -27.51 5.52
N VAL C 190 26.68 -27.23 4.43
CA VAL C 190 27.16 -27.46 3.07
C VAL C 190 26.51 -26.36 2.23
N SER C 191 27.27 -25.75 1.34
CA SER C 191 26.74 -24.70 0.50
C SER C 191 27.11 -25.00 -0.94
N GLU C 192 26.31 -24.47 -1.85
CA GLU C 192 26.56 -24.69 -3.26
C GLU C 192 25.57 -23.94 -4.15
N ARG C 193 26.10 -23.27 -5.18
CA ARG C 193 25.27 -22.53 -6.13
C ARG C 193 24.51 -23.62 -6.90
N VAL C 194 23.28 -23.32 -7.32
CA VAL C 194 22.49 -24.29 -8.07
C VAL C 194 21.56 -23.53 -9.00
N ASP C 195 21.71 -23.72 -10.31
CA ASP C 195 20.85 -23.04 -11.26
C ASP C 195 19.55 -23.80 -11.34
N ILE C 196 18.72 -23.55 -10.35
CA ILE C 196 17.44 -24.22 -10.25
C ILE C 196 16.57 -24.24 -11.52
N THR C 197 16.63 -23.21 -12.34
CA THR C 197 15.79 -23.17 -13.53
C THR C 197 16.16 -24.21 -14.57
N ASN C 198 17.40 -24.67 -14.52
CA ASN C 198 17.87 -25.65 -15.48
C ASN C 198 17.77 -27.05 -15.00
N GLU C 199 17.80 -27.20 -13.68
CA GLU C 199 17.76 -28.51 -13.06
C GLU C 199 16.37 -29.07 -12.77
N LEU C 200 15.36 -28.19 -12.70
CA LEU C 200 14.00 -28.62 -12.37
C LEU C 200 12.89 -27.93 -13.15
N PRO C 201 11.66 -28.48 -13.05
CA PRO C 201 10.42 -28.00 -13.66
C PRO C 201 9.83 -26.77 -12.92
N GLU C 202 8.88 -26.10 -13.55
CA GLU C 202 8.24 -24.93 -12.96
C GLU C 202 7.53 -25.33 -11.68
N TYR C 203 6.94 -26.52 -11.72
CA TYR C 203 6.19 -27.05 -10.58
C TYR C 203 6.75 -28.40 -10.17
N VAL C 204 7.03 -28.56 -8.89
CA VAL C 204 7.58 -29.80 -8.40
C VAL C 204 6.84 -30.28 -7.17
N SER C 205 7.25 -31.44 -6.66
CA SER C 205 6.67 -32.02 -5.46
C SER C 205 7.79 -32.13 -4.44
N ILE C 206 7.53 -31.69 -3.21
CA ILE C 206 8.56 -31.74 -2.19
C ILE C 206 8.28 -32.86 -1.22
N GLY C 207 9.35 -33.43 -0.68
CA GLY C 207 9.15 -34.52 0.26
C GLY C 207 10.42 -35.24 0.62
N PHE C 208 10.25 -36.46 1.12
CA PHE C 208 11.36 -37.30 1.52
C PHE C 208 11.35 -38.64 0.80
N SER C 209 12.52 -39.28 0.85
CA SER C 209 12.77 -40.58 0.25
C SER C 209 13.92 -41.22 1.04
N ALA C 210 13.74 -42.48 1.43
CA ALA C 210 14.77 -43.19 2.19
C ALA C 210 14.77 -44.66 1.77
N THR C 211 15.97 -45.26 1.79
CA THR C 211 16.14 -46.66 1.44
C THR C 211 17.01 -47.38 2.46
N THR C 212 17.09 -48.69 2.32
CA THR C 212 17.94 -49.49 3.18
C THR C 212 18.76 -50.42 2.30
N GLY C 213 19.75 -51.06 2.91
CA GLY C 213 20.62 -51.96 2.16
C GLY C 213 19.97 -53.25 1.71
N LEU C 214 20.73 -54.03 0.95
CA LEU C 214 20.27 -55.30 0.42
C LEU C 214 20.86 -56.50 1.17
N SER C 215 22.17 -56.50 1.41
CA SER C 215 22.82 -57.60 2.11
C SER C 215 22.73 -57.58 3.66
N TYR C 218 22.69 -54.46 7.02
CA TYR C 218 22.71 -53.05 6.55
C TYR C 218 21.37 -52.34 6.41
N THR C 219 20.90 -51.81 7.54
CA THR C 219 19.64 -51.05 7.60
C THR C 219 19.61 -50.16 8.81
N GLU C 220 18.60 -49.31 8.81
CA GLU C 220 18.38 -48.35 9.87
C GLU C 220 16.96 -47.89 9.69
N THR C 221 16.52 -47.06 10.63
CA THR C 221 15.18 -46.52 10.57
C THR C 221 15.26 -45.14 9.98
N HIS C 222 14.15 -44.72 9.38
CA HIS C 222 14.07 -43.39 8.80
C HIS C 222 12.73 -42.87 9.22
N ASP C 223 12.72 -42.07 10.29
CA ASP C 223 11.50 -41.47 10.81
C ASP C 223 11.59 -39.95 10.88
N VAL C 224 10.66 -39.27 10.20
CA VAL C 224 10.60 -37.81 10.23
C VAL C 224 9.63 -37.51 11.38
N LEU C 225 10.03 -36.54 12.20
CA LEU C 225 9.23 -36.17 13.36
C LEU C 225 8.37 -34.92 13.20
N SER C 226 8.89 -33.92 12.50
CA SER C 226 8.17 -32.68 12.27
C SER C 226 8.67 -32.11 10.95
N TRP C 227 7.81 -31.34 10.29
CA TRP C 227 8.15 -30.76 9.00
C TRP C 227 7.54 -29.40 8.75
N SER C 228 8.37 -28.45 8.34
CA SER C 228 7.89 -27.10 8.09
C SER C 228 8.42 -26.61 6.78
N PHE C 229 7.61 -25.83 6.07
CA PHE C 229 8.01 -25.32 4.76
C PHE C 229 7.41 -23.96 4.37
N ALA C 230 8.18 -23.22 3.56
CA ALA C 230 7.76 -21.90 3.08
C ALA C 230 8.49 -21.48 1.82
N SER C 231 7.72 -20.96 0.86
CA SER C 231 8.23 -20.51 -0.42
C SER C 231 7.64 -19.12 -0.70
N LYS C 232 8.42 -18.27 -1.37
CA LYS C 232 7.98 -16.92 -1.70
C LYS C 232 8.34 -16.59 -3.14
N LEU C 233 7.35 -16.57 -4.01
CA LEU C 233 7.59 -16.24 -5.42
C LEU C 233 7.17 -14.81 -5.74
N PRO C 234 8.09 -14.03 -6.34
CA PRO C 234 7.83 -12.64 -6.71
C PRO C 234 7.15 -12.50 -8.09
N ASP C 235 6.94 -11.24 -8.53
CA ASP C 235 6.30 -10.96 -9.82
C ASP C 235 7.32 -10.46 -10.85
N ASP C 236 8.35 -9.78 -10.34
CA ASP C 236 9.40 -9.29 -11.22
C ASP C 236 10.55 -10.26 -11.07
N SER C 237 11.46 -10.28 -12.03
CA SER C 237 12.60 -11.19 -11.92
C SER C 237 13.28 -10.95 -10.57
N THR C 238 13.07 -9.74 -10.02
CA THR C 238 13.63 -9.29 -8.74
C THR C 238 13.40 -10.24 -7.54
N THR C 239 14.47 -10.89 -7.07
CA THR C 239 14.38 -11.85 -5.96
C THR C 239 14.59 -11.23 -4.55
N GLU C 240 13.78 -11.68 -3.59
CA GLU C 240 13.85 -11.23 -2.21
C GLU C 240 13.90 -12.43 -1.26
N PRO C 241 15.10 -12.73 -0.70
CA PRO C 241 15.27 -13.87 0.22
C PRO C 241 14.21 -13.80 1.33
N LEU C 242 13.96 -14.94 1.98
CA LEU C 242 12.92 -14.96 3.00
C LEU C 242 13.34 -14.40 4.32
N ASP C 243 12.45 -14.60 5.27
CA ASP C 243 12.70 -14.19 6.60
C ASP C 243 12.79 -15.43 7.43
N ILE C 244 14.03 -15.84 7.63
CA ILE C 244 14.33 -16.99 8.44
C ILE C 244 14.19 -16.50 9.88
N ALA C 245 14.82 -15.36 10.21
CA ALA C 245 14.75 -14.82 11.54
C ALA C 245 13.32 -15.09 11.99
N SER C 246 12.35 -14.81 11.13
CA SER C 246 10.94 -15.01 11.45
C SER C 246 10.48 -16.44 11.16
N TYR C 247 10.68 -16.91 9.93
CA TYR C 247 10.27 -18.26 9.58
C TYR C 247 10.58 -19.32 10.69
N LEU C 248 11.65 -19.12 11.46
CA LEU C 248 12.02 -20.09 12.49
C LEU C 248 11.24 -20.05 13.81
N VAL C 249 11.56 -19.09 14.68
CA VAL C 249 10.88 -18.94 15.98
C VAL C 249 9.40 -19.29 15.77
N ARG C 250 8.80 -18.58 14.80
CA ARG C 250 7.40 -18.69 14.37
C ARG C 250 7.05 -20.12 13.90
N ASN C 251 7.96 -20.76 13.14
CA ASN C 251 7.75 -22.13 12.58
C ASN C 251 8.56 -23.20 13.30
N VAL C 252 9.83 -22.95 13.56
CA VAL C 252 10.68 -23.94 14.21
C VAL C 252 10.89 -23.90 15.74
N LEU C 253 11.01 -22.71 16.33
CA LEU C 253 11.30 -22.65 17.78
C LEU C 253 10.11 -22.62 18.71
N ALA D 1 1.86 -15.93 25.09
CA ALA D 1 3.09 -15.90 24.26
C ALA D 1 3.33 -14.49 23.76
N ASP D 2 4.43 -13.89 24.21
CA ASP D 2 4.79 -12.55 23.81
C ASP D 2 5.79 -12.65 22.66
N ILE D 3 5.51 -11.92 21.58
CA ILE D 3 6.39 -11.93 20.41
C ILE D 3 6.88 -10.53 20.04
N GLN D 4 8.12 -10.45 19.61
CA GLN D 4 8.72 -9.20 19.22
C GLN D 4 9.55 -9.54 18.01
N SER D 5 9.34 -8.82 16.93
CA SER D 5 10.12 -9.04 15.72
C SER D 5 10.24 -7.77 14.89
N PHE D 6 11.23 -7.76 14.02
CA PHE D 6 11.44 -6.64 13.14
C PHE D 6 12.34 -7.02 11.98
N SER D 7 12.32 -6.19 10.95
CA SER D 7 13.16 -6.41 9.80
C SER D 7 13.51 -5.10 9.12
N PHE D 8 14.80 -4.86 8.95
CA PHE D 8 15.29 -3.66 8.31
C PHE D 8 16.15 -4.02 7.12
N LYS D 9 15.90 -3.34 6.01
CA LYS D 9 16.67 -3.55 4.81
C LYS D 9 17.43 -2.26 4.59
N ASN D 10 16.87 -1.18 5.11
CA ASN D 10 17.47 0.12 4.95
C ASN D 10 17.55 0.82 6.28
N PHE D 11 18.74 0.86 6.84
CA PHE D 11 18.92 1.57 8.09
C PHE D 11 18.80 3.07 7.79
N SER D 14 15.99 5.81 13.01
CA SER D 14 16.22 6.29 14.38
C SER D 14 15.78 5.23 15.37
N SER D 15 15.66 4.01 14.87
CA SER D 15 15.26 2.89 15.72
C SER D 15 16.50 2.27 16.36
N PHE D 16 17.63 2.95 16.21
CA PHE D 16 18.88 2.48 16.75
C PHE D 16 19.54 3.48 17.65
N ILE D 17 20.24 2.96 18.62
CA ILE D 17 20.97 3.78 19.56
C ILE D 17 22.41 3.57 19.17
N LEU D 18 23.08 4.66 18.82
CA LEU D 18 24.48 4.59 18.39
C LEU D 18 25.48 5.09 19.43
N GLN D 19 26.61 4.39 19.50
CA GLN D 19 27.64 4.75 20.46
C GLN D 19 28.97 4.76 19.74
N GLY D 20 29.81 5.73 20.10
CA GLY D 20 31.14 5.82 19.49
C GLY D 20 31.08 6.23 18.04
N ASP D 21 31.97 5.64 17.24
CA ASP D 21 32.06 5.95 15.82
C ASP D 21 30.89 5.37 15.01
N ALA D 22 30.02 4.64 15.68
CA ALA D 22 28.85 4.04 15.01
C ALA D 22 28.10 5.10 14.21
N THR D 23 27.79 4.79 12.96
CA THR D 23 27.10 5.73 12.10
C THR D 23 26.35 5.04 10.96
N VAL D 24 25.31 5.69 10.48
CA VAL D 24 24.55 5.14 9.36
C VAL D 24 24.60 6.15 8.22
N SER D 25 24.91 5.65 7.04
CA SER D 25 25.00 6.49 5.86
C SER D 25 24.89 5.56 4.64
N SER D 26 24.17 6.01 3.64
CA SER D 26 23.96 5.21 2.44
C SER D 26 22.96 4.11 2.80
N SER D 27 22.16 4.38 3.83
CA SER D 27 21.17 3.43 4.26
C SER D 27 21.83 2.10 4.64
N LYS D 28 22.97 2.20 5.33
CA LYS D 28 23.70 1.01 5.80
C LYS D 28 24.45 1.38 7.07
N LEU D 29 24.40 0.51 8.06
CA LEU D 29 25.06 0.76 9.32
C LEU D 29 26.57 0.59 9.21
N ARG D 30 27.32 1.67 9.42
CA ARG D 30 28.77 1.62 9.35
C ARG D 30 29.30 1.79 10.81
N LEU D 31 29.68 0.68 11.43
CA LEU D 31 30.19 0.63 12.82
C LEU D 31 31.59 1.23 13.15
N THR D 32 32.53 1.21 12.21
CA THR D 32 33.85 1.79 12.47
C THR D 32 34.06 2.97 11.54
N LYS D 33 35.01 3.82 11.91
CA LYS D 33 35.33 5.01 11.17
C LYS D 33 35.85 4.78 9.76
N VAL D 34 35.55 5.74 8.89
CA VAL D 34 36.01 5.68 7.52
C VAL D 34 36.37 7.10 7.07
N LYS D 35 37.55 7.24 6.49
CA LYS D 35 38.04 8.54 6.03
C LYS D 35 37.27 9.06 4.82
N GLY D 36 37.63 10.27 4.39
CA GLY D 36 36.96 10.84 3.24
C GLY D 36 37.23 9.96 2.03
N ASN D 37 38.47 9.50 1.92
CA ASN D 37 38.88 8.64 0.81
C ASN D 37 38.12 7.31 0.82
N GLY D 38 37.50 7.00 1.95
CA GLY D 38 36.76 5.76 2.08
C GLY D 38 37.53 4.60 2.69
N LEU D 39 38.71 4.87 3.23
CA LEU D 39 39.54 3.83 3.84
C LEU D 39 39.22 3.75 5.35
N PRO D 40 39.44 2.58 5.98
CA PRO D 40 39.17 2.39 7.41
C PRO D 40 39.91 3.38 8.31
N THR D 41 39.98 3.06 9.59
CA THR D 41 40.63 3.94 10.59
C THR D 41 41.17 3.18 11.78
N LEU D 42 42.41 3.49 12.19
CA LEU D 42 43.02 2.81 13.33
C LEU D 42 42.39 3.38 14.63
N SER D 43 42.34 2.57 15.68
CA SER D 43 41.77 2.96 16.97
C SER D 43 40.32 3.42 16.91
N SER D 44 39.46 2.61 16.31
CA SER D 44 38.04 2.93 16.19
C SER D 44 37.18 1.98 17.00
N LEU D 45 35.96 2.42 17.33
CA LEU D 45 35.01 1.63 18.10
C LEU D 45 33.59 2.16 17.96
N GLY D 46 32.65 1.29 17.59
CA GLY D 46 31.27 1.70 17.44
C GLY D 46 30.29 0.58 17.80
N ARG D 47 29.19 0.95 18.44
CA ARG D 47 28.17 -0.01 18.82
C ARG D 47 26.83 0.55 18.38
N ALA D 48 25.92 -0.34 18.01
CA ALA D 48 24.61 0.08 17.56
C ALA D 48 23.59 -0.89 18.16
N PHE D 49 22.55 -0.33 18.75
CA PHE D 49 21.50 -1.12 19.41
C PHE D 49 20.07 -0.75 19.10
N TYR D 50 19.23 -1.76 19.06
CA TYR D 50 17.82 -1.53 18.83
C TYR D 50 17.21 -0.75 20.00
N SER D 51 16.47 0.31 19.67
CA SER D 51 15.79 1.21 20.61
C SER D 51 14.96 0.53 21.67
N SER D 52 14.16 -0.43 21.28
CA SER D 52 13.35 -1.12 22.26
C SER D 52 14.05 -2.36 22.81
N PRO D 53 14.16 -2.46 24.13
CA PRO D 53 14.79 -3.56 24.88
C PRO D 53 13.94 -4.81 24.77
N ILE D 54 14.58 -5.96 24.75
CA ILE D 54 13.79 -7.18 24.63
C ILE D 54 14.04 -8.09 25.84
N GLN D 55 12.99 -8.81 26.24
CA GLN D 55 13.02 -9.71 27.38
C GLN D 55 13.42 -11.13 27.03
N ILE D 56 14.53 -11.59 27.61
CA ILE D 56 15.07 -12.92 27.36
C ILE D 56 14.35 -14.06 28.08
N TYR D 57 13.92 -13.78 29.30
CA TYR D 57 13.23 -14.77 30.12
C TYR D 57 12.42 -14.08 31.20
N ASP D 58 11.65 -14.87 31.94
CA ASP D 58 10.81 -14.35 33.02
C ASP D 58 11.14 -15.01 34.36
N LYS D 59 11.62 -14.21 35.31
CA LYS D 59 11.99 -14.72 36.62
C LYS D 59 10.85 -15.49 37.29
N SER D 60 9.66 -14.90 37.26
CA SER D 60 8.47 -15.52 37.85
C SER D 60 8.06 -16.81 37.14
N THR D 61 7.53 -16.69 35.94
CA THR D 61 7.09 -17.84 35.15
C THR D 61 8.17 -18.92 34.96
N GLY D 62 9.43 -18.50 34.90
CA GLY D 62 10.52 -19.44 34.69
C GLY D 62 10.72 -19.73 33.22
N ALA D 63 9.79 -19.24 32.42
CA ALA D 63 9.83 -19.43 30.98
C ALA D 63 11.02 -18.70 30.37
N VAL D 64 11.56 -19.31 29.32
CA VAL D 64 12.66 -18.69 28.62
C VAL D 64 12.39 -18.65 27.11
N ALA D 65 12.58 -17.47 26.55
CA ALA D 65 12.32 -17.26 25.15
C ALA D 65 13.39 -17.85 24.26
N SER D 66 12.91 -18.34 23.11
CA SER D 66 13.74 -18.89 22.06
C SER D 66 13.69 -17.73 21.07
N TRP D 67 14.80 -17.44 20.42
CA TRP D 67 14.83 -16.33 19.47
C TRP D 67 15.80 -16.60 18.33
N ALA D 68 15.78 -15.71 17.33
CA ALA D 68 16.68 -15.87 16.18
C ALA D 68 16.94 -14.51 15.57
N THR D 69 18.10 -14.38 14.92
CA THR D 69 18.48 -13.14 14.26
C THR D 69 19.37 -13.39 13.02
N SER D 70 19.18 -12.59 11.99
CA SER D 70 19.98 -12.74 10.80
C SER D 70 20.36 -11.35 10.32
N PHE D 71 21.44 -11.27 9.54
CA PHE D 71 21.86 -10.01 8.99
C PHE D 71 23.00 -10.20 8.03
N THR D 72 23.15 -9.26 7.10
CA THR D 72 24.21 -9.36 6.11
C THR D 72 25.23 -8.29 6.42
N ALA D 73 26.51 -8.62 6.26
CA ALA D 73 27.59 -7.67 6.52
C ALA D 73 28.77 -7.79 5.58
N ASN D 74 29.41 -6.68 5.18
CA ASN D 74 30.62 -6.71 4.31
C ASN D 74 31.75 -6.15 5.16
N ILE D 75 32.91 -6.79 5.06
CA ILE D 75 34.09 -6.34 5.78
C ILE D 75 35.24 -6.25 4.79
N PHE D 76 35.79 -5.04 4.60
CA PHE D 76 36.92 -4.85 3.69
C PHE D 76 38.09 -4.36 4.51
N ALA D 77 39.21 -5.04 4.33
CA ALA D 77 40.42 -4.68 5.03
C ALA D 77 41.51 -4.65 4.00
N PRO D 78 42.00 -3.45 3.66
CA PRO D 78 43.08 -3.41 2.67
C PRO D 78 44.22 -4.15 3.39
N ASN D 79 45.02 -4.90 2.64
CA ASN D 79 46.07 -5.71 3.28
C ASN D 79 45.26 -6.69 4.16
N LYS D 80 44.70 -7.71 3.51
CA LYS D 80 43.90 -8.75 4.16
C LYS D 80 44.59 -9.21 5.42
N SER D 81 45.90 -9.39 5.32
CA SER D 81 46.74 -9.84 6.41
C SER D 81 46.89 -8.85 7.56
N SER D 82 46.27 -7.69 7.47
CA SER D 82 46.34 -6.67 8.50
C SER D 82 44.94 -6.33 8.94
N SER D 83 44.09 -7.36 8.98
CA SER D 83 42.71 -7.19 9.36
C SER D 83 42.58 -7.19 10.88
N ALA D 84 41.72 -6.32 11.40
CA ALA D 84 41.48 -6.20 12.83
C ALA D 84 40.36 -5.19 13.10
N ASP D 85 39.61 -5.36 14.18
CA ASP D 85 39.81 -6.46 15.11
C ASP D 85 38.68 -7.47 14.93
N GLY D 86 37.62 -7.03 14.26
CA GLY D 86 36.47 -7.87 14.03
C GLY D 86 35.15 -7.25 14.46
N ILE D 87 34.08 -8.03 14.37
CA ILE D 87 32.77 -7.54 14.76
C ILE D 87 31.98 -8.59 15.55
N ALA D 88 31.07 -8.13 16.42
CA ALA D 88 30.29 -9.04 17.23
C ALA D 88 28.84 -8.66 17.45
N PHE D 89 28.00 -9.69 17.56
CA PHE D 89 26.58 -9.48 17.81
C PHE D 89 26.48 -9.68 19.30
N ALA D 90 25.79 -8.78 20.01
CA ALA D 90 25.71 -8.94 21.45
C ALA D 90 24.42 -8.61 22.15
N LEU D 91 24.33 -9.14 23.36
CA LEU D 91 23.20 -8.95 24.25
C LEU D 91 23.88 -8.40 25.49
N VAL D 92 23.59 -7.14 25.78
CA VAL D 92 24.18 -6.45 26.92
C VAL D 92 23.10 -5.82 27.78
N PRO D 93 23.44 -5.53 29.04
CA PRO D 93 22.48 -4.91 29.97
C PRO D 93 22.17 -3.53 29.40
N VAL D 94 20.89 -3.17 29.45
CA VAL D 94 20.39 -1.91 28.90
C VAL D 94 21.23 -0.63 28.83
N GLY D 95 21.48 0.00 29.98
CA GLY D 95 22.25 1.25 29.95
C GLY D 95 23.69 1.11 29.50
N SER D 96 24.16 -0.13 29.41
CA SER D 96 25.52 -0.48 29.01
C SER D 96 26.32 0.55 28.19
N GLU D 97 27.43 1.01 28.78
CA GLU D 97 28.32 1.95 28.13
C GLU D 97 29.35 1.02 27.52
N PRO D 98 30.00 1.45 26.45
CA PRO D 98 31.01 0.58 25.80
C PRO D 98 32.08 0.06 26.76
N LYS D 99 32.71 -1.05 26.37
CA LYS D 99 33.78 -1.67 27.16
C LYS D 99 35.12 -1.44 26.43
N SER D 100 36.11 -2.29 26.73
CA SER D 100 37.46 -2.18 26.13
C SER D 100 37.52 -2.26 24.59
N ASN D 101 38.55 -1.67 23.98
CA ASN D 101 38.69 -1.64 22.52
C ASN D 101 39.56 -2.66 21.73
N PHE D 104 39.14 -6.89 22.25
CA PHE D 104 37.93 -6.99 23.15
C PHE D 104 36.62 -6.56 22.50
N LEU D 105 36.75 -6.03 21.29
CA LEU D 105 35.59 -5.64 20.50
C LEU D 105 34.54 -4.73 21.19
N GLY D 106 34.96 -3.97 22.20
CA GLY D 106 34.03 -3.07 22.87
C GLY D 106 32.88 -3.68 23.67
N VAL D 107 33.02 -4.95 24.08
CA VAL D 107 31.96 -5.61 24.85
C VAL D 107 32.44 -6.34 26.09
N PHE D 108 33.75 -6.61 26.15
CA PHE D 108 34.34 -7.28 27.30
C PHE D 108 35.56 -6.51 27.78
N ASP D 109 35.99 -6.80 29.00
CA ASP D 109 37.14 -6.13 29.60
C ASP D 109 38.35 -7.06 29.82
N SER D 110 38.10 -8.36 29.99
CA SER D 110 39.17 -9.36 30.21
C SER D 110 38.79 -10.71 29.65
N ASP D 111 39.78 -11.61 29.60
CA ASP D 111 39.55 -12.97 29.11
C ASP D 111 39.19 -13.90 30.26
N VAL D 112 38.83 -13.28 31.38
CA VAL D 112 38.43 -14.03 32.57
C VAL D 112 36.93 -13.91 32.82
N TYR D 113 36.28 -15.05 33.07
CA TYR D 113 34.84 -15.07 33.30
C TYR D 113 34.45 -14.15 34.45
N ASP D 114 33.53 -13.25 34.15
CA ASP D 114 33.06 -12.29 35.10
C ASP D 114 31.55 -12.13 34.93
N ASN D 115 30.79 -12.89 35.70
CA ASN D 115 29.34 -12.85 35.63
C ASN D 115 28.75 -11.46 35.70
N SER D 116 29.48 -10.56 36.36
CA SER D 116 29.06 -9.16 36.51
C SER D 116 28.94 -8.44 35.18
N ALA D 117 29.62 -8.97 34.16
CA ALA D 117 29.59 -8.41 32.81
C ALA D 117 28.17 -8.56 32.25
N GLN D 118 27.53 -9.68 32.57
CA GLN D 118 26.17 -9.95 32.10
C GLN D 118 26.11 -9.68 30.60
N THR D 119 27.08 -10.24 29.87
CA THR D 119 27.16 -10.04 28.43
C THR D 119 27.47 -11.32 27.69
N VAL D 120 26.74 -11.54 26.61
CA VAL D 120 26.96 -12.73 25.80
C VAL D 120 27.03 -12.25 24.35
N ALA D 121 27.99 -12.75 23.59
CA ALA D 121 28.13 -12.32 22.22
C ALA D 121 28.70 -13.34 21.27
N VAL D 122 28.43 -13.13 19.99
CA VAL D 122 28.93 -13.99 18.95
C VAL D 122 29.93 -13.11 18.21
N GLU D 123 31.19 -13.52 18.27
CA GLU D 123 32.28 -12.76 17.66
C GLU D 123 32.67 -13.32 16.31
N PHE D 124 33.19 -12.42 15.48
CA PHE D 124 33.68 -12.76 14.15
C PHE D 124 35.04 -12.12 14.17
N ASP D 125 35.94 -12.78 14.89
CA ASP D 125 37.33 -12.37 15.12
C ASP D 125 38.17 -12.46 13.85
N THR D 126 38.82 -11.35 13.48
CA THR D 126 39.67 -11.31 12.28
C THR D 126 41.16 -11.17 12.60
N PHE D 127 41.48 -10.75 13.83
CA PHE D 127 42.87 -10.61 14.31
C PHE D 127 43.02 -11.56 15.48
N SER D 128 44.02 -12.44 15.41
CA SER D 128 44.25 -13.44 16.44
C SER D 128 45.07 -12.97 17.65
N ASN D 129 44.38 -12.62 18.73
CA ASN D 129 45.06 -12.19 19.94
C ASN D 129 45.64 -13.42 20.67
N THR D 130 46.95 -13.62 20.54
CA THR D 130 47.64 -14.75 21.16
C THR D 130 47.26 -14.96 22.62
N TRP D 132 44.70 -15.47 24.09
CA TRP D 132 43.39 -16.14 24.13
C TRP D 132 42.74 -16.66 22.83
N ASP D 133 42.96 -15.99 21.69
CA ASP D 133 42.37 -16.41 20.40
C ASP D 133 43.11 -17.59 19.73
N PRO D 134 42.41 -18.37 18.88
CA PRO D 134 43.02 -19.50 18.16
C PRO D 134 43.79 -18.92 16.98
N THR D 135 44.70 -19.71 16.43
CA THR D 135 45.55 -19.27 15.32
C THR D 135 44.98 -18.50 14.13
N SER D 136 43.76 -18.82 13.66
CA SER D 136 43.23 -18.10 12.51
C SER D 136 41.85 -17.44 12.74
N ARG D 137 41.37 -16.71 11.73
CA ARG D 137 40.07 -16.03 11.85
C ARG D 137 39.02 -17.06 12.25
N HIS D 138 38.17 -16.70 13.20
CA HIS D 138 37.20 -17.64 13.70
C HIS D 138 35.87 -16.99 14.05
N ILE D 139 34.92 -17.86 14.36
CA ILE D 139 33.59 -17.46 14.80
C ILE D 139 33.56 -18.02 16.22
N GLY D 140 33.27 -17.19 17.20
CA GLY D 140 33.25 -17.69 18.57
C GLY D 140 32.01 -17.33 19.38
N ILE D 141 31.78 -18.07 20.46
CA ILE D 141 30.65 -17.82 21.35
C ILE D 141 31.25 -17.35 22.66
N ASP D 142 31.04 -16.08 22.96
CA ASP D 142 31.60 -15.48 24.16
C ASP D 142 30.58 -15.32 25.29
N VAL D 143 30.91 -15.88 26.44
CA VAL D 143 30.02 -15.77 27.59
C VAL D 143 30.78 -15.13 28.73
N ASN D 144 30.54 -13.84 28.91
CA ASN D 144 31.17 -13.05 29.96
C ASN D 144 32.70 -13.08 29.96
N SER D 145 33.30 -13.10 28.77
CA SER D 145 34.75 -13.14 28.63
C SER D 145 35.10 -13.13 27.14
N ILE D 146 36.20 -12.45 26.76
CA ILE D 146 36.64 -12.38 25.36
C ILE D 146 37.19 -13.74 24.90
N LYS D 147 37.26 -14.68 25.83
CA LYS D 147 37.72 -16.04 25.56
C LYS D 147 36.47 -16.85 25.22
N SER D 148 36.32 -17.15 23.94
CA SER D 148 35.16 -17.89 23.44
C SER D 148 35.11 -19.26 24.09
N ILE D 149 33.90 -19.82 24.22
CA ILE D 149 33.72 -21.13 24.83
C ILE D 149 33.61 -22.24 23.78
N ARG D 150 33.68 -21.84 22.50
CA ARG D 150 33.68 -22.73 21.32
C ARG D 150 33.98 -21.81 20.12
N THR D 151 34.82 -22.28 19.19
CA THR D 151 35.15 -21.48 18.03
C THR D 151 35.14 -22.33 16.77
N ALA D 152 35.21 -21.67 15.62
CA ALA D 152 35.20 -22.35 14.33
C ALA D 152 36.01 -21.57 13.31
N SER D 153 36.81 -22.30 12.52
CA SER D 153 37.64 -21.67 11.51
C SER D 153 36.73 -20.97 10.52
N TRP D 154 37.10 -19.75 10.15
CA TRP D 154 36.33 -18.95 9.23
C TRP D 154 37.15 -18.37 8.09
N GLY D 155 36.80 -18.79 6.87
CA GLY D 155 37.48 -18.30 5.70
C GLY D 155 36.93 -16.94 5.30
N LEU D 156 37.68 -15.90 5.63
CA LEU D 156 37.25 -14.55 5.34
C LEU D 156 37.34 -14.12 3.88
N ALA D 157 36.20 -13.69 3.34
CA ALA D 157 36.14 -13.21 1.97
C ALA D 157 36.15 -11.70 2.01
N ASN D 158 37.36 -11.14 2.01
CA ASN D 158 37.59 -9.70 2.04
C ASN D 158 36.72 -8.96 1.02
N GLY D 159 36.00 -7.93 1.48
CA GLY D 159 35.16 -7.15 0.59
C GLY D 159 33.79 -7.74 0.29
N GLN D 160 33.71 -9.07 0.28
CA GLN D 160 32.48 -9.77 0.00
C GLN D 160 31.53 -9.78 1.17
N ASN D 161 30.27 -10.03 0.87
CA ASN D 161 29.26 -10.08 1.89
C ASN D 161 29.20 -11.37 2.62
N ALA D 162 28.72 -11.28 3.85
CA ALA D 162 28.54 -12.43 4.73
C ALA D 162 27.12 -12.40 5.26
N GLU D 163 26.43 -13.49 4.99
CA GLU D 163 25.06 -13.63 5.43
C GLU D 163 25.18 -14.53 6.65
N ILE D 164 24.88 -14.00 7.83
CA ILE D 164 24.97 -14.77 9.07
C ILE D 164 23.59 -15.02 9.73
N LEU D 165 23.53 -16.09 10.51
CA LEU D 165 22.30 -16.48 11.20
C LEU D 165 22.56 -17.10 12.56
N ILE D 166 22.06 -16.42 13.59
CA ILE D 166 22.21 -16.87 14.96
C ILE D 166 20.86 -17.28 15.55
N THR D 167 20.84 -18.41 16.26
CA THR D 167 19.59 -18.87 16.89
C THR D 167 19.79 -19.50 18.24
N TYR D 168 18.83 -19.28 19.12
CA TYR D 168 18.90 -19.84 20.45
C TYR D 168 17.66 -20.64 20.80
N ASN D 169 17.80 -21.95 20.89
CA ASN D 169 16.69 -22.84 21.24
C ASN D 169 16.63 -23.00 22.74
N ALA D 170 15.60 -22.43 23.35
CA ALA D 170 15.44 -22.47 24.78
C ALA D 170 15.25 -23.89 25.33
N ALA D 171 14.68 -24.77 24.50
CA ALA D 171 14.43 -26.16 24.91
C ALA D 171 15.71 -26.94 25.12
N THR D 172 16.67 -26.71 24.25
CA THR D 172 17.94 -27.39 24.33
C THR D 172 19.02 -26.49 24.95
N SER D 173 18.70 -25.21 25.11
CA SER D 173 19.64 -24.24 25.66
C SER D 173 20.86 -24.17 24.74
N LEU D 174 20.64 -24.55 23.48
CA LEU D 174 21.70 -24.56 22.48
C LEU D 174 21.71 -23.29 21.64
N LEU D 175 22.88 -22.69 21.51
CA LEU D 175 23.06 -21.50 20.70
C LEU D 175 23.85 -21.86 19.43
N VAL D 176 23.33 -21.49 18.25
CA VAL D 176 24.00 -21.81 16.99
C VAL D 176 24.20 -20.62 16.07
N ALA D 177 25.37 -20.61 15.41
CA ALA D 177 25.72 -19.52 14.49
C ALA D 177 26.34 -19.99 13.20
N SER D 178 26.11 -19.24 12.10
CA SER D 178 26.63 -19.59 10.77
C SER D 178 26.88 -18.41 9.80
N LEU D 179 28.10 -18.27 9.29
CA LEU D 179 28.39 -17.17 8.33
C LEU D 179 28.38 -17.93 7.02
N VAL D 180 28.00 -17.24 5.94
CA VAL D 180 27.96 -17.83 4.61
C VAL D 180 28.31 -16.77 3.58
N HIS D 181 29.31 -17.06 2.76
CA HIS D 181 29.75 -16.14 1.72
C HIS D 181 29.23 -16.72 0.43
N PRO D 182 28.17 -16.12 -0.13
CA PRO D 182 27.61 -16.64 -1.38
C PRO D 182 28.59 -16.46 -2.54
N SER D 183 29.33 -15.36 -2.55
CA SER D 183 30.33 -15.10 -3.58
C SER D 183 31.18 -16.34 -3.80
N ARG D 184 31.51 -17.02 -2.70
CA ARG D 184 32.35 -18.22 -2.77
C ARG D 184 31.70 -19.51 -2.27
N ARG D 185 30.38 -19.54 -2.17
CA ARG D 185 29.67 -20.73 -1.71
C ARG D 185 30.32 -21.42 -0.50
N THR D 186 30.82 -20.62 0.45
CA THR D 186 31.46 -21.15 1.66
C THR D 186 30.48 -21.10 2.84
N SER D 187 30.61 -22.04 3.78
CA SER D 187 29.71 -22.05 4.92
C SER D 187 30.39 -22.50 6.21
N TYR D 188 29.93 -21.96 7.35
CA TYR D 188 30.47 -22.31 8.68
C TYR D 188 29.43 -22.26 9.82
N ILE D 189 29.59 -23.13 10.83
CA ILE D 189 28.68 -23.16 11.99
C ILE D 189 29.48 -23.42 13.27
N VAL D 190 28.85 -23.07 14.40
CA VAL D 190 29.41 -23.25 15.74
C VAL D 190 28.21 -23.48 16.62
N SER D 191 28.28 -24.44 17.52
CA SER D 191 27.18 -24.72 18.43
C SER D 191 27.72 -24.79 19.84
N GLU D 192 26.84 -24.53 20.80
CA GLU D 192 27.23 -24.54 22.19
C GLU D 192 26.06 -24.29 23.13
N ARG D 193 25.95 -25.12 24.17
CA ARG D 193 24.90 -24.97 25.19
C ARG D 193 25.24 -23.66 25.91
N VAL D 194 24.24 -22.93 26.36
CA VAL D 194 24.47 -21.70 27.10
C VAL D 194 23.34 -21.48 28.08
N ASP D 195 23.65 -21.45 29.36
CA ASP D 195 22.61 -21.24 30.36
C ASP D 195 22.32 -19.76 30.44
N ILE D 196 21.53 -19.30 29.49
CA ILE D 196 21.19 -17.92 29.38
C ILE D 196 20.70 -17.22 30.67
N THR D 197 20.00 -17.95 31.53
CA THR D 197 19.47 -17.31 32.75
C THR D 197 20.54 -16.90 33.72
N ASN D 198 21.70 -17.54 33.64
CA ASN D 198 22.79 -17.22 34.54
C ASN D 198 23.76 -16.24 34.00
N GLU D 199 23.82 -16.17 32.68
CA GLU D 199 24.76 -15.29 32.00
C GLU D 199 24.25 -13.88 31.71
N LEU D 200 22.92 -13.71 31.71
CA LEU D 200 22.33 -12.40 31.39
C LEU D 200 21.11 -12.01 32.20
N PRO D 201 20.71 -10.73 32.11
CA PRO D 201 19.55 -10.09 32.78
C PRO D 201 18.21 -10.48 32.10
N GLU D 202 17.11 -10.20 32.79
CA GLU D 202 15.79 -10.50 32.26
C GLU D 202 15.55 -9.72 30.98
N TYR D 203 16.05 -8.49 30.97
CA TYR D 203 15.92 -7.59 29.83
C TYR D 203 17.28 -7.12 29.35
N VAL D 204 17.51 -7.24 28.05
CA VAL D 204 18.79 -6.84 27.49
C VAL D 204 18.60 -5.99 26.26
N SER D 205 19.71 -5.54 25.70
CA SER D 205 19.71 -4.74 24.48
C SER D 205 20.49 -5.53 23.43
N ILE D 206 19.92 -5.64 22.24
CA ILE D 206 20.60 -6.38 21.19
C ILE D 206 21.21 -5.45 20.18
N GLY D 207 22.31 -5.88 19.59
CA GLY D 207 22.95 -5.03 18.61
C GLY D 207 24.32 -5.51 18.20
N PHE D 208 25.10 -4.58 17.65
CA PHE D 208 26.43 -4.86 17.19
C PHE D 208 27.47 -3.96 17.84
N SER D 209 28.73 -4.43 17.74
CA SER D 209 29.89 -3.75 18.27
C SER D 209 31.09 -4.20 17.44
N ALA D 210 31.91 -3.24 17.00
CA ALA D 210 33.07 -3.55 16.20
C ALA D 210 34.20 -2.58 16.53
N THR D 211 35.43 -3.08 16.46
CA THR D 211 36.62 -2.28 16.75
C THR D 211 37.68 -2.48 15.67
N THR D 212 38.73 -1.66 15.76
CA THR D 212 39.85 -1.78 14.84
C THR D 212 41.13 -1.77 15.66
N GLY D 213 42.23 -2.09 15.01
CA GLY D 213 43.51 -2.16 15.70
C GLY D 213 44.07 -0.81 16.10
N LEU D 214 45.19 -0.86 16.81
CA LEU D 214 45.87 0.32 17.30
C LEU D 214 47.12 0.66 16.49
N SER D 215 47.97 -0.32 16.21
CA SER D 215 49.20 -0.09 15.44
C SER D 215 49.05 -0.05 13.91
N TYR D 218 46.52 -2.13 10.69
CA TYR D 218 45.51 -3.06 11.22
C TYR D 218 44.09 -2.52 11.41
N THR D 219 43.33 -2.53 10.33
CA THR D 219 41.93 -2.10 10.32
C THR D 219 41.18 -2.68 9.16
N GLU D 220 39.88 -2.48 9.22
CA GLU D 220 38.98 -2.96 8.21
C GLU D 220 37.69 -2.19 8.42
N THR D 221 36.74 -2.42 7.54
CA THR D 221 35.46 -1.77 7.65
C THR D 221 34.49 -2.74 8.29
N HIS D 222 33.48 -2.18 8.94
CA HIS D 222 32.46 -2.98 9.59
C HIS D 222 31.15 -2.33 9.21
N ASP D 223 30.50 -2.87 8.18
CA ASP D 223 29.22 -2.34 7.71
C ASP D 223 28.13 -3.41 7.71
N VAL D 224 27.05 -3.15 8.43
CA VAL D 224 25.91 -4.06 8.47
C VAL D 224 24.99 -3.56 7.36
N LEU D 225 24.48 -4.50 6.57
CA LEU D 225 23.63 -4.17 5.45
C LEU D 225 22.14 -4.35 5.68
N SER D 226 21.76 -5.39 6.41
CA SER D 226 20.37 -5.66 6.71
C SER D 226 20.33 -6.39 8.05
N TRP D 227 19.21 -6.25 8.76
CA TRP D 227 19.07 -6.87 10.07
C TRP D 227 17.65 -7.31 10.39
N SER D 228 17.49 -8.55 10.82
CA SER D 228 16.19 -9.08 11.14
C SER D 228 16.23 -9.79 12.46
N PHE D 229 15.15 -9.68 13.22
CA PHE D 229 15.09 -10.30 14.54
C PHE D 229 13.70 -10.74 15.01
N ALA D 230 13.67 -11.79 15.83
CA ALA D 230 12.43 -12.34 16.37
C ALA D 230 12.66 -13.16 17.63
N SER D 231 11.81 -12.91 18.63
CA SER D 231 11.86 -13.58 19.92
C SER D 231 10.46 -14.05 20.28
N LYS D 232 10.36 -15.18 20.96
CA LYS D 232 9.07 -15.73 21.35
C LYS D 232 9.12 -16.21 22.80
N LEU D 233 8.50 -15.47 23.71
CA LEU D 233 8.48 -15.84 25.12
C LEU D 233 7.15 -16.47 25.52
N PRO D 234 7.20 -17.66 26.12
CA PRO D 234 6.01 -18.39 26.56
C PRO D 234 5.51 -17.95 27.96
N ASP D 235 4.46 -18.61 28.46
CA ASP D 235 3.87 -18.30 29.79
C ASP D 235 4.24 -19.39 30.80
N ALA E 1 0.14 7.22 -26.79
CA ALA E 1 -0.01 8.68 -26.51
C ALA E 1 1.35 9.34 -26.52
N ASP E 2 1.56 10.21 -27.49
CA ASP E 2 2.83 10.92 -27.61
C ASP E 2 2.66 12.30 -26.94
N ILE E 3 3.60 12.62 -26.05
CA ILE E 3 3.57 13.90 -25.35
C ILE E 3 4.84 14.72 -25.56
N GLN E 4 4.66 16.03 -25.67
CA GLN E 4 5.76 16.92 -25.87
C GLN E 4 5.45 18.13 -25.03
N SER E 5 6.37 18.51 -24.16
CA SER E 5 6.16 19.68 -23.32
C SER E 5 7.47 20.35 -22.95
N PHE E 6 7.38 21.60 -22.54
CA PHE E 6 8.54 22.35 -22.13
C PHE E 6 8.14 23.58 -21.33
N SER E 7 9.12 24.14 -20.62
CA SER E 7 8.87 25.33 -19.86
C SER E 7 10.15 26.14 -19.72
N PHE E 8 10.07 27.40 -20.11
CA PHE E 8 11.20 28.30 -20.03
C PHE E 8 10.84 29.51 -19.20
N LYS E 9 11.73 29.88 -18.30
CA LYS E 9 11.53 31.04 -17.47
C LYS E 9 12.62 32.01 -17.89
N ASN E 10 13.70 31.47 -18.42
CA ASN E 10 14.82 32.28 -18.84
C ASN E 10 15.23 31.91 -20.23
N PHE E 11 14.89 32.75 -21.18
CA PHE E 11 15.31 32.49 -22.55
C PHE E 11 16.81 32.76 -22.62
N SER E 14 19.28 28.49 -26.91
CA SER E 14 19.44 28.17 -28.34
C SER E 14 18.38 27.20 -28.79
N SER E 15 17.33 27.10 -27.98
CA SER E 15 16.23 26.21 -28.30
C SER E 15 15.21 26.93 -29.18
N PHE E 16 15.61 28.11 -29.64
CA PHE E 16 14.75 28.92 -30.48
C PHE E 16 15.39 29.29 -31.77
N ILE E 17 14.55 29.42 -32.79
CA ILE E 17 15.00 29.80 -34.10
C ILE E 17 14.50 31.23 -34.24
N LEU E 18 15.43 32.14 -34.47
CA LEU E 18 15.08 33.56 -34.59
C LEU E 18 15.11 34.08 -36.01
N GLN E 19 14.16 34.95 -36.33
CA GLN E 19 14.08 35.52 -37.65
C GLN E 19 13.87 37.02 -37.52
N GLY E 20 14.52 37.77 -38.40
CA GLY E 20 14.39 39.21 -38.39
C GLY E 20 15.02 39.86 -37.19
N ASP E 21 14.37 40.88 -36.66
CA ASP E 21 14.88 41.61 -35.51
C ASP E 21 14.76 40.84 -34.20
N ALA E 22 14.16 39.64 -34.27
CA ALA E 22 13.99 38.80 -33.09
C ALA E 22 15.33 38.63 -32.36
N THR E 23 15.33 38.84 -31.05
CA THR E 23 16.54 38.74 -30.26
C THR E 23 16.26 38.45 -28.80
N VAL E 24 17.22 37.83 -28.14
CA VAL E 24 17.08 37.54 -26.72
C VAL E 24 18.21 38.23 -25.98
N SER E 25 17.87 38.93 -24.91
CA SER E 25 18.83 39.65 -24.11
C SER E 25 18.18 39.91 -22.76
N SER E 26 18.96 39.78 -21.70
CA SER E 26 18.45 39.96 -20.35
C SER E 26 17.59 38.74 -20.01
N SER E 27 17.89 37.63 -20.69
CA SER E 27 17.15 36.40 -20.46
C SER E 27 15.65 36.62 -20.71
N LYS E 28 15.34 37.35 -21.78
CA LYS E 28 13.96 37.61 -22.16
C LYS E 28 13.90 37.82 -23.68
N LEU E 29 12.92 37.20 -24.32
CA LEU E 29 12.78 37.31 -25.76
C LEU E 29 12.25 38.67 -26.18
N ARG E 30 13.06 39.42 -26.92
CA ARG E 30 12.65 40.73 -27.40
C ARG E 30 12.44 40.62 -28.94
N LEU E 31 11.18 40.51 -29.36
CA LEU E 31 10.78 40.36 -30.77
C LEU E 31 10.94 41.56 -31.74
N THR E 32 10.84 42.80 -31.26
CA THR E 32 11.02 43.96 -32.14
C THR E 32 12.24 44.74 -31.69
N LYS E 33 12.75 45.55 -32.60
CA LYS E 33 13.93 46.36 -32.36
C LYS E 33 13.80 47.37 -31.24
N VAL E 34 14.94 47.64 -30.60
CA VAL E 34 15.00 48.61 -29.54
C VAL E 34 16.33 49.36 -29.64
N LYS E 35 16.27 50.69 -29.61
CA LYS E 35 17.46 51.53 -29.71
C LYS E 35 18.35 51.44 -28.49
N GLY E 36 19.48 52.13 -28.53
CA GLY E 36 20.39 52.13 -27.41
C GLY E 36 19.68 52.73 -26.21
N ASN E 37 18.94 53.81 -26.47
CA ASN E 37 18.20 54.49 -25.40
C ASN E 37 17.13 53.61 -24.79
N GLY E 38 16.80 52.52 -25.50
CA GLY E 38 15.78 51.60 -25.01
C GLY E 38 14.39 51.85 -25.54
N LEU E 39 14.25 52.71 -26.54
CA LEU E 39 12.95 53.01 -27.13
C LEU E 39 12.71 52.09 -28.33
N PRO E 40 11.43 51.82 -28.67
CA PRO E 40 11.08 50.94 -29.79
C PRO E 40 11.68 51.39 -31.12
N THR E 41 11.15 50.85 -32.22
CA THR E 41 11.65 51.15 -33.57
C THR E 41 10.59 51.00 -34.63
N LEU E 42 10.51 51.98 -35.55
CA LEU E 42 9.52 51.93 -36.63
C LEU E 42 10.01 50.91 -37.69
N SER E 43 9.06 50.29 -38.41
CA SER E 43 9.37 49.30 -39.44
C SER E 43 10.20 48.10 -38.96
N SER E 44 9.73 47.45 -37.88
CA SER E 44 10.43 46.30 -37.32
C SER E 44 9.60 45.03 -37.47
N LEU E 45 10.28 43.88 -37.42
CA LEU E 45 9.63 42.58 -37.54
C LEU E 45 10.52 41.45 -37.02
N GLY E 46 9.99 40.63 -36.11
CA GLY E 46 10.75 39.52 -35.57
C GLY E 46 9.87 38.34 -35.25
N ARG E 47 10.40 37.14 -35.48
CA ARG E 47 9.68 35.91 -35.20
C ARG E 47 10.63 35.00 -34.43
N ALA E 48 10.08 34.21 -33.53
CA ALA E 48 10.88 33.29 -32.74
C ALA E 48 10.11 31.98 -32.65
N PHE E 49 10.81 30.88 -32.93
CA PHE E 49 10.21 29.55 -32.91
C PHE E 49 10.98 28.45 -32.19
N TYR E 50 10.23 27.56 -31.57
CA TYR E 50 10.86 26.45 -30.90
C TYR E 50 11.56 25.53 -31.92
N SER E 51 12.81 25.18 -31.61
CA SER E 51 13.68 24.33 -32.43
C SER E 51 13.07 23.03 -32.87
N SER E 52 12.41 22.33 -31.98
CA SER E 52 11.81 21.07 -32.37
C SER E 52 10.36 21.27 -32.80
N PRO E 53 10.02 20.77 -34.01
CA PRO E 53 8.67 20.85 -34.63
C PRO E 53 7.72 19.94 -33.89
N ILE E 54 6.46 20.33 -33.81
CA ILE E 54 5.53 19.47 -33.11
C ILE E 54 4.39 19.03 -34.04
N GLN E 55 3.90 17.80 -33.81
CA GLN E 55 2.85 17.21 -34.62
C GLN E 55 1.45 17.49 -34.09
N ILE E 56 0.64 18.15 -34.90
CA ILE E 56 -0.72 18.51 -34.54
C ILE E 56 -1.75 17.38 -34.62
N TYR E 57 -1.56 16.53 -35.63
CA TYR E 57 -2.47 15.41 -35.84
C TYR E 57 -1.79 14.34 -36.67
N ASP E 58 -2.48 13.21 -36.84
CA ASP E 58 -1.96 12.09 -37.62
C ASP E 58 -2.88 11.71 -38.76
N LYS E 59 -2.41 11.87 -39.99
CA LYS E 59 -3.20 11.55 -41.17
C LYS E 59 -3.75 10.14 -41.15
N SER E 60 -2.89 9.17 -40.81
CA SER E 60 -3.27 7.77 -40.73
C SER E 60 -4.28 7.50 -39.62
N THR E 61 -3.82 7.54 -38.37
CA THR E 61 -4.69 7.30 -37.22
C THR E 61 -5.96 8.17 -37.18
N GLY E 62 -5.87 9.40 -37.70
CA GLY E 62 -7.01 10.29 -37.70
C GLY E 62 -7.10 11.05 -36.38
N ALA E 63 -6.26 10.64 -35.43
CA ALA E 63 -6.20 11.27 -34.13
C ALA E 63 -5.70 12.68 -34.22
N VAL E 64 -6.24 13.51 -33.34
CA VAL E 64 -5.82 14.90 -33.29
C VAL E 64 -5.46 15.30 -31.85
N ALA E 65 -4.29 15.90 -31.73
CA ALA E 65 -3.80 16.30 -30.44
C ALA E 65 -4.48 17.53 -29.90
N SER E 66 -4.64 17.52 -28.58
CA SER E 66 -5.20 18.62 -27.82
C SER E 66 -3.92 19.18 -27.21
N TRP E 67 -3.80 20.50 -27.12
CA TRP E 67 -2.60 21.10 -26.58
C TRP E 67 -2.91 22.40 -25.84
N ALA E 68 -1.91 22.96 -25.19
CA ALA E 68 -2.08 24.22 -24.47
C ALA E 68 -0.75 24.94 -24.36
N THR E 69 -0.81 26.25 -24.25
CA THR E 69 0.38 27.08 -24.11
C THR E 69 0.12 28.36 -23.30
N SER E 70 1.11 28.76 -22.51
CA SER E 70 0.97 29.95 -21.70
C SER E 70 2.26 30.72 -21.77
N PHE E 71 2.19 32.02 -21.50
CA PHE E 71 3.39 32.84 -21.50
C PHE E 71 3.06 34.23 -21.02
N THR E 72 4.08 34.92 -20.49
CA THR E 72 3.88 36.26 -20.00
C THR E 72 4.58 37.21 -20.92
N ALA E 73 3.96 38.36 -21.18
CA ALA E 73 4.57 39.35 -22.07
C ALA E 73 4.31 40.80 -21.63
N ASN E 74 5.28 41.72 -21.82
CA ASN E 74 5.09 43.15 -21.49
C ASN E 74 5.19 43.89 -22.82
N ILE E 75 4.30 44.87 -23.00
CA ILE E 75 4.31 45.68 -24.20
C ILE E 75 4.28 47.15 -23.78
N PHE E 76 5.32 47.91 -24.12
CA PHE E 76 5.37 49.33 -23.79
C PHE E 76 5.40 50.12 -25.07
N ALA E 77 4.50 51.08 -25.17
CA ALA E 77 4.42 51.92 -26.35
C ALA E 77 4.34 53.33 -25.85
N PRO E 78 5.42 54.11 -26.03
CA PRO E 78 5.35 55.49 -25.57
C PRO E 78 4.23 56.08 -26.44
N ASN E 79 3.44 56.99 -25.88
CA ASN E 79 2.29 57.52 -26.64
C ASN E 79 1.43 56.27 -26.89
N LYS E 80 0.70 55.88 -25.83
CA LYS E 80 -0.19 54.72 -25.84
C LYS E 80 -1.01 54.73 -27.11
N SER E 81 -1.50 55.91 -27.46
CA SER E 81 -2.33 56.12 -28.64
C SER E 81 -1.62 55.93 -29.97
N SER E 82 -0.33 55.59 -29.93
CA SER E 82 0.45 55.39 -31.15
C SER E 82 1.05 54.01 -31.10
N SER E 83 0.28 53.08 -30.56
CA SER E 83 0.72 51.71 -30.42
C SER E 83 0.50 50.94 -31.72
N ALA E 84 1.48 50.10 -32.09
CA ALA E 84 1.41 49.29 -33.30
C ALA E 84 2.60 48.36 -33.37
N ASP E 85 2.45 47.20 -34.01
CA ASP E 85 1.19 46.80 -34.62
C ASP E 85 0.55 45.71 -33.78
N GLY E 86 1.35 45.13 -32.91
CA GLY E 86 0.88 44.05 -32.05
C GLY E 86 1.74 42.80 -32.08
N ILE E 87 1.28 41.76 -31.41
CA ILE E 87 2.02 40.50 -31.37
C ILE E 87 1.08 39.29 -31.52
N ALA E 88 1.61 38.20 -32.07
CA ALA E 88 0.79 37.02 -32.26
C ALA E 88 1.49 35.68 -32.00
N PHE E 89 0.71 34.72 -31.52
CA PHE E 89 1.23 33.39 -31.27
C PHE E 89 0.81 32.62 -32.51
N ALA E 90 1.72 31.86 -33.10
CA ALA E 90 1.36 31.16 -34.32
C ALA E 90 1.88 29.76 -34.54
N LEU E 91 1.20 29.08 -35.46
CA LEU E 91 1.52 27.74 -35.87
C LEU E 91 1.66 27.91 -37.37
N VAL E 92 2.90 27.74 -37.83
CA VAL E 92 3.20 27.87 -39.24
C VAL E 92 3.93 26.65 -39.77
N PRO E 93 3.92 26.46 -41.10
CA PRO E 93 4.61 25.32 -41.72
C PRO E 93 6.09 25.51 -41.45
N VAL E 94 6.75 24.41 -41.09
CA VAL E 94 8.17 24.40 -40.74
C VAL E 94 9.19 25.38 -41.32
N GLY E 95 9.54 25.22 -42.60
CA GLY E 95 10.52 26.12 -43.19
C GLY E 95 10.10 27.58 -43.29
N SER E 96 8.82 27.83 -43.07
CA SER E 96 8.20 29.16 -43.14
C SER E 96 9.13 30.37 -42.98
N GLU E 97 9.19 31.19 -44.03
CA GLU E 97 9.96 32.42 -44.03
C GLU E 97 8.92 33.44 -43.64
N PRO E 98 9.34 34.54 -43.03
CA PRO E 98 8.37 35.57 -42.62
C PRO E 98 7.44 36.04 -43.75
N LYS E 99 6.28 36.58 -43.35
CA LYS E 99 5.30 37.10 -44.30
C LYS E 99 5.29 38.64 -44.23
N SER E 100 4.18 39.26 -44.64
CA SER E 100 4.05 40.74 -44.65
C SER E 100 4.21 41.43 -43.28
N ASN E 101 4.61 42.70 -43.27
CA ASN E 101 4.84 43.45 -42.03
C ASN E 101 3.78 44.39 -41.40
N PHE E 104 -0.21 43.10 -40.62
CA PHE E 104 -0.16 41.64 -40.94
C PHE E 104 0.69 40.81 -39.97
N LEU E 105 1.36 41.53 -39.08
CA LEU E 105 2.16 40.89 -38.05
C LEU E 105 3.17 39.82 -38.50
N GLY E 106 3.62 39.88 -39.75
CA GLY E 106 4.60 38.91 -40.22
C GLY E 106 4.17 37.45 -40.34
N VAL E 107 2.87 37.20 -40.43
CA VAL E 107 2.38 35.83 -40.55
C VAL E 107 1.36 35.60 -41.66
N PHE E 108 0.76 36.70 -42.14
CA PHE E 108 -0.22 36.63 -43.21
C PHE E 108 0.13 37.64 -44.29
N ASP E 109 -0.47 37.45 -45.47
CA ASP E 109 -0.22 38.34 -46.60
C ASP E 109 -1.44 39.16 -47.01
N SER E 110 -2.65 38.66 -46.74
CA SER E 110 -3.90 39.36 -47.09
C SER E 110 -5.02 39.04 -46.11
N ASP E 111 -6.11 39.79 -46.21
CA ASP E 111 -7.26 39.58 -45.34
C ASP E 111 -8.25 38.62 -45.98
N VAL E 112 -7.77 37.91 -47.00
CA VAL E 112 -8.57 36.94 -47.72
C VAL E 112 -8.12 35.52 -47.41
N TYR E 113 -9.08 34.65 -47.08
CA TYR E 113 -8.77 33.25 -46.75
C TYR E 113 -7.98 32.59 -47.85
N ASP E 114 -6.84 32.03 -47.46
CA ASP E 114 -5.96 31.36 -48.39
C ASP E 114 -5.40 30.11 -47.70
N ASN E 115 -6.07 28.99 -47.92
CA ASN E 115 -5.65 27.72 -47.30
C ASN E 115 -4.18 27.41 -47.52
N SER E 116 -3.62 27.92 -48.60
CA SER E 116 -2.20 27.70 -48.93
C SER E 116 -1.27 28.29 -47.88
N ALA E 117 -1.78 29.25 -47.10
CA ALA E 117 -1.00 29.87 -46.04
C ALA E 117 -0.70 28.83 -44.97
N GLN E 118 -1.66 27.93 -44.72
CA GLN E 118 -1.50 26.88 -43.71
C GLN E 118 -0.98 27.50 -42.42
N THR E 119 -1.62 28.58 -42.00
CA THR E 119 -1.22 29.31 -40.79
C THR E 119 -2.39 29.68 -39.94
N VAL E 120 -2.23 29.46 -38.64
CA VAL E 120 -3.28 29.81 -37.69
C VAL E 120 -2.61 30.55 -36.56
N ALA E 121 -3.21 31.65 -36.11
CA ALA E 121 -2.61 32.43 -35.05
C ALA E 121 -3.57 33.16 -34.16
N VAL E 122 -3.08 33.50 -32.98
CA VAL E 122 -3.85 34.26 -32.01
C VAL E 122 -3.15 35.61 -31.96
N GLU E 123 -3.86 36.65 -32.39
CA GLU E 123 -3.32 37.99 -32.44
C GLU E 123 -3.73 38.82 -31.24
N PHE E 124 -2.87 39.79 -30.94
CA PHE E 124 -3.08 40.71 -29.86
C PHE E 124 -2.83 42.05 -30.54
N ASP E 125 -3.81 42.42 -31.37
CA ASP E 125 -3.80 43.63 -32.20
C ASP E 125 -3.89 44.90 -31.36
N THR E 126 -2.94 45.82 -31.55
CA THR E 126 -2.91 47.09 -30.82
C THR E 126 -3.22 48.31 -31.70
N PHE E 127 -3.10 48.14 -33.03
CA PHE E 127 -3.40 49.19 -34.02
C PHE E 127 -4.54 48.68 -34.87
N SER E 128 -5.61 49.45 -34.95
CA SER E 128 -6.80 49.06 -35.71
C SER E 128 -6.76 49.36 -37.21
N ASN E 129 -6.44 48.33 -38.00
CA ASN E 129 -6.40 48.50 -39.45
C ASN E 129 -7.84 48.50 -39.99
N THR E 130 -8.34 49.69 -40.31
CA THR E 130 -9.68 49.87 -40.85
C THR E 130 -10.03 48.87 -41.95
N TRP E 132 -10.13 45.88 -42.17
CA TRP E 132 -10.43 44.59 -41.54
C TRP E 132 -10.56 44.49 -39.99
N ASP E 133 -9.78 45.26 -39.23
CA ASP E 133 -9.81 45.23 -37.76
C ASP E 133 -11.01 45.97 -37.14
N PRO E 134 -11.42 45.59 -35.92
CA PRO E 134 -12.54 46.24 -35.22
C PRO E 134 -11.99 47.52 -34.61
N THR E 135 -12.88 48.44 -34.26
CA THR E 135 -12.50 49.74 -33.71
C THR E 135 -11.42 49.87 -32.62
N SER E 136 -11.35 48.94 -31.68
CA SER E 136 -10.33 49.05 -30.63
C SER E 136 -9.39 47.85 -30.48
N ARG E 137 -8.40 47.95 -29.58
CA ARG E 137 -7.45 46.86 -29.36
C ARG E 137 -8.24 45.59 -29.07
N HIS E 138 -7.84 44.49 -29.68
CA HIS E 138 -8.57 43.25 -29.52
C HIS E 138 -7.68 42.04 -29.50
N ILE E 139 -8.31 40.91 -29.20
CA ILE E 139 -7.67 39.60 -29.19
C ILE E 139 -8.42 38.89 -30.29
N GLY E 140 -7.71 38.34 -31.29
CA GLY E 140 -8.41 37.67 -32.36
C GLY E 140 -7.89 36.28 -32.70
N ILE E 141 -8.71 35.49 -33.40
CA ILE E 141 -8.35 34.16 -33.82
C ILE E 141 -8.26 34.20 -35.34
N ASP E 142 -7.04 34.10 -35.85
CA ASP E 142 -6.81 34.19 -37.29
C ASP E 142 -6.59 32.83 -37.95
N VAL E 143 -7.41 32.53 -38.94
CA VAL E 143 -7.26 31.27 -39.66
C VAL E 143 -7.04 31.56 -41.14
N ASN E 144 -5.78 31.49 -41.53
CA ASN E 144 -5.36 31.74 -42.91
C ASN E 144 -5.78 33.10 -43.47
N SER E 145 -5.74 34.13 -42.63
CA SER E 145 -6.12 35.48 -43.05
C SER E 145 -5.96 36.42 -41.85
N ILE E 146 -5.53 37.67 -42.11
CA ILE E 146 -5.35 38.66 -41.04
C ILE E 146 -6.70 39.13 -40.49
N LYS E 147 -7.78 38.65 -41.12
CA LYS E 147 -9.13 38.95 -40.69
C LYS E 147 -9.54 37.85 -39.72
N SER E 148 -9.57 38.22 -38.44
CA SER E 148 -9.91 37.27 -37.36
C SER E 148 -11.31 36.73 -37.58
N ILE E 149 -11.56 35.51 -37.11
CA ILE E 149 -12.86 34.88 -37.23
C ILE E 149 -13.70 35.04 -35.98
N ARG E 150 -13.13 35.71 -34.97
CA ARG E 150 -13.79 36.07 -33.69
C ARG E 150 -12.79 36.99 -32.98
N THR E 151 -13.29 38.05 -32.34
CA THR E 151 -12.41 38.98 -31.63
C THR E 151 -13.02 39.35 -30.29
N ALA E 152 -12.22 40.02 -29.46
CA ALA E 152 -12.65 40.45 -28.13
C ALA E 152 -11.94 41.72 -27.73
N SER E 153 -12.71 42.65 -27.15
CA SER E 153 -12.15 43.92 -26.72
C SER E 153 -11.08 43.64 -25.67
N TRP E 154 -9.95 44.34 -25.80
CA TRP E 154 -8.84 44.16 -24.90
C TRP E 154 -8.31 45.47 -24.33
N GLY E 155 -8.42 45.60 -23.02
CA GLY E 155 -7.92 46.80 -22.34
C GLY E 155 -6.43 46.69 -22.13
N LEU E 156 -5.68 47.39 -22.98
CA LEU E 156 -4.23 47.35 -22.90
C LEU E 156 -3.61 48.12 -21.74
N ALA E 157 -2.82 47.41 -20.93
CA ALA E 157 -2.13 48.02 -19.82
C ALA E 157 -0.69 48.25 -20.25
N ASN E 158 -0.46 49.42 -20.85
CA ASN E 158 0.84 49.85 -21.33
C ASN E 158 1.94 49.62 -20.29
N GLY E 159 3.03 48.95 -20.68
CA GLY E 159 4.13 48.72 -19.77
C GLY E 159 3.97 47.52 -18.84
N GLN E 160 2.73 47.24 -18.46
CA GLN E 160 2.41 46.14 -17.57
C GLN E 160 2.43 44.80 -18.25
N ASN E 161 2.58 43.78 -17.44
CA ASN E 161 2.62 42.43 -17.95
C ASN E 161 1.28 41.85 -18.25
N ALA E 162 1.29 40.91 -19.20
CA ALA E 162 0.10 40.21 -19.62
C ALA E 162 0.40 38.72 -19.56
N GLU E 163 -0.42 38.03 -18.77
CA GLU E 163 -0.29 36.61 -18.61
C GLU E 163 -1.38 36.05 -19.52
N ILE E 164 -0.99 35.37 -20.59
CA ILE E 164 -1.96 34.80 -21.52
C ILE E 164 -1.96 33.24 -21.53
N LEU E 165 -3.09 32.68 -21.92
CA LEU E 165 -3.27 31.24 -21.97
C LEU E 165 -4.16 30.79 -23.13
N ILE E 166 -3.55 30.02 -24.04
CA ILE E 166 -4.25 29.50 -25.19
C ILE E 166 -4.39 27.98 -25.11
N THR E 167 -5.57 27.47 -25.44
CA THR E 167 -5.81 26.02 -25.40
C THR E 167 -6.68 25.52 -26.53
N TYR E 168 -6.37 24.32 -27.01
CA TYR E 168 -7.15 23.74 -28.08
C TYR E 168 -7.65 22.34 -27.72
N ASN E 169 -8.96 22.22 -27.53
CA ASN E 169 -9.57 20.95 -27.18
C ASN E 169 -9.97 20.23 -28.45
N ALA E 170 -9.25 19.15 -28.75
CA ALA E 170 -9.49 18.39 -29.97
C ALA E 170 -10.88 17.76 -30.01
N ALA E 171 -11.45 17.47 -28.83
CA ALA E 171 -12.78 16.84 -28.74
C ALA E 171 -13.89 17.76 -29.22
N THR E 172 -13.76 19.02 -28.87
CA THR E 172 -14.74 20.00 -29.25
C THR E 172 -14.26 20.85 -30.43
N SER E 173 -12.98 20.71 -30.77
CA SER E 173 -12.39 21.48 -31.87
C SER E 173 -12.47 22.96 -31.53
N LEU E 174 -12.58 23.24 -30.23
CA LEU E 174 -12.69 24.60 -29.74
C LEU E 174 -11.34 25.17 -29.31
N LEU E 175 -11.04 26.38 -29.79
CA LEU E 175 -9.82 27.06 -29.44
C LEU E 175 -10.15 28.25 -28.52
N VAL E 176 -9.47 28.34 -27.37
CA VAL E 176 -9.73 29.42 -26.41
C VAL E 176 -8.51 30.19 -25.97
N ALA E 177 -8.68 31.52 -25.82
CA ALA E 177 -7.57 32.40 -25.43
C ALA E 177 -7.97 33.42 -24.39
N SER E 178 -7.01 33.79 -23.52
CA SER E 178 -7.25 34.78 -22.44
C SER E 178 -6.03 35.59 -21.97
N LEU E 179 -6.12 36.92 -22.01
CA LEU E 179 -4.99 37.77 -21.54
C LEU E 179 -5.49 38.19 -20.17
N VAL E 180 -4.55 38.42 -19.25
CA VAL E 180 -4.89 38.85 -17.90
C VAL E 180 -3.79 39.77 -17.40
N HIS E 181 -4.18 40.97 -16.97
CA HIS E 181 -3.25 41.95 -16.44
C HIS E 181 -3.46 41.94 -14.95
N PRO E 182 -2.53 41.33 -14.20
CA PRO E 182 -2.66 41.28 -12.75
C PRO E 182 -2.56 42.67 -12.13
N SER E 183 -1.69 43.51 -12.69
CA SER E 183 -1.52 44.87 -12.21
C SER E 183 -2.88 45.53 -12.02
N ARG E 184 -3.81 45.25 -12.94
CA ARG E 184 -5.14 45.83 -12.90
C ARG E 184 -6.29 44.83 -12.76
N ARG E 185 -6.00 43.61 -12.34
CA ARG E 185 -7.04 42.59 -12.19
C ARG E 185 -8.05 42.54 -13.34
N THR E 186 -7.58 42.71 -14.57
CA THR E 186 -8.44 42.69 -15.75
C THR E 186 -8.36 41.32 -16.45
N SER E 187 -9.43 40.87 -17.09
CA SER E 187 -9.40 39.59 -17.77
C SER E 187 -10.21 39.57 -19.06
N TYR E 188 -9.78 38.78 -20.04
CA TYR E 188 -10.47 38.64 -21.33
C TYR E 188 -10.35 37.23 -21.98
N ILE E 189 -11.39 36.80 -22.70
CA ILE E 189 -11.38 35.50 -23.39
C ILE E 189 -12.04 35.62 -24.76
N VAL E 190 -11.73 34.65 -25.61
CA VAL E 190 -12.28 34.54 -26.97
C VAL E 190 -12.33 33.06 -27.24
N SER E 191 -13.42 32.59 -27.83
CA SER E 191 -13.55 31.18 -28.16
C SER E 191 -13.99 31.04 -29.59
N GLU E 192 -13.68 29.90 -30.18
CA GLU E 192 -14.03 29.66 -31.56
C GLU E 192 -13.65 28.25 -32.03
N ARG E 193 -14.58 27.58 -32.70
CA ARG E 193 -14.33 26.24 -33.24
C ARG E 193 -13.30 26.45 -34.36
N VAL E 194 -12.43 25.48 -34.56
CA VAL E 194 -11.43 25.58 -35.62
C VAL E 194 -11.10 24.18 -36.12
N ASP E 195 -11.36 23.91 -37.40
CA ASP E 195 -11.06 22.60 -37.94
C ASP E 195 -9.58 22.55 -38.29
N ILE E 196 -8.80 22.33 -37.25
CA ILE E 196 -7.37 22.30 -37.38
C ILE E 196 -6.80 21.43 -38.51
N THR E 197 -7.46 20.32 -38.83
CA THR E 197 -6.93 19.44 -39.88
C THR E 197 -6.96 20.05 -41.26
N ASN E 198 -7.85 21.01 -41.46
CA ASN E 198 -7.98 21.64 -42.76
C ASN E 198 -7.18 22.91 -42.89
N GLU E 199 -6.92 23.54 -41.76
CA GLU E 199 -6.20 24.80 -41.73
C GLU E 199 -4.69 24.68 -41.63
N LEU E 200 -4.19 23.54 -41.17
CA LEU E 200 -2.74 23.36 -41.00
C LEU E 200 -2.19 22.00 -41.38
N PRO E 201 -0.85 21.88 -41.47
CA PRO E 201 -0.07 20.68 -41.78
C PRO E 201 0.02 19.72 -40.58
N GLU E 202 0.46 18.48 -40.84
CA GLU E 202 0.59 17.47 -39.79
C GLU E 202 1.61 17.93 -38.77
N TYR E 203 2.65 18.58 -39.27
CA TYR E 203 3.74 19.10 -38.43
C TYR E 203 3.91 20.58 -38.64
N VAL E 204 3.94 21.32 -37.54
CA VAL E 204 4.09 22.77 -37.62
C VAL E 204 5.17 23.26 -36.67
N SER E 205 5.42 24.56 -36.70
CA SER E 205 6.38 25.20 -35.82
C SER E 205 5.61 26.21 -34.98
N ILE E 206 5.84 26.20 -33.68
CA ILE E 206 5.14 27.11 -32.81
C ILE E 206 6.04 28.25 -32.37
N GLY E 207 5.44 29.42 -32.16
CA GLY E 207 6.25 30.53 -31.75
C GLY E 207 5.51 31.86 -31.78
N PHE E 208 6.30 32.93 -31.81
CA PHE E 208 5.76 34.27 -31.83
C PHE E 208 6.24 35.07 -33.04
N SER E 209 5.50 36.15 -33.32
CA SER E 209 5.78 37.07 -34.40
C SER E 209 5.18 38.42 -33.99
N ALA E 210 5.96 39.48 -34.15
CA ALA E 210 5.50 40.82 -33.79
C ALA E 210 6.08 41.84 -34.76
N THR E 211 5.31 42.88 -35.05
CA THR E 211 5.72 43.95 -35.95
C THR E 211 5.44 45.32 -35.34
N THR E 212 5.94 46.34 -36.02
CA THR E 212 5.70 47.72 -35.59
C THR E 212 5.23 48.51 -36.81
N GLY E 213 4.75 49.72 -36.57
CA GLY E 213 4.27 50.54 -37.65
C GLY E 213 5.33 51.10 -38.56
N LEU E 214 4.88 51.79 -39.61
CA LEU E 214 5.76 52.38 -40.60
C LEU E 214 5.90 53.90 -40.43
N SER E 215 4.80 54.61 -40.25
CA SER E 215 4.84 56.07 -40.10
C SER E 215 5.17 56.60 -38.69
N TYR E 218 4.37 55.36 -34.33
CA TYR E 218 3.64 54.09 -34.19
C TYR E 218 4.48 52.83 -33.96
N THR E 219 4.85 52.61 -32.70
CA THR E 219 5.62 51.44 -32.29
C THR E 219 5.44 51.17 -30.82
N GLU E 220 5.96 50.02 -30.42
CA GLU E 220 5.89 49.56 -29.07
C GLU E 220 6.92 48.45 -28.98
N THR E 221 7.08 47.93 -27.77
CA THR E 221 8.01 46.85 -27.54
C THR E 221 7.23 45.56 -27.51
N HIS E 222 7.91 44.48 -27.84
CA HIS E 222 7.30 43.18 -27.83
C HIS E 222 8.31 42.27 -27.17
N ASP E 223 8.14 42.04 -25.86
CA ASP E 223 9.04 41.17 -25.10
C ASP E 223 8.30 40.05 -24.42
N VAL E 224 8.70 38.81 -24.72
CA VAL E 224 8.11 37.63 -24.09
C VAL E 224 9.00 37.37 -22.88
N LEU E 225 8.37 37.09 -21.75
CA LEU E 225 9.08 36.86 -20.51
C LEU E 225 9.26 35.40 -20.10
N SER E 226 8.24 34.60 -20.35
CA SER E 226 8.28 33.18 -20.01
C SER E 226 7.38 32.46 -21.01
N TRP E 227 7.67 31.18 -21.26
CA TRP E 227 6.90 30.40 -22.20
C TRP E 227 6.79 28.93 -21.85
N SER E 228 5.57 28.41 -21.86
CA SER E 228 5.35 27.02 -21.51
C SER E 228 4.45 26.39 -22.53
N PHE E 229 4.70 25.12 -22.82
CA PHE E 229 3.90 24.41 -23.81
C PHE E 229 3.75 22.89 -23.59
N ALA E 230 2.61 22.35 -24.05
CA ALA E 230 2.32 20.92 -23.92
C ALA E 230 1.27 20.46 -24.93
N SER E 231 1.55 19.32 -25.54
CA SER E 231 0.69 18.72 -26.54
C SER E 231 0.55 17.23 -26.20
N LYS E 232 -0.61 16.67 -26.49
CA LYS E 232 -0.88 15.26 -26.21
C LYS E 232 -1.60 14.62 -27.41
N LEU E 233 -0.88 13.79 -28.17
CA LEU E 233 -1.47 13.13 -29.32
C LEU E 233 -1.80 11.66 -29.01
N PRO E 234 -3.05 11.26 -29.26
CA PRO E 234 -3.51 9.89 -29.02
C PRO E 234 -3.19 8.93 -30.18
N ASP E 235 -3.64 7.67 -30.06
CA ASP E 235 -3.42 6.65 -31.10
C ASP E 235 -4.73 6.35 -31.87
N ASP E 236 -5.90 6.41 -31.22
CA ASP E 236 -7.20 6.17 -31.85
C ASP E 236 -7.76 7.54 -32.16
N SER E 237 -8.72 7.61 -33.07
CA SER E 237 -9.30 8.90 -33.40
C SER E 237 -9.79 9.56 -32.08
N THR E 238 -10.04 8.71 -31.07
CA THR E 238 -10.52 9.11 -29.73
C THR E 238 -9.69 10.21 -29.05
N THR E 239 -10.28 11.41 -28.93
CA THR E 239 -9.59 12.55 -28.31
C THR E 239 -9.80 12.71 -26.79
N GLU E 240 -8.74 13.06 -26.08
CA GLU E 240 -8.76 13.26 -24.63
C GLU E 240 -8.12 14.60 -24.27
N PRO E 241 -8.95 15.63 -23.94
CA PRO E 241 -8.44 16.96 -23.58
C PRO E 241 -7.36 16.84 -22.51
N LEU E 242 -6.52 17.87 -22.38
CA LEU E 242 -5.42 17.81 -21.43
C LEU E 242 -5.82 18.05 -20.02
N ASP E 243 -4.77 18.16 -19.22
CA ASP E 243 -4.95 18.46 -17.84
C ASP E 243 -4.35 19.81 -17.61
N ILE E 244 -5.23 20.79 -17.65
CA ILE E 244 -4.86 22.15 -17.39
C ILE E 244 -4.71 22.25 -15.87
N ALA E 245 -5.71 21.77 -15.14
CA ALA E 245 -5.65 21.81 -13.69
C ALA E 245 -4.20 21.52 -13.35
N SER E 246 -3.61 20.52 -13.99
CA SER E 246 -2.22 20.16 -13.73
C SER E 246 -1.25 20.96 -14.57
N TYR E 247 -1.42 20.96 -15.89
CA TYR E 247 -0.53 21.70 -16.76
C TYR E 247 -0.15 23.12 -16.20
N LEU E 248 -1.05 23.76 -15.47
CA LEU E 248 -0.78 25.10 -14.94
C LEU E 248 0.12 25.21 -13.71
N VAL E 249 -0.43 24.94 -12.52
CA VAL E 249 0.32 24.98 -11.26
C VAL E 249 1.74 24.50 -11.55
N ARG E 250 1.79 23.28 -12.12
CA ARG E 250 3.01 22.56 -12.52
C ARG E 250 3.87 23.34 -13.53
N ASN E 251 3.21 23.98 -14.48
CA ASN E 251 3.90 24.75 -15.56
C ASN E 251 3.79 26.26 -15.38
N VAL E 252 2.59 26.76 -15.10
CA VAL E 252 2.39 28.20 -14.96
C VAL E 252 2.44 28.85 -13.55
N LEU E 253 1.91 28.19 -12.52
CA LEU E 253 1.88 28.83 -11.20
C LEU E 253 3.07 28.62 -10.30
N ALA F 1 8.24 21.12 -1.55
CA ALA F 1 7.01 21.41 -2.33
C ALA F 1 6.04 20.26 -2.17
N ASP F 2 4.90 20.54 -1.54
CA ASP F 2 3.87 19.54 -1.33
C ASP F 2 2.83 19.70 -2.43
N ILE F 3 2.51 18.58 -3.09
CA ILE F 3 1.52 18.59 -4.17
C ILE F 3 0.37 17.62 -3.91
N GLN F 4 -0.83 18.05 -4.29
CA GLN F 4 -2.01 17.24 -4.13
C GLN F 4 -2.81 17.45 -5.37
N SER F 5 -3.19 16.37 -6.04
CA SER F 5 -3.99 16.48 -7.23
C SER F 5 -4.86 15.26 -7.43
N PHE F 6 -5.89 15.42 -8.26
CA PHE F 6 -6.78 14.33 -8.57
C PHE F 6 -7.60 14.64 -9.80
N SER F 7 -8.18 13.59 -10.38
CA SER F 7 -9.03 13.76 -11.53
C SER F 7 -10.08 12.67 -11.57
N PHE F 8 -11.34 13.08 -11.66
CA PHE F 8 -12.45 12.16 -11.74
C PHE F 8 -13.25 12.42 -12.99
N LYS F 9 -13.59 11.35 -13.69
CA LYS F 9 -14.40 11.45 -14.89
C LYS F 9 -15.70 10.75 -14.55
N ASN F 10 -15.63 9.84 -13.59
CA ASN F 10 -16.78 9.08 -13.19
C ASN F 10 -16.92 9.11 -11.70
N PHE F 11 -17.85 9.89 -11.21
CA PHE F 11 -18.08 9.92 -9.78
C PHE F 11 -18.76 8.60 -9.40
N SER F 14 -16.58 7.05 -3.44
CA SER F 14 -16.73 7.32 -1.99
C SER F 14 -15.65 8.30 -1.55
N SER F 15 -15.07 8.98 -2.52
CA SER F 15 -14.03 9.95 -2.23
C SER F 15 -14.67 11.30 -1.94
N PHE F 16 -15.99 11.29 -1.83
CA PHE F 16 -16.73 12.52 -1.57
C PHE F 16 -17.60 12.42 -0.35
N ILE F 17 -17.76 13.56 0.29
CA ILE F 17 -18.57 13.67 1.47
C ILE F 17 -19.80 14.42 0.99
N LEU F 18 -20.97 13.78 1.13
CA LEU F 18 -22.22 14.38 0.68
C LEU F 18 -23.09 14.93 1.80
N GLN F 19 -23.72 16.06 1.53
CA GLN F 19 -24.58 16.68 2.52
C GLN F 19 -25.88 17.08 1.84
N GLY F 20 -26.98 16.91 2.56
CA GLY F 20 -28.27 17.28 2.03
C GLY F 20 -28.72 16.39 0.89
N ASP F 21 -29.36 16.99 -0.09
CA ASP F 21 -29.87 16.26 -1.25
C ASP F 21 -28.76 15.79 -2.20
N ALA F 22 -27.51 16.15 -1.90
CA ALA F 22 -26.38 15.77 -2.72
C ALA F 22 -26.38 14.26 -2.96
N THR F 23 -26.23 13.86 -4.21
CA THR F 23 -26.25 12.45 -4.57
C THR F 23 -25.52 12.16 -5.87
N VAL F 24 -25.03 10.95 -6.00
CA VAL F 24 -24.34 10.55 -7.22
C VAL F 24 -25.10 9.36 -7.82
N SER F 25 -25.36 9.44 -9.12
CA SER F 25 -26.08 8.40 -9.82
C SER F 25 -25.79 8.59 -11.30
N SER F 26 -25.59 7.49 -12.01
CA SER F 26 -25.26 7.54 -13.42
C SER F 26 -23.82 8.01 -13.55
N SER F 27 -23.05 7.78 -12.49
CA SER F 27 -21.65 8.17 -12.48
C SER F 27 -21.53 9.69 -12.73
N LYS F 28 -22.40 10.45 -12.09
CA LYS F 28 -22.39 11.91 -12.20
C LYS F 28 -22.95 12.51 -10.92
N LEU F 29 -22.28 13.54 -10.40
CA LEU F 29 -22.72 14.15 -9.17
C LEU F 29 -23.96 15.03 -9.39
N ARG F 30 -25.06 14.65 -8.75
CA ARG F 30 -26.30 15.42 -8.87
C ARG F 30 -26.56 16.12 -7.49
N LEU F 31 -26.23 17.41 -7.43
CA LEU F 31 -26.36 18.23 -6.21
C LEU F 31 -27.77 18.61 -5.69
N THR F 32 -28.77 18.76 -6.57
CA THR F 32 -30.12 19.08 -6.11
C THR F 32 -31.06 17.93 -6.46
N LYS F 33 -32.18 17.90 -5.77
CA LYS F 33 -33.17 16.86 -5.94
C LYS F 33 -33.80 16.77 -7.32
N VAL F 34 -34.16 15.55 -7.68
CA VAL F 34 -34.80 15.30 -8.96
C VAL F 34 -35.87 14.23 -8.75
N LYS F 35 -37.08 14.50 -9.25
CA LYS F 35 -38.20 13.58 -9.11
C LYS F 35 -38.03 12.32 -9.95
N GLY F 36 -38.99 11.41 -9.83
CA GLY F 36 -38.93 10.18 -10.61
C GLY F 36 -38.98 10.53 -12.09
N ASN F 37 -39.85 11.48 -12.42
CA ASN F 37 -40.02 11.94 -13.80
C ASN F 37 -38.73 12.57 -14.35
N GLY F 38 -37.83 12.93 -13.44
CA GLY F 38 -36.57 13.55 -13.84
C GLY F 38 -36.57 15.07 -13.82
N LEU F 39 -37.60 15.68 -13.24
CA LEU F 39 -37.69 17.12 -13.16
C LEU F 39 -37.09 17.60 -11.83
N PRO F 40 -36.60 18.85 -11.78
CA PRO F 40 -35.99 19.41 -10.57
C PRO F 40 -36.91 19.38 -9.35
N THR F 41 -36.56 20.15 -8.32
CA THR F 41 -37.33 20.18 -7.07
C THR F 41 -37.19 21.51 -6.34
N LEU F 42 -38.32 22.06 -5.87
CA LEU F 42 -38.29 23.34 -5.14
C LEU F 42 -37.76 23.07 -3.70
N SER F 43 -37.14 24.07 -3.11
CA SER F 43 -36.56 23.96 -1.76
C SER F 43 -35.55 22.85 -1.57
N SER F 44 -34.54 22.80 -2.45
CA SER F 44 -33.50 21.77 -2.38
C SER F 44 -32.15 22.38 -2.04
N LEU F 45 -31.26 21.54 -1.52
CA LEU F 45 -29.90 21.97 -1.15
C LEU F 45 -28.96 20.77 -1.00
N GLY F 46 -27.82 20.81 -1.69
CA GLY F 46 -26.85 19.74 -1.60
C GLY F 46 -25.43 20.23 -1.73
N ARG F 47 -24.52 19.62 -0.98
CA ARG F 47 -23.12 19.99 -1.02
C ARG F 47 -22.32 18.70 -1.15
N ALA F 48 -21.19 18.77 -1.85
CA ALA F 48 -20.35 17.61 -2.03
C ALA F 48 -18.92 18.05 -1.88
N PHE F 49 -18.16 17.31 -1.07
CA PHE F 49 -16.76 17.64 -0.80
C PHE F 49 -15.76 16.50 -0.88
N TYR F 50 -14.57 16.84 -1.33
CA TYR F 50 -13.52 15.85 -1.40
C TYR F 50 -13.13 15.38 0.01
N SER F 51 -13.05 14.06 0.19
CA SER F 51 -12.71 13.39 1.44
C SER F 51 -11.46 13.88 2.13
N SER F 52 -10.40 14.07 1.37
CA SER F 52 -9.18 14.55 1.98
C SER F 52 -9.09 16.07 1.93
N PRO F 53 -8.87 16.72 3.08
CA PRO F 53 -8.73 18.18 3.25
C PRO F 53 -7.45 18.65 2.65
N ILE F 54 -7.44 19.86 2.10
CA ILE F 54 -6.22 20.35 1.50
C ILE F 54 -5.76 21.64 2.18
N GLN F 55 -4.44 21.80 2.25
CA GLN F 55 -3.81 22.94 2.90
C GLN F 55 -3.55 24.11 1.96
N ILE F 56 -4.18 25.26 2.26
CA ILE F 56 -4.05 26.47 1.43
C ILE F 56 -2.76 27.25 1.61
N TYR F 57 -2.27 27.28 2.85
CA TYR F 57 -1.05 27.99 3.18
C TYR F 57 -0.45 27.47 4.46
N ASP F 58 0.73 27.97 4.81
CA ASP F 58 1.41 27.55 6.03
C ASP F 58 1.72 28.74 6.95
N LYS F 59 1.11 28.73 8.14
CA LYS F 59 1.31 29.81 9.09
C LYS F 59 2.78 30.07 9.39
N SER F 60 3.52 29.00 9.64
CA SER F 60 4.95 29.09 9.94
C SER F 60 5.76 29.60 8.76
N THR F 61 5.93 28.77 7.74
CA THR F 61 6.68 29.13 6.55
C THR F 61 6.22 30.44 5.88
N GLY F 62 4.94 30.74 5.98
CA GLY F 62 4.42 31.95 5.35
C GLY F 62 4.07 31.71 3.89
N ALA F 63 4.48 30.55 3.40
CA ALA F 63 4.24 30.16 2.02
C ALA F 63 2.76 29.97 1.75
N VAL F 64 2.36 30.31 0.54
CA VAL F 64 0.99 30.14 0.14
C VAL F 64 0.91 29.40 -1.19
N ALA F 65 0.07 28.37 -1.18
CA ALA F 65 -0.09 27.53 -2.36
C ALA F 65 -0.90 28.19 -3.44
N SER F 66 -0.51 27.89 -4.67
CA SER F 66 -1.17 28.34 -5.87
C SER F 66 -1.87 27.04 -6.27
N TRP F 67 -3.10 27.14 -6.75
CA TRP F 67 -3.84 25.94 -7.13
C TRP F 67 -4.75 26.20 -8.32
N ALA F 68 -5.37 25.14 -8.83
CA ALA F 68 -6.30 25.27 -9.95
C ALA F 68 -7.29 24.13 -9.92
N THR F 69 -8.47 24.38 -10.48
CA THR F 69 -9.52 23.36 -10.56
C THR F 69 -10.42 23.54 -11.80
N SER F 70 -10.84 22.43 -12.38
CA SER F 70 -11.69 22.49 -13.54
C SER F 70 -12.77 21.44 -13.39
N PHE F 71 -13.88 21.64 -14.08
CA PHE F 71 -14.96 20.66 -14.04
C PHE F 71 -16.04 21.03 -15.03
N THR F 72 -16.80 20.02 -15.46
CA THR F 72 -17.87 20.28 -16.42
C THR F 72 -19.18 20.09 -15.72
N ALA F 73 -20.16 20.95 -16.04
CA ALA F 73 -21.48 20.86 -15.40
C ALA F 73 -22.62 21.20 -16.35
N ASN F 74 -23.77 20.52 -16.22
CA ASN F 74 -24.97 20.84 -17.06
C ASN F 74 -26.04 21.31 -16.08
N ILE F 75 -26.75 22.36 -16.48
CA ILE F 75 -27.83 22.89 -15.67
C ILE F 75 -29.07 23.03 -16.55
N PHE F 76 -30.15 22.32 -16.21
CA PHE F 76 -31.38 22.40 -16.98
C PHE F 76 -32.45 22.93 -16.07
N ALA F 77 -33.13 23.96 -16.54
CA ALA F 77 -34.20 24.57 -15.79
C ALA F 77 -35.37 24.72 -16.74
N PRO F 78 -36.42 23.91 -16.54
CA PRO F 78 -37.56 24.06 -17.44
C PRO F 78 -38.03 25.49 -17.15
N ASN F 79 -38.52 26.18 -18.17
CA ASN F 79 -38.90 27.58 -17.97
C ASN F 79 -37.57 28.26 -17.58
N LYS F 80 -36.74 28.51 -18.58
CA LYS F 80 -35.43 29.15 -18.42
C LYS F 80 -35.56 30.34 -17.50
N SER F 81 -36.62 31.11 -17.71
CA SER F 81 -36.90 32.32 -16.94
C SER F 81 -37.28 32.07 -15.48
N SER F 82 -37.30 30.82 -15.05
CA SER F 82 -37.64 30.47 -13.68
C SER F 82 -36.50 29.66 -13.10
N SER F 83 -35.29 30.02 -13.48
CA SER F 83 -34.10 29.34 -13.03
C SER F 83 -33.68 29.85 -11.66
N ALA F 84 -33.25 28.93 -10.79
CA ALA F 84 -32.81 29.28 -9.44
C ALA F 84 -32.28 28.02 -8.73
N ASP F 85 -31.34 28.19 -7.81
CA ASP F 85 -30.80 29.49 -7.46
C ASP F 85 -29.39 29.62 -8.04
N GLY F 86 -28.82 28.48 -8.42
CA GLY F 86 -27.48 28.45 -8.96
C GLY F 86 -26.56 27.45 -8.26
N ILE F 87 -25.29 27.48 -8.65
CA ILE F 87 -24.32 26.57 -8.06
C ILE F 87 -22.98 27.27 -7.77
N ALA F 88 -22.26 26.79 -6.77
CA ALA F 88 -20.99 27.41 -6.42
C ALA F 88 -19.88 26.45 -6.02
N PHE F 89 -18.65 26.85 -6.33
CA PHE F 89 -17.48 26.06 -5.98
C PHE F 89 -17.00 26.74 -4.71
N ALA F 90 -16.68 25.97 -3.69
CA ALA F 90 -16.26 26.59 -2.45
C ALA F 90 -15.16 25.94 -1.64
N LEU F 91 -14.59 26.77 -0.77
CA LEU F 91 -13.54 26.40 0.15
C LEU F 91 -14.12 26.79 1.48
N VAL F 92 -14.42 25.78 2.30
CA VAL F 92 -15.01 26.00 3.60
C VAL F 92 -14.21 25.29 4.67
N PRO F 93 -14.39 25.72 5.94
CA PRO F 93 -13.68 25.10 7.06
C PRO F 93 -14.17 23.66 7.15
N VAL F 94 -13.24 22.75 7.38
CA VAL F 94 -13.51 21.31 7.45
C VAL F 94 -14.85 20.74 7.92
N GLY F 95 -15.13 20.81 9.21
CA GLY F 95 -16.38 20.25 9.71
C GLY F 95 -17.65 20.92 9.21
N SER F 96 -17.49 22.08 8.57
CA SER F 96 -18.58 22.89 8.02
C SER F 96 -19.90 22.19 7.73
N GLU F 97 -20.94 22.63 8.42
CA GLU F 97 -22.30 22.12 8.21
C GLU F 97 -22.86 23.12 7.24
N PRO F 98 -23.83 22.73 6.42
CA PRO F 98 -24.42 23.66 5.45
C PRO F 98 -24.91 24.99 6.05
N LYS F 99 -24.99 26.01 5.22
CA LYS F 99 -25.46 27.33 5.64
C LYS F 99 -26.86 27.57 5.05
N SER F 100 -27.26 28.84 4.92
CA SER F 100 -28.58 29.21 4.39
C SER F 100 -28.90 28.73 2.97
N ASN F 101 -30.19 28.56 2.64
CA ASN F 101 -30.63 28.05 1.33
C ASN F 101 -31.05 28.98 0.16
N PHE F 104 -28.58 32.21 -1.18
CA PHE F 104 -27.32 32.01 -0.39
C PHE F 104 -26.52 30.76 -0.75
N LEU F 105 -27.13 29.95 -1.62
CA LEU F 105 -26.48 28.76 -2.12
C LEU F 105 -25.88 27.79 -1.08
N GLY F 106 -26.39 27.81 0.13
CA GLY F 106 -25.88 26.90 1.15
C GLY F 106 -24.45 27.09 1.63
N VAL F 107 -23.89 28.28 1.46
CA VAL F 107 -22.51 28.54 1.89
C VAL F 107 -22.33 29.81 2.69
N PHE F 108 -23.31 30.72 2.59
CA PHE F 108 -23.27 31.98 3.32
C PHE F 108 -24.58 32.20 4.06
N ASP F 109 -24.57 33.12 5.02
CA ASP F 109 -25.75 33.42 5.81
C ASP F 109 -26.30 34.83 5.57
N SER F 110 -25.44 35.77 5.17
CA SER F 110 -25.85 37.17 4.92
C SER F 110 -25.01 37.81 3.84
N ASP F 111 -25.43 38.98 3.39
CA ASP F 111 -24.70 39.72 2.35
C ASP F 111 -23.70 40.70 3.00
N VAL F 112 -23.45 40.46 4.29
CA VAL F 112 -22.52 41.29 5.05
C VAL F 112 -21.25 40.52 5.36
N TYR F 113 -20.10 41.15 5.10
CA TYR F 113 -18.80 40.53 5.35
C TYR F 113 -18.69 40.05 6.79
N ASP F 114 -18.37 38.77 6.93
CA ASP F 114 -18.23 38.15 8.23
C ASP F 114 -17.05 37.20 8.18
N ASN F 115 -15.87 37.69 8.57
CA ASN F 115 -14.67 36.89 8.55
C ASN F 115 -14.81 35.54 9.24
N SER F 116 -15.73 35.48 10.20
CA SER F 116 -15.99 34.25 10.95
C SER F 116 -16.50 33.12 10.05
N ALA F 117 -17.04 33.50 8.88
CA ALA F 117 -17.54 32.53 7.93
C ALA F 117 -16.37 31.70 7.39
N GLN F 118 -15.22 32.36 7.21
CA GLN F 118 -14.03 31.68 6.70
C GLN F 118 -14.40 30.87 5.46
N THR F 119 -15.12 31.51 4.54
CA THR F 119 -15.57 30.85 3.33
C THR F 119 -15.39 31.72 2.11
N VAL F 120 -14.87 31.09 1.06
CA VAL F 120 -14.67 31.80 -0.20
C VAL F 120 -15.24 30.92 -1.29
N ALA F 121 -15.98 31.52 -2.22
CA ALA F 121 -16.59 30.73 -3.28
C ALA F 121 -16.77 31.44 -4.59
N VAL F 122 -16.90 30.64 -5.64
CA VAL F 122 -17.13 31.17 -6.97
C VAL F 122 -18.57 30.72 -7.28
N GLU F 123 -19.45 31.70 -7.43
CA GLU F 123 -20.85 31.44 -7.69
C GLU F 123 -21.20 31.56 -9.15
N PHE F 124 -22.23 30.82 -9.52
CA PHE F 124 -22.75 30.82 -10.88
C PHE F 124 -24.24 31.03 -10.63
N ASP F 125 -24.55 32.28 -10.27
CA ASP F 125 -25.89 32.76 -9.94
C ASP F 125 -26.82 32.78 -11.14
N THR F 126 -27.97 32.11 -11.01
CA THR F 126 -28.96 32.06 -12.11
C THR F 126 -30.25 32.84 -11.80
N PHE F 127 -30.47 33.17 -10.51
CA PHE F 127 -31.64 33.95 -10.05
C PHE F 127 -31.07 35.20 -9.41
N SER F 128 -31.53 36.35 -9.89
CA SER F 128 -31.05 37.64 -9.39
C SER F 128 -31.73 38.16 -8.12
N ASN F 129 -31.08 37.95 -6.97
CA ASN F 129 -31.63 38.44 -5.72
C ASN F 129 -31.39 39.95 -5.61
N THR F 130 -32.45 40.73 -5.84
CA THR F 130 -32.38 42.18 -5.80
C THR F 130 -31.67 42.71 -4.55
N TRP F 132 -28.93 42.36 -3.39
CA TRP F 132 -27.49 42.22 -3.60
C TRP F 132 -26.95 41.79 -4.99
N ASP F 133 -27.67 40.96 -5.73
CA ASP F 133 -27.24 40.48 -7.06
C ASP F 133 -27.45 41.50 -8.19
N PRO F 134 -26.66 41.41 -9.27
CA PRO F 134 -26.78 42.32 -10.43
C PRO F 134 -27.96 41.82 -11.26
N THR F 135 -28.47 42.68 -12.13
CA THR F 135 -29.64 42.36 -12.95
C THR F 135 -29.74 41.01 -13.69
N SER F 136 -28.65 40.46 -14.21
CA SER F 136 -28.76 39.18 -14.92
C SER F 136 -27.86 38.07 -14.39
N ARG F 137 -27.98 36.87 -14.98
CA ARG F 137 -27.15 35.73 -14.54
C ARG F 137 -25.69 36.14 -14.60
N HIS F 138 -24.95 35.78 -13.57
CA HIS F 138 -23.56 36.20 -13.49
C HIS F 138 -22.66 35.16 -12.87
N ILE F 139 -21.37 35.46 -12.93
CA ILE F 139 -20.33 34.63 -12.33
C ILE F 139 -19.76 35.59 -11.29
N GLY F 140 -19.71 35.18 -10.03
CA GLY F 140 -19.18 36.08 -9.02
C GLY F 140 -18.12 35.47 -8.11
N ILE F 141 -17.36 36.34 -7.45
CA ILE F 141 -16.32 35.91 -6.51
C ILE F 141 -16.79 36.35 -5.14
N ASP F 142 -17.16 35.38 -4.31
CA ASP F 142 -17.68 35.67 -2.97
C ASP F 142 -16.65 35.46 -1.86
N VAL F 143 -16.42 36.50 -1.09
CA VAL F 143 -15.48 36.39 0.02
C VAL F 143 -16.21 36.73 1.31
N ASN F 144 -16.58 35.69 2.03
CA ASN F 144 -17.29 35.81 3.31
C ASN F 144 -18.59 36.61 3.25
N SER F 145 -19.33 36.48 2.15
CA SER F 145 -20.59 37.20 1.97
C SER F 145 -21.20 36.80 0.62
N ILE F 146 -22.53 36.70 0.56
CA ILE F 146 -23.21 36.34 -0.69
C ILE F 146 -23.15 37.49 -1.72
N LYS F 147 -22.57 38.61 -1.28
CA LYS F 147 -22.38 39.77 -2.13
C LYS F 147 -21.00 39.64 -2.74
N SER F 148 -20.98 39.30 -4.03
CA SER F 148 -19.73 39.08 -4.77
C SER F 148 -18.90 40.36 -4.77
N ILE F 149 -17.59 40.22 -4.86
CA ILE F 149 -16.69 41.37 -4.88
C ILE F 149 -16.29 41.75 -6.30
N ARG F 150 -16.80 40.99 -7.28
CA ARG F 150 -16.61 41.22 -8.72
C ARG F 150 -17.54 40.22 -9.42
N THR F 151 -18.22 40.65 -10.47
CA THR F 151 -19.12 39.75 -11.19
C THR F 151 -18.96 39.93 -12.70
N ALA F 152 -19.57 39.01 -13.45
CA ALA F 152 -19.50 39.03 -14.91
C ALA F 152 -20.77 38.46 -15.52
N SER F 153 -21.27 39.13 -16.55
CA SER F 153 -22.47 38.68 -17.22
C SER F 153 -22.23 37.30 -17.79
N TRP F 154 -23.21 36.42 -17.60
CA TRP F 154 -23.10 35.05 -18.07
C TRP F 154 -24.30 34.58 -18.86
N GLY F 155 -24.05 34.27 -20.13
CA GLY F 155 -25.11 33.78 -21.00
C GLY F 155 -25.36 32.32 -20.76
N LEU F 156 -26.44 32.02 -20.02
CA LEU F 156 -26.76 30.65 -19.69
C LEU F 156 -27.33 29.81 -20.83
N ALA F 157 -26.65 28.69 -21.10
CA ALA F 157 -27.11 27.76 -22.13
C ALA F 157 -27.83 26.62 -21.43
N ASN F 158 -29.14 26.81 -21.23
CA ASN F 158 -30.00 25.84 -20.57
C ASN F 158 -29.80 24.43 -21.15
N GLY F 159 -29.58 23.44 -20.27
CA GLY F 159 -29.41 22.08 -20.72
C GLY F 159 -28.02 21.71 -21.21
N GLN F 160 -27.33 22.68 -21.81
CA GLN F 160 -25.98 22.49 -22.33
C GLN F 160 -24.93 22.47 -21.24
N ASN F 161 -23.80 21.89 -21.60
CA ASN F 161 -22.70 21.79 -20.67
C ASN F 161 -21.89 23.04 -20.56
N ALA F 162 -21.27 23.18 -19.39
CA ALA F 162 -20.41 24.32 -19.09
C ALA F 162 -19.11 23.77 -18.57
N GLU F 163 -18.04 24.14 -19.27
CA GLU F 163 -16.70 23.73 -18.90
C GLU F 163 -16.13 24.95 -18.19
N ILE F 164 -15.90 24.83 -16.88
CA ILE F 164 -15.36 25.95 -16.11
C ILE F 164 -13.93 25.68 -15.58
N LEU F 165 -13.21 26.78 -15.34
CA LEU F 165 -11.84 26.71 -14.85
C LEU F 165 -11.50 27.84 -13.90
N ILE F 166 -11.18 27.46 -12.67
CA ILE F 166 -10.82 28.41 -11.63
C ILE F 166 -9.34 28.26 -11.24
N THR F 167 -8.65 29.38 -11.09
CA THR F 167 -7.24 29.33 -10.69
C THR F 167 -6.84 30.43 -9.74
N TYR F 168 -5.94 30.11 -8.83
CA TYR F 168 -5.47 31.09 -7.88
C TYR F 168 -3.94 31.20 -7.87
N ASN F 169 -3.43 32.33 -8.36
CA ASN F 169 -1.99 32.56 -8.41
C ASN F 169 -1.56 33.23 -7.12
N ALA F 170 -0.83 32.49 -6.29
CA ALA F 170 -0.38 33.00 -5.01
C ALA F 170 0.56 34.20 -5.13
N ALA F 171 1.29 34.27 -6.25
CA ALA F 171 2.25 35.37 -6.47
C ALA F 171 1.57 36.70 -6.65
N THR F 172 0.46 36.69 -7.36
CA THR F 172 -0.29 37.88 -7.62
C THR F 172 -1.51 37.99 -6.70
N SER F 173 -1.82 36.90 -5.99
CA SER F 173 -2.97 36.85 -5.10
C SER F 173 -4.24 37.06 -5.93
N LEU F 174 -4.12 36.77 -7.24
CA LEU F 174 -5.22 36.93 -8.16
C LEU F 174 -6.00 35.64 -8.37
N LEU F 175 -7.33 35.72 -8.25
CA LEU F 175 -8.20 34.59 -8.48
C LEU F 175 -8.96 34.79 -9.80
N VAL F 176 -8.93 33.79 -10.68
CA VAL F 176 -9.61 33.89 -11.97
C VAL F 176 -10.53 32.74 -12.30
N ALA F 177 -11.67 33.05 -12.93
CA ALA F 177 -12.67 32.05 -13.29
C ALA F 177 -13.25 32.24 -14.68
N SER F 178 -13.62 31.13 -15.33
CA SER F 178 -14.18 31.15 -16.71
C SER F 178 -15.13 30.00 -17.07
N LEU F 179 -16.35 30.33 -17.50
CA LEU F 179 -17.31 29.27 -17.90
C LEU F 179 -17.20 29.33 -19.41
N VAL F 180 -17.41 28.20 -20.07
CA VAL F 180 -17.38 28.13 -21.52
C VAL F 180 -18.38 27.09 -22.00
N HIS F 181 -19.27 27.51 -22.90
CA HIS F 181 -20.30 26.64 -23.45
C HIS F 181 -19.83 26.32 -24.85
N PRO F 182 -19.32 25.11 -25.07
CA PRO F 182 -18.85 24.73 -26.40
C PRO F 182 -20.01 24.65 -27.41
N SER F 183 -21.16 24.19 -26.94
CA SER F 183 -22.34 24.10 -27.78
C SER F 183 -22.53 25.41 -28.54
N ARG F 184 -22.27 26.53 -27.86
CA ARG F 184 -22.45 27.85 -28.45
C ARG F 184 -21.18 28.69 -28.55
N ARG F 185 -20.01 28.08 -28.44
CA ARG F 185 -18.75 28.81 -28.52
C ARG F 185 -18.74 30.13 -27.75
N THR F 186 -19.35 30.15 -26.57
CA THR F 186 -19.41 31.34 -25.71
C THR F 186 -18.36 31.26 -24.60
N SER F 187 -17.84 32.40 -24.15
CA SER F 187 -16.82 32.38 -23.10
C SER F 187 -16.94 33.56 -22.15
N TYR F 188 -16.57 33.36 -20.89
CA TYR F 188 -16.60 34.41 -19.87
C TYR F 188 -15.50 34.28 -18.78
N ILE F 189 -15.02 35.42 -18.25
CA ILE F 189 -14.00 35.42 -17.19
C ILE F 189 -14.30 36.52 -16.17
N VAL F 190 -13.71 36.36 -14.99
CA VAL F 190 -13.83 37.30 -13.88
C VAL F 190 -12.51 37.19 -13.14
N SER F 191 -11.94 38.32 -12.75
CA SER F 191 -10.68 38.31 -12.02
C SER F 191 -10.82 39.18 -10.79
N GLU F 192 -10.00 38.90 -9.81
CA GLU F 192 -10.05 39.65 -8.57
C GLU F 192 -8.96 39.21 -7.57
N ARG F 193 -8.27 40.19 -6.98
CA ARG F 193 -7.25 39.93 -5.99
C ARG F 193 -8.01 39.38 -4.78
N VAL F 194 -7.39 38.48 -4.01
CA VAL F 194 -8.03 37.92 -2.83
C VAL F 194 -6.96 37.55 -1.83
N ASP F 195 -6.98 38.18 -0.66
CA ASP F 195 -5.99 37.87 0.36
C ASP F 195 -6.43 36.60 1.08
N ILE F 196 -6.16 35.49 0.43
CA ILE F 196 -6.54 34.21 0.94
C ILE F 196 -6.19 33.92 2.40
N THR F 197 -5.07 34.44 2.90
CA THR F 197 -4.67 34.15 4.28
C THR F 197 -5.59 34.76 5.31
N ASN F 198 -6.30 35.81 4.92
CA ASN F 198 -7.20 36.47 5.86
C ASN F 198 -8.62 36.01 5.76
N GLU F 199 -8.96 35.48 4.60
CA GLU F 199 -10.32 35.02 4.35
C GLU F 199 -10.60 33.56 4.71
N LEU F 200 -9.54 32.75 4.81
CA LEU F 200 -9.71 31.32 5.11
C LEU F 200 -8.69 30.72 6.04
N PRO F 201 -8.97 29.48 6.53
CA PRO F 201 -8.14 28.66 7.43
C PRO F 201 -6.97 28.00 6.68
N GLU F 202 -6.00 27.48 7.45
CA GLU F 202 -4.83 26.84 6.88
C GLU F 202 -5.26 25.64 6.07
N TYR F 203 -6.27 24.94 6.59
CA TYR F 203 -6.81 23.74 5.96
C TYR F 203 -8.29 23.91 5.69
N VAL F 204 -8.69 23.62 4.46
CA VAL F 204 -10.09 23.75 4.09
C VAL F 204 -10.58 22.52 3.36
N SER F 205 -11.87 22.53 3.01
CA SER F 205 -12.48 21.45 2.26
C SER F 205 -12.99 22.05 0.95
N ILE F 206 -12.69 21.39 -0.16
CA ILE F 206 -13.12 21.90 -1.45
C ILE F 206 -14.30 21.11 -1.97
N GLY F 207 -15.16 21.78 -2.71
CA GLY F 207 -16.30 21.09 -3.25
C GLY F 207 -17.34 22.00 -3.86
N PHE F 208 -18.55 21.47 -3.97
CA PHE F 208 -19.66 22.21 -4.55
C PHE F 208 -20.85 22.29 -3.60
N SER F 209 -21.72 23.26 -3.92
CA SER F 209 -22.94 23.54 -3.17
C SER F 209 -23.92 24.18 -4.15
N ALA F 210 -25.16 23.68 -4.16
CA ALA F 210 -26.18 24.21 -5.06
C ALA F 210 -27.54 24.17 -4.37
N THR F 211 -28.37 25.16 -4.67
CA THR F 211 -29.71 25.27 -4.09
C THR F 211 -30.75 25.55 -5.17
N THR F 212 -32.00 25.50 -4.77
CA THR F 212 -33.10 25.81 -5.68
C THR F 212 -34.04 26.78 -4.97
N GLY F 213 -34.96 27.36 -5.73
CA GLY F 213 -35.89 28.30 -5.17
C GLY F 213 -36.93 27.72 -4.24
N LEU F 214 -37.72 28.61 -3.64
CA LEU F 214 -38.76 28.22 -2.71
C LEU F 214 -40.16 28.29 -3.33
N SER F 215 -40.49 29.39 -4.03
CA SER F 215 -41.80 29.54 -4.65
C SER F 215 -42.01 28.84 -6.02
N TYR F 218 -39.50 27.92 -9.75
CA TYR F 218 -38.08 28.32 -9.64
C TYR F 218 -37.09 27.24 -9.21
N THR F 219 -36.64 26.45 -10.17
CA THR F 219 -35.65 25.39 -9.94
C THR F 219 -34.97 25.01 -11.23
N GLU F 220 -33.93 24.21 -11.06
CA GLU F 220 -33.13 23.73 -12.15
C GLU F 220 -32.35 22.56 -11.59
N THR F 221 -31.60 21.91 -12.46
CA THR F 221 -30.79 20.79 -12.04
C THR F 221 -29.36 21.30 -11.85
N HIS F 222 -28.63 20.59 -11.00
CA HIS F 222 -27.26 20.93 -10.75
C HIS F 222 -26.51 19.61 -10.76
N ASP F 223 -25.92 19.29 -11.92
CA ASP F 223 -25.16 18.05 -12.07
C ASP F 223 -23.72 18.31 -12.51
N VAL F 224 -22.77 17.85 -11.70
CA VAL F 224 -21.35 17.97 -12.04
C VAL F 224 -21.02 16.70 -12.81
N LEU F 225 -20.30 16.86 -13.91
CA LEU F 225 -19.94 15.73 -14.75
C LEU F 225 -18.54 15.18 -14.58
N SER F 226 -17.57 16.07 -14.36
CA SER F 226 -16.18 15.69 -14.19
C SER F 226 -15.54 16.74 -13.29
N TRP F 227 -14.51 16.33 -12.56
CA TRP F 227 -13.82 17.23 -11.63
C TRP F 227 -12.33 16.96 -11.50
N SER F 228 -11.54 18.01 -11.65
CA SER F 228 -10.09 17.86 -11.55
C SER F 228 -9.53 18.93 -10.67
N PHE F 229 -8.50 18.58 -9.91
CA PHE F 229 -7.89 19.53 -8.98
C PHE F 229 -6.40 19.35 -8.72
N ALA F 230 -5.71 20.46 -8.43
CA ALA F 230 -4.28 20.45 -8.15
C ALA F 230 -3.83 21.68 -7.36
N SER F 231 -3.02 21.44 -6.34
CA SER F 231 -2.49 22.47 -5.46
C SER F 231 -0.98 22.24 -5.32
N LYS F 232 -0.23 23.32 -5.18
CA LYS F 232 1.22 23.24 -5.03
C LYS F 232 1.68 24.20 -3.94
N LEU F 233 2.05 23.65 -2.79
CA LEU F 233 2.53 24.47 -1.68
C LEU F 233 4.05 24.41 -1.55
N PRO F 234 4.69 25.59 -1.53
CA PRO F 234 6.15 25.70 -1.41
C PRO F 234 6.65 25.65 0.06
N ASP F 235 7.97 25.80 0.25
CA ASP F 235 8.58 25.78 1.59
C ASP F 235 8.99 27.19 2.03
MN MN G . -18.24 10.44 18.73
CA CA H . -18.93 10.87 23.66
MN MN I . -29.45 -16.65 0.23
CA CA J . -30.22 -16.73 -5.03
MN MN K . 26.49 -39.40 -1.13
CA CA L . 25.33 -43.96 -0.49
MN MN M . 38.23 -14.58 19.80
CA CA N . 40.82 -10.92 18.24
MN MN O . -7.07 41.97 -35.91
CA CA P . -4.08 45.46 -36.41
MN MN Q . -24.56 36.85 -6.90
CA CA R . -29.03 34.52 -6.93
#